data_3HNF
#
_entry.id   3HNF
#
_cell.length_a   68.856
_cell.length_b   114.388
_cell.length_c   220.003
_cell.angle_alpha   90.00
_cell.angle_beta   90.00
_cell.angle_gamma   90.00
#
_symmetry.space_group_name_H-M   'P 21 21 21'
#
loop_
_entity.id
_entity.type
_entity.pdbx_description
1 polymer 'Ribonucleoside-diphosphate reductase large subunit'
2 non-polymer 'MAGNESIUM ION'
3 non-polymer "THYMIDINE-5'-TRIPHOSPHATE"
4 non-polymer 'SULFATE ION'
5 non-polymer "2'-DEOXYADENOSINE 5'-TRIPHOSPHATE"
6 water water
#
_entity_poly.entity_id   1
_entity_poly.type   'polypeptide(L)'
_entity_poly.pdbx_seq_one_letter_code
;MHVIKRDGRQERVMFDKITSRIQKLCYGLNMDFVDPAQITMKVIQGLYSGVTTVELDTLAAETAATLTTKHPDYAILAAR
IAVSNLHKETKKVFSDVMEDLYNYINPHNGKHSPMVAKSTLDIVLANKDRLNSAIIYDRDFSYNYFGFKTLERSYLLKIN
GKVAERPQHMLMRVSVGIHKEDIDAAIETYNLLSERWFTHASPTLFNAGTNRPQLSSCFLLSMKDDSIEGIYDTLKQCAL
ISKSAGGIGVAVSCIRATGSYIAGTNGNSNGLVPMLRVYNNTARYVDQGGNKRPGAFAIYLEPWHLDIFEFLDLKKNTGK
EEQRARDLFFALWIPDLFMKRVETNQDWSLMCPNECPGLDEVWGEEFEKLYASYEKQGRVRKVVKAQQLWYAIIESQTET
GTPYMLYKDSCNRKSNQQNLGTIKCSNLCTEIVEYTSKDEVAVCNLASLALNMYVTSEHTYDFKKLAEVTKVVVRNLNKI
IDINYYPVPEACLSNKRHRPIGIGVQGLADAFILMRYPFESAEAQLLNKQIFETIYYGALEASCDLAKEQGPYETYEGSP
VSKGILQYDMWNVTPTDLWDWKVLKEKIAKYGIRNSLLIAPMPTASTAQILGNNESIEPYTSNIYTRRVLSGEFQIVNPH
LLKDLTERGLWHEEMKNQIIACNGSIQSIPEIPDDLKQLYKTVWEISQKTVLKMAAERGAFIDQSQSLNIHIAEPNYGKL
TSMHFYGWKQGLKTGMYYLRTRPAANPIQFTLNKEKLKDKEKVSKEEEEKERNTAAMVCSLENRDECLMCGS
;
_entity_poly.pdbx_strand_id   A,B
#
# COMPACT_ATOMS: atom_id res chain seq x y z
N MET A 14 48.01 -39.78 -22.70
CA MET A 14 46.53 -39.54 -22.75
C MET A 14 46.08 -38.25 -22.01
N PHE A 15 46.33 -38.16 -20.71
CA PHE A 15 46.04 -36.93 -19.98
C PHE A 15 46.98 -35.83 -20.43
N ASP A 16 48.05 -36.25 -21.11
CA ASP A 16 48.97 -35.35 -21.80
C ASP A 16 48.26 -34.45 -22.81
N LYS A 17 47.29 -35.01 -23.54
CA LYS A 17 46.51 -34.23 -24.51
C LYS A 17 45.66 -33.17 -23.82
N ILE A 18 45.27 -33.42 -22.57
CA ILE A 18 44.55 -32.41 -21.78
C ILE A 18 45.50 -31.33 -21.24
N THR A 19 46.62 -31.76 -20.66
CA THR A 19 47.60 -30.85 -20.03
C THR A 19 48.14 -29.84 -21.03
N SER A 20 48.78 -30.36 -22.09
CA SER A 20 49.30 -29.52 -23.17
C SER A 20 48.27 -28.55 -23.76
N ARG A 21 47.02 -28.70 -23.35
CA ARG A 21 45.94 -27.84 -23.81
C ARG A 21 45.54 -26.83 -22.72
N ILE A 22 45.67 -27.25 -21.46
CA ILE A 22 45.52 -26.34 -20.33
C ILE A 22 46.66 -25.34 -20.47
N GLN A 23 47.87 -25.87 -20.62
CA GLN A 23 49.10 -25.10 -20.82
C GLN A 23 48.99 -23.93 -21.81
N LYS A 24 48.29 -24.13 -22.93
CA LYS A 24 48.06 -23.07 -23.93
C LYS A 24 47.74 -21.70 -23.31
N LEU A 25 46.84 -21.69 -22.33
CA LEU A 25 46.41 -20.43 -21.71
C LEU A 25 47.20 -20.09 -20.45
N CYS A 26 48.41 -20.63 -20.36
CA CYS A 26 49.29 -20.38 -19.22
C CYS A 26 50.24 -19.22 -19.41
N TYR A 27 50.18 -18.58 -20.57
CA TYR A 27 51.14 -17.54 -20.91
C TYR A 27 51.21 -16.46 -19.84
N GLY A 28 52.41 -16.05 -19.51
CA GLY A 28 52.61 -14.92 -18.61
C GLY A 28 52.27 -15.16 -17.17
N LEU A 29 51.86 -16.39 -16.83
CA LEU A 29 51.51 -16.79 -15.44
C LEU A 29 52.69 -17.41 -14.71
N ASN A 30 52.74 -17.21 -13.41
CA ASN A 30 53.81 -17.72 -12.55
C ASN A 30 53.80 -19.24 -12.39
N MET A 31 54.61 -19.90 -13.20
CA MET A 31 54.61 -21.36 -13.25
C MET A 31 55.32 -22.01 -12.07
N ASP A 32 55.79 -21.22 -11.10
CA ASP A 32 56.32 -21.77 -9.83
C ASP A 32 55.16 -22.40 -9.09
N PHE A 33 53.96 -21.85 -9.34
CA PHE A 33 52.80 -22.09 -8.50
C PHE A 33 51.60 -22.55 -9.29
N VAL A 34 51.51 -22.12 -10.54
CA VAL A 34 50.56 -22.75 -11.42
C VAL A 34 51.23 -24.02 -11.96
N ASP A 35 50.49 -25.13 -11.93
CA ASP A 35 50.96 -26.41 -12.46
C ASP A 35 49.79 -27.11 -13.16
N PRO A 36 49.75 -27.10 -14.51
CA PRO A 36 48.59 -27.66 -15.23
C PRO A 36 48.34 -29.13 -14.92
N ALA A 37 49.40 -29.92 -14.78
CA ALA A 37 49.25 -31.33 -14.39
C ALA A 37 48.20 -31.52 -13.28
N GLN A 38 48.16 -30.59 -12.33
CA GLN A 38 47.23 -30.65 -11.20
C GLN A 38 45.76 -30.70 -11.63
N ILE A 39 45.35 -29.79 -12.51
CA ILE A 39 43.98 -29.74 -13.01
C ILE A 39 43.63 -31.06 -13.72
N THR A 40 44.50 -31.46 -14.65
CA THR A 40 44.23 -32.63 -15.47
C THR A 40 43.86 -33.81 -14.59
N MET A 41 44.64 -34.01 -13.52
CA MET A 41 44.44 -35.10 -12.55
C MET A 41 43.03 -35.09 -11.94
N LYS A 42 42.42 -33.92 -11.83
CA LYS A 42 41.04 -33.86 -11.35
C LYS A 42 40.05 -33.99 -12.50
N VAL A 43 40.42 -33.47 -13.67
CA VAL A 43 39.50 -33.41 -14.84
C VAL A 43 39.29 -34.75 -15.56
N ILE A 44 40.41 -35.43 -15.84
CA ILE A 44 40.44 -36.67 -16.62
C ILE A 44 39.53 -37.78 -16.06
N GLN A 45 38.86 -37.51 -14.94
CA GLN A 45 38.03 -38.52 -14.27
C GLN A 45 36.52 -38.42 -14.56
N GLY A 46 36.02 -37.21 -14.74
CA GLY A 46 34.70 -37.02 -15.32
C GLY A 46 34.77 -37.17 -16.85
N LEU A 47 35.44 -38.24 -17.31
CA LEU A 47 35.63 -38.55 -18.74
C LEU A 47 34.99 -39.91 -19.08
N TYR A 48 34.45 -40.01 -20.30
CA TYR A 48 33.80 -41.23 -20.78
C TYR A 48 33.59 -41.24 -22.30
N SER A 49 33.26 -42.41 -22.85
CA SER A 49 32.71 -42.49 -24.20
C SER A 49 31.26 -41.96 -24.17
N GLY A 50 31.12 -40.68 -24.53
CA GLY A 50 29.85 -39.95 -24.43
C GLY A 50 30.06 -38.50 -24.84
N VAL A 51 30.02 -37.59 -23.87
CA VAL A 51 30.39 -36.18 -24.10
C VAL A 51 31.91 -36.03 -24.36
N THR A 52 32.33 -34.87 -24.87
CA THR A 52 33.75 -34.47 -24.89
C THR A 52 33.92 -32.93 -24.74
N THR A 53 34.95 -32.39 -25.37
CA THR A 53 35.55 -31.06 -25.10
C THR A 53 34.80 -29.89 -24.44
N VAL A 54 33.63 -29.53 -24.93
CA VAL A 54 32.94 -28.35 -24.36
C VAL A 54 32.59 -28.56 -22.88
N GLU A 55 32.13 -29.78 -22.55
CA GLU A 55 31.90 -30.21 -21.18
C GLU A 55 33.20 -30.07 -20.36
N LEU A 56 34.24 -30.80 -20.78
CA LEU A 56 35.55 -30.74 -20.11
C LEU A 56 36.11 -29.32 -19.98
N ASP A 57 35.77 -28.45 -20.92
CA ASP A 57 36.12 -27.04 -20.82
C ASP A 57 35.68 -26.41 -19.47
N THR A 58 34.41 -26.52 -19.09
CA THR A 58 33.95 -26.00 -17.78
C THR A 58 34.62 -26.74 -16.65
N LEU A 59 34.64 -28.07 -16.77
CA LEU A 59 35.24 -28.95 -15.77
C LEU A 59 36.54 -28.38 -15.24
N ALA A 60 37.48 -28.11 -16.16
CA ALA A 60 38.79 -27.52 -15.86
C ALA A 60 38.70 -26.12 -15.28
N ALA A 61 37.85 -25.27 -15.86
CA ALA A 61 37.64 -23.93 -15.35
C ALA A 61 37.25 -24.00 -13.87
N GLU A 62 36.28 -24.86 -13.56
CA GLU A 62 35.88 -25.12 -12.19
C GLU A 62 37.10 -25.49 -11.35
N THR A 63 37.68 -26.64 -11.64
CA THR A 63 38.89 -27.12 -10.98
C THR A 63 39.92 -26.01 -10.77
N ALA A 64 40.34 -25.35 -11.85
CA ALA A 64 41.28 -24.24 -11.75
C ALA A 64 40.81 -23.24 -10.70
N ALA A 65 39.58 -22.78 -10.84
CA ALA A 65 38.98 -21.85 -9.91
C ALA A 65 39.05 -22.28 -8.41
N THR A 66 38.89 -23.57 -8.11
CA THR A 66 39.07 -24.05 -6.72
C THR A 66 40.48 -23.72 -6.25
N LEU A 67 41.44 -23.97 -7.13
CA LEU A 67 42.87 -23.86 -6.84
C LEU A 67 43.38 -22.44 -6.53
N THR A 68 42.50 -21.46 -6.65
CA THR A 68 42.83 -20.07 -6.33
C THR A 68 43.55 -19.93 -4.98
N THR A 69 43.20 -20.77 -4.01
CA THR A 69 43.86 -20.80 -2.70
C THR A 69 45.36 -21.08 -2.77
N LYS A 70 45.77 -21.84 -3.77
CA LYS A 70 47.19 -22.14 -3.99
C LYS A 70 47.89 -20.91 -4.59
N HIS A 71 47.22 -20.27 -5.55
CA HIS A 71 47.78 -19.09 -6.21
C HIS A 71 46.71 -18.27 -6.94
N PRO A 72 46.86 -16.93 -6.93
CA PRO A 72 45.90 -16.05 -7.60
C PRO A 72 45.82 -16.25 -9.12
N ASP A 73 46.87 -16.84 -9.71
CA ASP A 73 46.95 -16.95 -11.15
C ASP A 73 45.98 -17.98 -11.65
N TYR A 74 45.63 -18.93 -10.76
CA TYR A 74 44.58 -19.89 -11.06
C TYR A 74 43.26 -19.19 -11.44
N ALA A 75 42.90 -18.15 -10.70
CA ALA A 75 41.68 -17.41 -11.03
C ALA A 75 41.78 -16.97 -12.47
N ILE A 76 42.92 -16.40 -12.85
CA ILE A 76 43.14 -15.92 -14.21
C ILE A 76 43.17 -17.06 -15.25
N LEU A 77 43.96 -18.10 -14.99
CA LEU A 77 43.92 -19.29 -15.83
C LEU A 77 42.47 -19.75 -16.01
N ALA A 78 41.79 -20.04 -14.90
CA ALA A 78 40.38 -20.42 -14.88
C ALA A 78 39.55 -19.55 -15.81
N ALA A 79 39.60 -18.24 -15.56
CA ALA A 79 38.93 -17.24 -16.37
C ALA A 79 39.15 -17.55 -17.85
N ARG A 80 40.41 -17.36 -18.28
CA ARG A 80 40.82 -17.57 -19.67
C ARG A 80 40.20 -18.79 -20.36
N ILE A 81 40.23 -19.95 -19.71
CA ILE A 81 39.62 -21.17 -20.27
C ILE A 81 38.15 -20.96 -20.61
N ALA A 82 37.37 -20.52 -19.63
CA ALA A 82 35.94 -20.30 -19.82
C ALA A 82 35.70 -19.21 -20.86
N VAL A 83 36.61 -18.23 -20.90
CA VAL A 83 36.52 -17.17 -21.91
C VAL A 83 36.72 -17.80 -23.28
N SER A 84 37.88 -18.44 -23.48
CA SER A 84 38.14 -19.17 -24.72
C SER A 84 36.88 -19.87 -25.22
N ASN A 85 36.15 -20.47 -24.28
CA ASN A 85 34.97 -21.24 -24.57
C ASN A 85 33.77 -20.41 -24.95
N LEU A 86 33.72 -19.19 -24.44
CA LEU A 86 32.65 -18.27 -24.80
C LEU A 86 32.87 -17.85 -26.23
N HIS A 87 34.10 -17.42 -26.54
CA HIS A 87 34.48 -17.06 -27.90
C HIS A 87 34.21 -18.20 -28.88
N LYS A 88 34.58 -19.42 -28.47
CA LYS A 88 34.32 -20.60 -29.27
C LYS A 88 32.82 -20.90 -29.43
N GLU A 89 31.94 -20.06 -28.87
CA GLU A 89 30.48 -20.28 -28.99
C GLU A 89 29.63 -18.99 -29.14
N THR A 90 30.23 -17.91 -29.62
CA THR A 90 29.54 -16.63 -29.89
C THR A 90 30.13 -15.96 -31.15
N LYS A 91 29.34 -15.12 -31.80
CA LYS A 91 29.76 -14.41 -33.04
C LYS A 91 30.87 -13.39 -32.78
N LYS A 92 31.82 -13.32 -33.70
CA LYS A 92 32.95 -12.42 -33.53
C LYS A 92 32.53 -10.99 -33.81
N VAL A 93 32.01 -10.72 -35.00
CA VAL A 93 31.71 -9.35 -35.43
C VAL A 93 30.65 -8.67 -34.56
N PHE A 94 31.03 -7.53 -33.99
CA PHE A 94 30.15 -6.75 -33.10
C PHE A 94 28.81 -6.50 -33.73
N SER A 95 28.81 -5.87 -34.90
CA SER A 95 27.58 -5.43 -35.55
C SER A 95 26.65 -6.61 -35.76
N ASP A 96 27.22 -7.80 -35.96
CA ASP A 96 26.43 -9.01 -36.19
C ASP A 96 25.76 -9.56 -34.95
N VAL A 97 26.43 -9.41 -33.82
CA VAL A 97 25.86 -9.77 -32.56
C VAL A 97 24.72 -8.81 -32.24
N MET A 98 24.97 -7.51 -32.42
CA MET A 98 23.95 -6.47 -32.31
C MET A 98 22.72 -6.74 -33.15
N GLU A 99 22.95 -7.06 -34.42
CA GLU A 99 21.89 -7.44 -35.36
C GLU A 99 20.94 -8.51 -34.82
N ASP A 100 21.51 -9.50 -34.14
CA ASP A 100 20.72 -10.58 -33.58
C ASP A 100 19.94 -10.12 -32.37
N LEU A 101 20.57 -9.36 -31.50
CA LEU A 101 19.85 -8.81 -30.35
C LEU A 101 18.66 -7.94 -30.77
N TYR A 102 18.84 -7.13 -31.81
CA TYR A 102 17.71 -6.34 -32.29
C TYR A 102 16.58 -7.25 -32.78
N ASN A 103 16.92 -8.23 -33.62
CA ASN A 103 15.91 -9.01 -34.31
C ASN A 103 15.13 -9.98 -33.46
N TYR A 104 15.80 -10.58 -32.49
CA TYR A 104 15.15 -11.50 -31.57
C TYR A 104 13.61 -11.35 -31.57
N ILE A 105 12.95 -12.20 -32.34
CA ILE A 105 11.53 -12.43 -32.17
C ILE A 105 11.46 -13.43 -31.05
N ASN A 106 10.77 -13.08 -29.96
CA ASN A 106 10.53 -14.05 -28.87
C ASN A 106 9.70 -15.24 -29.39
N PRO A 107 10.39 -16.36 -29.77
CA PRO A 107 9.67 -17.44 -30.47
C PRO A 107 8.74 -18.18 -29.51
N HIS A 108 8.56 -17.60 -28.32
CA HIS A 108 7.54 -18.00 -27.34
C HIS A 108 6.12 -17.60 -27.81
N ASN A 109 5.82 -16.30 -27.88
CA ASN A 109 4.54 -15.84 -28.43
C ASN A 109 4.55 -15.62 -29.96
N GLY A 110 5.47 -14.77 -30.44
CA GLY A 110 5.56 -14.43 -31.85
C GLY A 110 5.83 -12.95 -32.09
N LYS A 111 5.55 -12.11 -31.09
CA LYS A 111 5.74 -10.67 -31.22
C LYS A 111 7.22 -10.28 -31.22
N HIS A 112 7.58 -9.34 -32.09
CA HIS A 112 8.95 -8.84 -32.14
C HIS A 112 9.32 -8.12 -30.84
N SER A 113 10.47 -8.51 -30.28
CA SER A 113 11.05 -7.83 -29.09
C SER A 113 12.54 -7.57 -29.26
N PRO A 114 12.87 -6.38 -29.78
CA PRO A 114 14.25 -5.98 -29.92
C PRO A 114 14.88 -5.87 -28.55
N MET A 115 16.10 -6.40 -28.39
CA MET A 115 16.84 -6.33 -27.13
C MET A 115 17.76 -5.12 -27.08
N VAL A 116 18.19 -4.62 -28.24
CA VAL A 116 18.81 -3.30 -28.34
C VAL A 116 17.86 -2.35 -29.08
N ALA A 117 18.17 -1.05 -29.07
CA ALA A 117 17.29 -0.01 -29.66
C ALA A 117 17.68 0.30 -31.09
N LYS A 118 16.69 0.39 -31.97
CA LYS A 118 16.93 0.67 -33.39
C LYS A 118 18.01 1.72 -33.62
N SER A 119 17.93 2.81 -32.88
CA SER A 119 18.76 3.99 -33.10
C SER A 119 20.20 3.65 -32.82
N THR A 120 20.41 2.86 -31.78
CA THR A 120 21.72 2.32 -31.49
C THR A 120 22.13 1.30 -32.56
N LEU A 121 21.17 0.55 -33.09
CA LEU A 121 21.47 -0.40 -34.15
C LEU A 121 21.96 0.43 -35.32
N ASP A 122 21.05 1.24 -35.84
CA ASP A 122 21.30 2.04 -37.02
C ASP A 122 22.54 2.95 -36.91
N ILE A 123 22.80 3.47 -35.72
CA ILE A 123 24.09 4.09 -35.49
C ILE A 123 25.18 3.06 -35.73
N VAL A 124 25.09 1.89 -35.10
CA VAL A 124 26.14 0.87 -35.24
C VAL A 124 26.37 0.43 -36.69
N LEU A 125 25.29 0.27 -37.46
CA LEU A 125 25.38 -0.18 -38.86
C LEU A 125 25.91 0.88 -39.80
N ALA A 126 25.63 2.14 -39.51
CA ALA A 126 26.13 3.20 -40.34
C ALA A 126 27.60 3.44 -40.06
N ASN A 127 28.18 2.69 -39.12
CA ASN A 127 29.61 2.69 -38.85
C ASN A 127 30.08 1.29 -38.53
N LYS A 128 29.48 0.29 -39.17
CA LYS A 128 29.86 -1.08 -38.90
C LYS A 128 31.36 -1.20 -39.16
N ASP A 129 31.86 -0.41 -40.10
CA ASP A 129 33.29 -0.33 -40.42
C ASP A 129 34.21 0.08 -39.25
N ARG A 130 33.97 1.24 -38.67
CA ARG A 130 34.88 1.80 -37.68
C ARG A 130 34.76 1.15 -36.31
N LEU A 131 33.55 0.71 -35.95
CA LEU A 131 33.33 0.12 -34.62
C LEU A 131 33.81 -1.30 -34.55
N ASN A 132 33.50 -2.10 -35.56
CA ASN A 132 33.87 -3.51 -35.59
C ASN A 132 35.35 -3.76 -35.44
N SER A 133 36.17 -3.05 -36.22
CA SER A 133 37.62 -3.25 -36.13
C SER A 133 38.31 -2.47 -34.99
N ALA A 134 37.53 -1.72 -34.19
CA ALA A 134 38.05 -1.09 -32.97
C ALA A 134 38.13 -2.04 -31.79
N ILE A 135 37.30 -3.08 -31.78
CA ILE A 135 37.17 -3.97 -30.63
C ILE A 135 38.33 -4.95 -30.52
N ILE A 136 38.99 -4.94 -29.37
CA ILE A 136 40.05 -5.89 -29.08
C ILE A 136 39.54 -6.98 -28.13
N TYR A 137 39.26 -8.16 -28.67
CA TYR A 137 38.66 -9.29 -27.94
C TYR A 137 39.62 -10.05 -27.04
N ASP A 138 40.90 -9.71 -27.10
CA ASP A 138 41.88 -10.27 -26.20
C ASP A 138 41.61 -9.67 -24.83
N ARG A 139 40.81 -8.61 -24.78
CA ARG A 139 40.52 -7.91 -23.53
C ARG A 139 39.55 -8.65 -22.59
N ASP A 140 38.96 -9.73 -23.09
CA ASP A 140 38.08 -10.61 -22.31
C ASP A 140 38.84 -11.54 -21.36
N PHE A 141 40.15 -11.58 -21.52
CA PHE A 141 41.02 -12.37 -20.70
C PHE A 141 41.60 -11.55 -19.55
N SER A 142 41.31 -10.25 -19.52
CA SER A 142 41.86 -9.38 -18.48
C SER A 142 41.09 -9.49 -17.15
N TYR A 143 39.91 -10.12 -17.21
CA TYR A 143 39.05 -10.39 -16.02
C TYR A 143 39.48 -11.68 -15.34
N ASN A 144 39.33 -11.75 -14.02
CA ASN A 144 39.54 -13.00 -13.32
C ASN A 144 38.26 -13.82 -13.35
N TYR A 145 38.35 -15.08 -12.93
CA TYR A 145 37.21 -15.99 -12.96
C TYR A 145 35.95 -15.38 -12.36
N PHE A 146 36.01 -15.07 -11.07
CA PHE A 146 34.85 -14.65 -10.31
C PHE A 146 34.29 -13.37 -10.91
N GLY A 147 35.20 -12.57 -11.47
CA GLY A 147 34.84 -11.36 -12.17
C GLY A 147 34.04 -11.68 -13.42
N PHE A 148 34.63 -12.54 -14.27
CA PHE A 148 33.97 -12.97 -15.49
C PHE A 148 32.58 -13.56 -15.25
N LYS A 149 32.51 -14.45 -14.25
CA LYS A 149 31.28 -15.15 -13.93
C LYS A 149 30.24 -14.13 -13.49
N THR A 150 30.68 -13.06 -12.84
CA THR A 150 29.74 -11.98 -12.51
C THR A 150 29.09 -11.45 -13.78
N LEU A 151 29.91 -11.08 -14.77
CA LEU A 151 29.42 -10.52 -16.02
C LEU A 151 28.42 -11.49 -16.60
N GLU A 152 28.87 -12.74 -16.78
CA GLU A 152 28.09 -13.79 -17.43
C GLU A 152 26.75 -14.08 -16.79
N ARG A 153 26.61 -13.80 -15.49
CA ARG A 153 25.33 -13.99 -14.81
C ARG A 153 24.30 -12.95 -15.21
N SER A 154 24.75 -11.71 -15.48
CA SER A 154 23.84 -10.57 -15.53
C SER A 154 24.13 -9.48 -16.57
N TYR A 155 25.35 -9.40 -17.05
CA TYR A 155 25.73 -8.20 -17.81
C TYR A 155 25.78 -8.44 -19.31
N LEU A 156 26.00 -9.70 -19.68
CA LEU A 156 26.09 -10.09 -21.06
C LEU A 156 24.72 -10.54 -21.54
N LEU A 157 24.20 -9.87 -22.58
CA LEU A 157 22.86 -10.19 -23.10
C LEU A 157 22.79 -11.57 -23.74
N LYS A 158 21.67 -12.25 -23.48
CA LYS A 158 21.50 -13.63 -23.92
C LYS A 158 20.18 -13.90 -24.65
N ILE A 159 20.26 -14.60 -25.76
CA ILE A 159 19.08 -15.11 -26.40
C ILE A 159 18.86 -16.51 -25.82
N ASN A 160 17.61 -16.83 -25.43
CA ASN A 160 17.24 -18.19 -24.97
C ASN A 160 18.45 -18.99 -24.50
N GLY A 161 18.59 -19.13 -23.19
CA GLY A 161 19.77 -19.74 -22.59
C GLY A 161 20.98 -19.00 -23.08
N LYS A 162 21.86 -19.71 -23.79
CA LYS A 162 23.11 -19.19 -24.38
C LYS A 162 23.33 -17.66 -24.49
N VAL A 163 24.39 -17.18 -23.84
CA VAL A 163 24.85 -15.79 -23.93
C VAL A 163 25.20 -15.40 -25.36
N ALA A 164 24.76 -14.22 -25.78
CA ALA A 164 25.11 -13.65 -27.10
C ALA A 164 26.35 -12.73 -27.09
N GLU A 165 26.32 -11.69 -26.25
CA GLU A 165 27.38 -10.69 -26.13
C GLU A 165 28.68 -11.24 -25.48
N ARG A 166 29.83 -11.04 -26.14
CA ARG A 166 31.13 -11.15 -25.45
C ARG A 166 31.22 -9.92 -24.54
N PRO A 167 32.11 -9.91 -23.54
CA PRO A 167 32.18 -8.66 -22.77
C PRO A 167 32.58 -7.41 -23.59
N GLN A 168 33.40 -7.55 -24.63
CA GLN A 168 33.73 -6.40 -25.49
C GLN A 168 32.50 -5.81 -26.18
N HIS A 169 31.66 -6.72 -26.67
CA HIS A 169 30.40 -6.39 -27.33
C HIS A 169 29.54 -5.50 -26.46
N MET A 170 29.39 -5.91 -25.21
CA MET A 170 28.59 -5.23 -24.22
C MET A 170 29.18 -3.86 -23.85
N LEU A 171 30.51 -3.78 -23.77
CA LEU A 171 31.20 -2.50 -23.56
C LEU A 171 30.99 -1.57 -24.73
N MET A 172 31.28 -2.04 -25.95
CA MET A 172 31.01 -1.23 -27.14
C MET A 172 29.55 -0.76 -27.20
N ARG A 173 28.63 -1.63 -26.79
CA ARG A 173 27.20 -1.31 -26.79
C ARG A 173 26.91 -0.09 -25.92
N VAL A 174 27.29 -0.20 -24.63
CA VAL A 174 27.26 0.89 -23.65
C VAL A 174 27.90 2.17 -24.19
N SER A 175 29.10 2.03 -24.75
CA SER A 175 29.84 3.16 -25.28
C SER A 175 29.08 3.91 -26.32
N VAL A 176 28.62 3.22 -27.37
CA VAL A 176 27.84 3.95 -28.39
C VAL A 176 26.46 4.29 -27.81
N GLY A 177 25.96 3.42 -26.96
CA GLY A 177 24.76 3.72 -26.21
C GLY A 177 24.88 5.03 -25.45
N ILE A 178 26.10 5.53 -25.25
CA ILE A 178 26.28 6.85 -24.65
C ILE A 178 26.60 7.90 -25.69
N HIS A 179 27.60 7.64 -26.51
CA HIS A 179 28.05 8.69 -27.42
C HIS A 179 27.36 8.66 -28.77
N LYS A 180 26.26 7.91 -28.86
CA LYS A 180 25.44 7.84 -30.09
C LYS A 180 26.16 8.19 -31.41
N GLU A 181 25.79 9.31 -32.03
CA GLU A 181 26.37 9.71 -33.30
C GLU A 181 27.88 10.03 -33.25
N ASP A 182 28.45 10.19 -32.06
CA ASP A 182 29.87 10.55 -31.88
C ASP A 182 30.80 9.35 -31.71
N ILE A 183 31.25 8.80 -32.83
CA ILE A 183 32.10 7.60 -32.80
C ILE A 183 33.41 7.79 -31.97
N ASP A 184 34.21 8.81 -32.30
CA ASP A 184 35.44 9.15 -31.55
C ASP A 184 35.36 9.00 -30.00
N ALA A 185 34.38 9.69 -29.44
CA ALA A 185 34.06 9.70 -28.03
C ALA A 185 33.66 8.30 -27.56
N ALA A 186 33.06 7.55 -28.49
CA ALA A 186 32.62 6.21 -28.22
C ALA A 186 33.82 5.32 -28.16
N ILE A 187 34.74 5.41 -29.12
CA ILE A 187 35.90 4.50 -29.13
C ILE A 187 36.91 4.80 -28.02
N GLU A 188 36.96 6.06 -27.59
CA GLU A 188 37.77 6.42 -26.44
C GLU A 188 37.10 6.01 -25.12
N THR A 189 35.77 6.01 -25.07
CA THR A 189 35.12 5.40 -23.90
C THR A 189 35.27 3.89 -23.97
N TYR A 190 35.16 3.32 -25.18
CA TYR A 190 35.30 1.88 -25.31
C TYR A 190 36.63 1.41 -24.70
N ASN A 191 37.74 1.98 -25.20
CA ASN A 191 39.08 1.68 -24.70
C ASN A 191 39.25 1.82 -23.19
N LEU A 192 39.07 3.04 -22.70
CA LEU A 192 39.14 3.30 -21.29
C LEU A 192 38.48 2.20 -20.49
N LEU A 193 37.22 1.91 -20.79
CA LEU A 193 36.44 0.89 -20.07
C LEU A 193 37.07 -0.50 -20.12
N SER A 194 37.39 -0.96 -21.33
CA SER A 194 37.86 -2.33 -21.54
C SER A 194 39.25 -2.60 -21.01
N GLU A 195 40.02 -1.53 -20.81
CA GLU A 195 41.31 -1.61 -20.11
C GLU A 195 41.11 -1.44 -18.63
N ARG A 196 39.88 -1.22 -18.23
CA ARG A 196 39.48 -1.21 -16.81
C ARG A 196 40.01 0.01 -16.04
N TRP A 197 40.16 1.14 -16.75
CA TRP A 197 40.58 2.40 -16.16
C TRP A 197 39.48 3.05 -15.34
N PHE A 198 38.23 2.66 -15.61
CA PHE A 198 37.08 3.02 -14.76
C PHE A 198 35.90 2.16 -15.12
N THR A 199 34.79 2.37 -14.44
CA THR A 199 33.55 1.71 -14.83
C THR A 199 32.33 2.59 -14.66
N HIS A 200 31.27 2.29 -15.41
CA HIS A 200 30.00 2.95 -15.18
C HIS A 200 29.25 2.21 -14.07
N ALA A 201 28.18 2.82 -13.55
CA ALA A 201 27.32 2.13 -12.62
C ALA A 201 26.60 1.00 -13.36
N SER A 202 26.20 -0.04 -12.62
CA SER A 202 25.44 -1.16 -13.18
C SER A 202 24.25 -0.80 -14.07
N PRO A 203 23.32 0.06 -13.59
CA PRO A 203 22.21 0.42 -14.46
C PRO A 203 22.62 0.88 -15.86
N THR A 204 23.68 1.69 -15.92
CA THR A 204 24.29 2.12 -17.19
C THR A 204 24.76 0.93 -18.04
N LEU A 205 25.37 -0.07 -17.41
CA LEU A 205 25.91 -1.21 -18.14
C LEU A 205 24.82 -2.16 -18.52
N PHE A 206 23.89 -2.43 -17.60
CA PHE A 206 22.66 -3.12 -17.95
C PHE A 206 21.89 -2.46 -19.12
N ASN A 207 21.69 -1.15 -19.06
CA ASN A 207 20.67 -0.54 -19.91
C ASN A 207 21.06 0.37 -21.06
N ALA A 208 22.33 0.76 -21.12
CA ALA A 208 22.78 1.68 -22.16
C ALA A 208 22.67 0.97 -23.51
N GLY A 209 22.04 1.63 -24.47
CA GLY A 209 21.80 1.05 -25.80
C GLY A 209 20.47 0.32 -25.96
N THR A 210 19.63 0.25 -24.92
CA THR A 210 18.37 -0.47 -25.06
C THR A 210 17.12 0.43 -25.19
N ASN A 211 15.96 -0.22 -25.22
CA ASN A 211 14.65 0.44 -25.29
C ASN A 211 14.23 1.15 -24.01
N ARG A 212 14.67 0.63 -22.86
CA ARG A 212 14.38 1.28 -21.59
C ARG A 212 15.69 1.76 -20.98
N PRO A 213 16.23 2.88 -21.50
CA PRO A 213 17.55 3.26 -21.06
C PRO A 213 17.49 3.92 -19.68
N GLN A 214 17.09 3.17 -18.65
CA GLN A 214 17.14 3.69 -17.31
C GLN A 214 18.56 3.55 -16.84
N LEU A 215 19.32 4.63 -16.88
CA LEU A 215 20.70 4.55 -16.49
C LEU A 215 21.00 5.07 -15.11
N SER A 216 20.23 6.01 -14.61
CA SER A 216 20.55 6.59 -13.33
C SER A 216 20.44 5.50 -12.37
N SER A 217 20.74 5.75 -11.11
CA SER A 217 21.07 4.69 -10.19
C SER A 217 20.66 4.94 -8.78
N CYS A 218 19.68 5.78 -8.57
CA CYS A 218 19.42 6.16 -7.21
C CYS A 218 18.60 7.40 -7.30
N PHE A 219 17.62 7.48 -6.43
CA PHE A 219 16.82 8.65 -6.41
C PHE A 219 16.59 9.08 -5.00
N LEU A 220 16.19 10.32 -4.81
CA LEU A 220 15.85 10.83 -3.51
C LEU A 220 14.51 11.43 -3.64
N LEU A 221 13.91 11.73 -2.52
CA LEU A 221 12.46 11.97 -2.46
C LEU A 221 11.97 12.64 -1.17
N SER A 222 11.60 13.92 -1.26
CA SER A 222 10.85 14.56 -0.20
C SER A 222 9.50 13.94 -0.16
N MET A 223 8.98 13.70 1.04
CA MET A 223 7.58 13.32 1.24
C MET A 223 6.71 14.46 0.79
N LYS A 224 5.92 14.24 -0.25
CA LYS A 224 5.24 15.35 -0.92
C LYS A 224 4.49 16.24 0.05
N ASP A 225 3.80 15.64 1.02
CA ASP A 225 2.86 16.36 1.86
C ASP A 225 2.26 15.48 2.97
N ASP A 226 1.91 16.08 4.11
CA ASP A 226 1.32 15.36 5.26
C ASP A 226 -0.18 15.17 5.18
N SER A 227 -0.65 14.54 4.10
CA SER A 227 -2.04 14.07 4.03
C SER A 227 -2.02 12.66 3.47
N ILE A 228 -3.16 11.97 3.56
CA ILE A 228 -3.35 10.71 2.81
C ILE A 228 -3.00 10.92 1.33
N GLU A 229 -3.54 11.98 0.73
CA GLU A 229 -3.23 12.28 -0.66
C GLU A 229 -1.73 12.39 -0.85
N GLY A 230 -1.07 13.09 0.06
CA GLY A 230 0.38 13.19 0.03
C GLY A 230 1.02 11.81 0.09
N ILE A 231 0.85 11.15 1.24
CA ILE A 231 1.45 9.84 1.49
C ILE A 231 1.26 8.86 0.34
N TYR A 232 0.16 8.97 -0.41
CA TYR A 232 -0.12 7.98 -1.46
C TYR A 232 0.34 8.39 -2.85
N ASP A 233 0.50 9.69 -3.08
CA ASP A 233 1.20 10.13 -4.28
C ASP A 233 2.67 9.73 -4.14
N THR A 234 3.29 10.09 -3.02
CA THR A 234 4.69 9.76 -2.75
C THR A 234 4.91 8.28 -2.95
N LEU A 235 3.99 7.49 -2.41
CA LEU A 235 4.00 6.04 -2.62
C LEU A 235 3.89 5.60 -4.10
N LYS A 236 2.98 6.21 -4.86
CA LYS A 236 2.89 5.94 -6.29
C LYS A 236 4.26 6.09 -6.94
N GLN A 237 4.94 7.18 -6.61
CA GLN A 237 6.26 7.49 -7.13
C GLN A 237 7.31 6.46 -6.79
N CYS A 238 7.38 6.07 -5.53
CA CYS A 238 8.36 5.08 -5.11
C CYS A 238 8.19 3.80 -5.92
N ALA A 239 6.95 3.33 -6.02
CA ALA A 239 6.60 2.14 -6.78
C ALA A 239 7.14 2.27 -8.18
N LEU A 240 7.00 3.47 -8.75
CA LEU A 240 7.32 3.70 -10.14
C LEU A 240 8.82 3.69 -10.36
N ILE A 241 9.57 4.24 -9.43
CA ILE A 241 11.03 4.26 -9.55
C ILE A 241 11.61 2.86 -9.35
N SER A 242 11.05 2.11 -8.42
CA SER A 242 11.57 0.80 -8.10
C SER A 242 11.29 -0.14 -9.23
N LYS A 243 10.20 0.13 -9.95
CA LYS A 243 9.84 -0.63 -11.17
C LYS A 243 11.02 -0.69 -12.14
N SER A 244 11.43 0.49 -12.61
CA SER A 244 12.61 0.72 -13.45
C SER A 244 13.89 0.80 -12.60
N ALA A 245 13.92 -0.02 -11.55
CA ALA A 245 15.16 -0.34 -10.85
C ALA A 245 15.51 0.55 -9.65
N GLY A 246 15.58 1.85 -9.86
CA GLY A 246 16.11 2.75 -8.84
C GLY A 246 16.01 2.40 -7.36
N GLY A 247 17.06 2.77 -6.62
CA GLY A 247 17.02 2.80 -5.16
C GLY A 247 16.57 4.18 -4.69
N ILE A 248 16.03 4.23 -3.48
CA ILE A 248 15.38 5.45 -3.01
C ILE A 248 15.80 5.85 -1.61
N GLY A 249 16.01 7.16 -1.40
CA GLY A 249 16.00 7.76 -0.08
C GLY A 249 14.68 8.51 0.10
N VAL A 250 14.04 8.36 1.25
CA VAL A 250 12.82 9.11 1.50
C VAL A 250 12.84 9.91 2.81
N ALA A 251 12.52 11.20 2.64
CA ALA A 251 12.40 12.19 3.70
C ALA A 251 10.99 12.09 4.24
N VAL A 252 10.88 11.80 5.54
CA VAL A 252 9.62 11.34 6.10
C VAL A 252 9.16 12.17 7.29
N SER A 253 10.03 13.08 7.72
CA SER A 253 9.91 13.76 9.02
C SER A 253 8.68 14.65 9.20
N CYS A 254 8.11 15.11 8.10
CA CYS A 254 6.90 15.95 8.13
C CYS A 254 5.58 15.21 8.42
N ILE A 255 5.61 13.89 8.54
CA ILE A 255 4.38 13.12 8.82
C ILE A 255 4.02 13.21 10.30
N ARG A 256 2.84 13.74 10.59
CA ARG A 256 2.41 13.91 12.00
C ARG A 256 2.42 12.60 12.80
N ALA A 257 2.75 12.74 14.08
CA ALA A 257 3.06 11.61 14.93
C ALA A 257 1.81 10.98 15.51
N THR A 258 2.00 9.82 16.14
CA THR A 258 0.97 9.12 16.87
C THR A 258 0.26 10.03 17.84
N GLY A 259 -1.06 9.96 17.85
CA GLY A 259 -1.85 10.81 18.72
C GLY A 259 -2.27 12.13 18.07
N SER A 260 -1.45 12.67 17.17
CA SER A 260 -1.79 13.96 16.52
C SER A 260 -3.17 13.94 15.89
N TYR A 261 -3.98 14.91 16.30
CA TYR A 261 -5.36 15.07 15.87
C TYR A 261 -5.47 15.16 14.32
N ILE A 262 -6.58 14.66 13.76
CA ILE A 262 -6.89 14.88 12.34
C ILE A 262 -8.22 15.60 12.26
N ALA A 263 -8.25 16.77 11.63
CA ALA A 263 -9.48 17.58 11.54
C ALA A 263 -10.56 16.92 10.68
N GLY A 264 -10.23 16.64 9.42
CA GLY A 264 -11.14 16.07 8.42
C GLY A 264 -12.01 14.91 8.89
N THR A 265 -11.40 13.95 9.60
CA THR A 265 -12.14 12.82 10.22
C THR A 265 -12.38 13.00 11.71
N ASN A 266 -11.84 14.09 12.28
CA ASN A 266 -11.95 14.32 13.72
C ASN A 266 -11.57 13.04 14.48
N GLY A 267 -10.42 12.50 14.13
CA GLY A 267 -9.88 11.29 14.75
C GLY A 267 -8.49 11.56 15.26
N ASN A 268 -7.77 10.48 15.55
CA ASN A 268 -6.41 10.61 16.02
C ASN A 268 -5.39 9.74 15.29
N SER A 269 -4.58 10.38 14.46
CA SER A 269 -3.56 9.67 13.70
C SER A 269 -2.78 8.60 14.47
N ASN A 270 -2.40 7.53 13.76
CA ASN A 270 -1.65 6.42 14.37
C ASN A 270 -0.16 6.51 14.14
N GLY A 271 0.22 7.49 13.34
CA GLY A 271 1.60 7.95 13.32
C GLY A 271 2.45 7.37 12.23
N LEU A 272 3.75 7.54 12.42
CA LEU A 272 4.72 7.30 11.37
C LEU A 272 4.87 5.83 11.06
N VAL A 273 4.92 5.00 12.08
CA VAL A 273 5.22 3.57 11.90
C VAL A 273 4.19 2.82 11.02
N PRO A 274 2.89 2.79 11.39
CA PRO A 274 1.89 2.23 10.50
C PRO A 274 2.08 2.69 9.05
N MET A 275 2.60 3.89 8.86
CA MET A 275 2.81 4.40 7.52
C MET A 275 4.08 3.85 6.90
N LEU A 276 5.05 3.56 7.74
CA LEU A 276 6.26 2.90 7.27
C LEU A 276 5.96 1.46 6.93
N ARG A 277 4.88 0.90 7.49
CA ARG A 277 4.48 -0.44 7.12
C ARG A 277 3.97 -0.46 5.69
N VAL A 278 3.15 0.53 5.32
CA VAL A 278 2.60 0.63 3.97
C VAL A 278 3.67 0.60 2.89
N TYR A 279 4.76 1.35 3.13
CA TYR A 279 5.91 1.46 2.24
C TYR A 279 6.70 0.18 2.20
N ASN A 280 6.98 -0.36 3.37
CA ASN A 280 7.67 -1.61 3.49
C ASN A 280 6.98 -2.57 2.56
N ASN A 281 5.66 -2.66 2.71
CA ASN A 281 4.89 -3.57 1.92
C ASN A 281 4.98 -3.33 0.43
N THR A 282 5.06 -2.05 0.05
CA THR A 282 5.23 -1.70 -1.35
C THR A 282 6.60 -2.11 -1.86
N ALA A 283 7.58 -2.25 -0.98
CA ALA A 283 8.89 -2.71 -1.45
C ALA A 283 8.93 -4.23 -1.64
N ARG A 284 8.24 -4.99 -0.80
CA ARG A 284 8.13 -6.44 -1.03
C ARG A 284 7.46 -6.75 -2.38
N TYR A 285 6.67 -5.82 -2.89
CA TYR A 285 5.95 -6.01 -4.12
C TYR A 285 6.86 -5.76 -5.31
N VAL A 286 6.75 -4.57 -5.90
CA VAL A 286 7.52 -4.17 -7.06
C VAL A 286 9.02 -4.39 -6.81
N ASP A 287 9.69 -5.03 -7.77
CA ASP A 287 11.11 -5.44 -7.62
C ASP A 287 12.15 -4.89 -8.63
N GLN A 288 12.06 -5.34 -9.89
CA GLN A 288 13.19 -5.21 -10.85
C GLN A 288 13.62 -3.79 -11.15
N PRO A 294 12.38 -7.65 -4.56
CA PRO A 294 12.98 -6.80 -3.50
C PRO A 294 13.12 -5.32 -3.93
N GLY A 295 12.68 -4.41 -3.06
CA GLY A 295 12.82 -2.95 -3.24
C GLY A 295 14.10 -2.51 -2.57
N ALA A 296 14.10 -1.32 -1.97
CA ALA A 296 15.22 -0.83 -1.15
C ALA A 296 15.08 0.63 -0.86
N PHE A 297 14.34 1.01 0.19
CA PHE A 297 14.21 2.43 0.52
C PHE A 297 14.96 2.74 1.80
N ALA A 298 15.68 3.85 1.80
CA ALA A 298 16.19 4.40 3.04
C ALA A 298 15.16 5.40 3.53
N ILE A 299 14.71 5.24 4.78
CA ILE A 299 13.85 6.24 5.44
C ILE A 299 14.71 7.11 6.35
N TYR A 300 14.60 8.43 6.19
CA TYR A 300 15.42 9.38 6.92
C TYR A 300 14.52 10.12 7.85
N LEU A 301 14.75 10.00 9.15
CA LEU A 301 13.96 10.72 10.13
C LEU A 301 14.83 11.68 10.95
N GLU A 302 14.27 12.80 11.37
CA GLU A 302 14.99 13.74 12.21
C GLU A 302 14.66 13.47 13.67
N PRO A 303 15.69 13.56 14.57
CA PRO A 303 15.56 13.07 15.96
C PRO A 303 14.58 13.85 16.83
N TRP A 304 14.01 14.92 16.31
CA TRP A 304 13.08 15.70 17.09
C TRP A 304 11.65 15.26 16.91
N HIS A 305 11.42 14.30 16.04
CA HIS A 305 10.09 13.83 15.72
C HIS A 305 9.57 12.94 16.84
N LEU A 306 8.30 13.12 17.18
CA LEU A 306 7.78 12.48 18.38
C LEU A 306 7.75 10.96 18.26
N ASP A 307 7.88 10.44 17.04
CA ASP A 307 7.84 8.99 16.80
C ASP A 307 9.22 8.34 16.60
N ILE A 308 10.28 9.06 17.00
CA ILE A 308 11.68 8.64 16.79
C ILE A 308 12.03 7.37 17.58
N PHE A 309 11.39 7.16 18.71
CA PHE A 309 11.67 5.98 19.50
C PHE A 309 11.14 4.68 18.91
N GLU A 310 9.91 4.69 18.38
CA GLU A 310 9.31 3.52 17.75
C GLU A 310 10.12 3.22 16.50
N PHE A 311 10.54 4.31 15.85
CA PHE A 311 11.36 4.25 14.66
C PHE A 311 12.57 3.35 14.87
N LEU A 312 13.25 3.56 15.99
CA LEU A 312 14.41 2.79 16.40
C LEU A 312 14.13 1.34 16.85
N ASP A 313 13.01 0.74 16.44
CA ASP A 313 12.71 -0.64 16.82
C ASP A 313 12.34 -1.55 15.67
N LEU A 314 12.35 -0.94 14.50
CA LEU A 314 11.73 -1.51 13.33
C LEU A 314 12.56 -2.59 12.66
N LYS A 315 13.84 -2.32 12.44
CA LYS A 315 14.75 -3.42 12.10
C LYS A 315 15.14 -4.18 13.39
N LYS A 316 14.79 -3.60 14.55
CA LYS A 316 15.03 -4.25 15.86
C LYS A 316 13.87 -5.14 16.30
N ARG A 326 12.35 -3.14 7.59
CA ARG A 326 12.35 -4.58 7.38
C ARG A 326 12.52 -4.98 5.90
N ASP A 327 12.73 -3.97 5.07
CA ASP A 327 12.84 -4.03 3.61
C ASP A 327 13.03 -2.55 3.31
N LEU A 328 13.20 -1.85 4.42
CA LEU A 328 13.50 -0.46 4.49
C LEU A 328 14.74 -0.36 5.35
N PHE A 329 15.63 0.58 5.04
CA PHE A 329 16.77 0.89 5.91
C PHE A 329 16.56 2.27 6.52
N PHE A 330 16.78 2.39 7.82
CA PHE A 330 16.56 3.66 8.48
C PHE A 330 17.85 4.41 8.58
N ALA A 331 17.74 5.74 8.48
CA ALA A 331 18.88 6.67 8.58
C ALA A 331 18.44 7.94 9.32
N LEU A 332 19.37 8.58 10.00
CA LEU A 332 19.03 9.75 10.80
C LEU A 332 19.53 11.06 10.22
N TRP A 333 18.65 12.07 10.24
CA TRP A 333 18.98 13.38 9.74
C TRP A 333 19.30 14.29 10.92
N ILE A 334 20.48 14.06 11.46
CA ILE A 334 20.91 14.68 12.69
C ILE A 334 21.21 16.18 12.53
N PRO A 335 20.55 17.04 13.35
CA PRO A 335 20.97 18.42 13.44
C PRO A 335 21.99 18.60 14.57
N ASP A 336 22.96 19.49 14.38
CA ASP A 336 24.02 19.67 15.35
C ASP A 336 23.46 19.83 16.75
N LEU A 337 22.44 20.67 16.88
CA LEU A 337 21.85 20.94 18.18
C LEU A 337 21.79 19.65 18.97
N PHE A 338 21.30 18.58 18.35
CA PHE A 338 21.10 17.33 19.04
C PHE A 338 22.39 16.73 19.64
N MET A 339 23.45 16.78 18.86
CA MET A 339 24.77 16.30 19.30
C MET A 339 25.30 17.15 20.44
N LYS A 340 25.08 18.45 20.35
CA LYS A 340 25.50 19.33 21.42
C LYS A 340 24.79 18.95 22.73
N ARG A 341 23.46 18.83 22.70
CA ARG A 341 22.69 18.43 23.88
C ARG A 341 23.11 17.08 24.47
N VAL A 342 23.39 16.11 23.62
CA VAL A 342 23.79 14.79 24.09
C VAL A 342 25.10 14.89 24.87
N GLU A 343 26.10 15.56 24.32
CA GLU A 343 27.39 15.61 25.03
C GLU A 343 27.37 16.46 26.31
N THR A 344 26.44 17.41 26.43
CA THR A 344 26.28 18.19 27.68
C THR A 344 25.07 17.74 28.50
N ASN A 345 24.92 16.42 28.63
CA ASN A 345 23.78 15.77 29.27
C ASN A 345 22.52 16.63 29.45
N GLN A 346 21.66 16.67 28.44
CA GLN A 346 20.61 17.68 28.37
C GLN A 346 19.19 17.27 27.93
N ASP A 347 18.36 18.31 27.81
CA ASP A 347 16.93 18.20 27.57
C ASP A 347 16.56 18.26 26.10
N TRP A 348 16.14 17.12 25.56
CA TRP A 348 15.66 17.03 24.18
C TRP A 348 14.13 16.96 24.18
N SER A 349 13.52 17.71 23.26
CA SER A 349 12.08 17.85 23.20
C SER A 349 11.59 17.35 21.86
N LEU A 350 10.71 16.36 21.89
CA LEU A 350 10.18 15.77 20.67
C LEU A 350 8.90 16.46 20.29
N MET A 351 8.83 16.88 19.04
CA MET A 351 7.71 17.66 18.53
C MET A 351 6.95 16.90 17.46
N CYS A 352 5.74 17.34 17.17
CA CYS A 352 4.98 16.82 16.04
C CYS A 352 4.98 17.88 14.96
N PRO A 353 5.39 17.51 13.73
CA PRO A 353 5.60 18.46 12.63
C PRO A 353 4.32 19.18 12.27
N ASN A 354 3.17 18.55 12.54
CA ASN A 354 1.91 19.25 12.40
C ASN A 354 1.78 20.38 13.41
N GLU A 355 2.15 20.09 14.67
CA GLU A 355 2.09 21.06 15.76
C GLU A 355 3.19 22.13 15.64
N CYS A 356 4.35 21.75 15.07
CA CYS A 356 5.51 22.64 14.86
C CYS A 356 6.04 22.64 13.43
N PRO A 357 5.36 23.37 12.53
CA PRO A 357 5.67 23.33 11.09
C PRO A 357 7.09 23.74 10.72
N GLY A 358 7.50 23.41 9.49
CA GLY A 358 8.74 23.92 8.88
C GLY A 358 10.06 23.51 9.50
N LEU A 359 10.03 22.55 10.42
CA LEU A 359 11.23 22.20 11.19
C LEU A 359 12.29 21.49 10.33
N ASP A 360 11.87 20.93 9.20
CA ASP A 360 12.77 20.25 8.26
C ASP A 360 13.11 21.13 7.08
N GLU A 361 12.39 22.26 6.97
CA GLU A 361 12.58 23.23 5.89
C GLU A 361 13.74 24.19 6.21
N VAL A 362 14.40 23.95 7.35
CA VAL A 362 15.38 24.85 7.94
C VAL A 362 16.54 24.06 8.53
N TRP A 363 17.73 24.65 8.52
CA TRP A 363 18.90 24.01 9.12
C TRP A 363 19.77 24.97 9.91
N GLY A 364 20.72 24.41 10.66
CA GLY A 364 21.72 25.15 11.40
C GLY A 364 21.16 26.21 12.33
N GLU A 365 21.50 27.47 12.01
CA GLU A 365 21.12 28.65 12.76
C GLU A 365 19.61 28.85 12.82
N GLU A 366 18.99 29.02 11.66
CA GLU A 366 17.54 29.24 11.55
C GLU A 366 16.78 28.09 12.13
N PHE A 367 17.43 26.94 12.26
CA PHE A 367 16.82 25.78 12.88
C PHE A 367 16.81 25.90 14.38
N GLU A 368 17.97 26.21 14.95
CA GLU A 368 18.12 26.30 16.40
C GLU A 368 17.28 27.45 16.97
N LYS A 369 17.11 28.52 16.19
CA LYS A 369 16.19 29.60 16.53
C LYS A 369 14.73 29.10 16.51
N LEU A 370 14.30 28.56 15.37
CA LEU A 370 12.91 28.10 15.21
C LEU A 370 12.55 26.99 16.20
N TYR A 371 13.43 26.00 16.33
CA TYR A 371 13.24 24.88 17.27
C TYR A 371 13.04 25.37 18.70
N ALA A 372 13.94 26.23 19.18
CA ALA A 372 13.89 26.76 20.55
C ALA A 372 12.65 27.61 20.76
N SER A 373 12.31 28.40 19.74
CA SER A 373 11.08 29.20 19.73
C SER A 373 9.89 28.33 20.16
N TYR A 374 9.74 27.18 19.51
CA TYR A 374 8.72 26.20 19.84
C TYR A 374 8.90 25.65 21.26
N GLU A 375 10.14 25.36 21.65
CA GLU A 375 10.42 24.97 23.03
C GLU A 375 9.97 26.04 24.04
N LYS A 376 10.43 27.29 23.84
CA LYS A 376 10.04 28.44 24.69
C LYS A 376 8.58 28.90 24.47
N GLN A 377 7.83 28.15 23.68
CA GLN A 377 6.40 28.40 23.49
C GLN A 377 5.58 27.26 24.07
N GLY A 378 6.23 26.45 24.90
CA GLY A 378 5.62 25.23 25.42
C GLY A 378 5.48 24.15 24.37
N ARG A 379 4.98 24.48 23.18
CA ARG A 379 4.53 23.48 22.19
C ARG A 379 5.48 22.31 21.88
N VAL A 380 5.61 21.42 22.86
CA VAL A 380 6.34 20.18 22.70
C VAL A 380 5.40 19.09 23.12
N ARG A 381 5.50 17.91 22.50
CA ARG A 381 4.63 16.82 22.89
C ARG A 381 5.22 15.94 24.01
N LYS A 382 6.53 15.96 24.17
CA LYS A 382 7.18 15.15 25.20
C LYS A 382 8.69 15.41 25.30
N VAL A 383 9.18 15.56 26.54
CA VAL A 383 10.62 15.77 26.79
C VAL A 383 11.33 14.51 27.29
N VAL A 384 12.47 14.20 26.67
CA VAL A 384 13.38 13.15 27.12
C VAL A 384 14.73 13.78 27.40
N LYS A 385 15.61 13.07 28.11
CA LYS A 385 17.00 13.51 28.19
C LYS A 385 17.65 13.21 26.85
N ALA A 386 18.43 14.17 26.35
CA ALA A 386 19.11 13.99 25.06
C ALA A 386 19.90 12.69 25.07
N GLN A 387 20.58 12.45 26.19
CA GLN A 387 21.49 11.32 26.36
C GLN A 387 20.80 9.95 26.20
N GLN A 388 19.55 9.87 26.65
CA GLN A 388 18.78 8.64 26.62
C GLN A 388 18.38 8.18 25.20
N LEU A 389 18.04 9.16 24.35
CA LEU A 389 17.71 8.96 22.94
C LEU A 389 18.95 8.46 22.25
N TRP A 390 20.04 9.18 22.46
CA TRP A 390 21.36 8.78 22.02
C TRP A 390 21.57 7.32 22.29
N TYR A 391 21.45 6.92 23.55
CA TYR A 391 21.73 5.53 23.88
C TYR A 391 20.79 4.48 23.27
N ALA A 392 19.57 4.90 22.92
CA ALA A 392 18.68 4.01 22.20
C ALA A 392 19.17 3.84 20.75
N ILE A 393 19.93 4.81 20.27
CA ILE A 393 20.52 4.76 18.92
C ILE A 393 21.67 3.75 18.89
N ILE A 394 22.61 3.92 19.81
CA ILE A 394 23.71 2.97 20.01
C ILE A 394 23.17 1.54 20.14
N GLU A 395 22.02 1.37 20.79
CA GLU A 395 21.38 0.06 20.91
C GLU A 395 20.96 -0.52 19.57
N SER A 396 20.46 0.35 18.68
CA SER A 396 19.95 -0.07 17.38
C SER A 396 21.11 -0.48 16.48
N GLN A 397 22.13 0.36 16.47
CA GLN A 397 23.32 0.13 15.69
C GLN A 397 24.09 -1.16 16.06
N THR A 398 24.18 -1.46 17.36
CA THR A 398 24.82 -2.72 17.80
C THR A 398 23.96 -3.93 17.45
N GLU A 399 22.66 -3.71 17.40
CA GLU A 399 21.75 -4.78 17.08
C GLU A 399 21.82 -5.00 15.59
N THR A 400 21.50 -3.97 14.81
CA THR A 400 21.19 -4.18 13.40
C THR A 400 22.20 -3.56 12.45
N GLY A 401 23.09 -2.73 12.98
CA GLY A 401 24.05 -2.02 12.14
C GLY A 401 23.51 -0.68 11.71
N THR A 402 22.21 -0.49 11.89
CA THR A 402 21.54 0.77 11.55
C THR A 402 20.93 1.42 12.80
N PRO A 403 20.45 2.68 12.71
CA PRO A 403 20.44 3.69 11.65
C PRO A 403 21.79 4.24 11.26
N TYR A 404 21.89 4.69 10.01
CA TYR A 404 23.06 5.39 9.54
C TYR A 404 23.05 6.77 10.16
N MET A 405 24.24 7.34 10.35
CA MET A 405 24.36 8.67 10.92
C MET A 405 24.84 9.69 9.89
N LEU A 406 23.96 10.65 9.56
CA LEU A 406 24.35 11.77 8.70
C LEU A 406 24.03 13.08 9.38
N TYR A 407 24.93 14.06 9.23
CA TYR A 407 24.80 15.29 9.95
C TYR A 407 24.23 16.40 9.08
N LYS A 408 22.92 16.61 9.26
CA LYS A 408 22.08 17.58 8.53
C LYS A 408 22.70 18.92 8.35
N ASP A 409 23.29 19.44 9.43
CA ASP A 409 23.88 20.75 9.41
C ASP A 409 25.16 20.78 8.54
N SER A 410 26.05 19.80 8.72
CA SER A 410 27.26 19.62 7.88
C SER A 410 26.92 19.50 6.39
N CYS A 411 25.94 18.65 6.10
CA CYS A 411 25.50 18.43 4.74
C CYS A 411 25.04 19.70 4.06
N ASN A 412 24.23 20.49 4.75
CA ASN A 412 23.70 21.71 4.18
C ASN A 412 24.74 22.81 4.10
N ARG A 413 25.60 22.90 5.11
CA ARG A 413 26.63 23.94 5.19
C ARG A 413 27.61 23.82 4.02
N LYS A 414 28.02 22.60 3.73
CA LYS A 414 29.01 22.35 2.71
C LYS A 414 28.41 21.95 1.37
N SER A 415 27.10 22.12 1.20
CA SER A 415 26.45 21.77 -0.04
C SER A 415 26.61 22.87 -1.08
N ASN A 416 26.88 22.50 -2.34
CA ASN A 416 26.86 23.52 -3.41
C ASN A 416 25.45 23.82 -3.87
N GLN A 417 24.49 23.07 -3.36
CA GLN A 417 23.10 23.28 -3.74
C GLN A 417 22.31 24.09 -2.69
N GLN A 418 23.02 24.74 -1.76
CA GLN A 418 22.32 25.38 -0.65
C GLN A 418 21.45 26.58 -1.04
N ASN A 419 21.76 27.20 -2.17
CA ASN A 419 20.94 28.27 -2.74
C ASN A 419 19.55 27.77 -3.14
N LEU A 420 19.41 26.45 -3.37
CA LEU A 420 18.13 25.85 -3.75
C LEU A 420 17.18 25.68 -2.58
N GLY A 421 17.72 25.53 -1.37
CA GLY A 421 16.90 25.40 -0.18
C GLY A 421 17.52 24.51 0.88
N THR A 422 16.66 23.90 1.68
CA THR A 422 17.15 22.99 2.70
C THR A 422 17.16 21.58 2.12
N ILE A 423 18.31 20.93 2.22
CA ILE A 423 18.43 19.57 1.75
C ILE A 423 17.89 18.61 2.81
N LYS A 424 16.82 17.87 2.45
CA LYS A 424 16.00 17.10 3.42
C LYS A 424 16.49 15.71 3.83
N CYS A 425 17.38 15.13 3.02
CA CYS A 425 17.87 13.76 3.24
C CYS A 425 18.99 13.36 2.29
N SER A 426 19.31 12.06 2.27
CA SER A 426 20.31 11.50 1.34
C SER A 426 19.78 10.28 0.55
N ASN A 427 20.65 9.63 -0.22
CA ASN A 427 20.24 8.44 -0.97
C ASN A 427 20.32 7.18 -0.14
N LEU A 428 20.29 6.04 -0.79
CA LEU A 428 20.24 4.76 -0.13
C LEU A 428 21.52 4.42 0.61
N CYS A 429 22.65 4.91 0.11
CA CYS A 429 23.94 4.58 0.72
C CYS A 429 24.61 5.80 1.28
N THR A 430 23.84 6.87 1.49
CA THR A 430 24.28 8.02 2.27
C THR A 430 25.38 8.85 1.60
N GLU A 431 25.70 8.55 0.33
CA GLU A 431 26.79 9.25 -0.35
C GLU A 431 26.29 10.51 -1.10
N ILE A 432 25.06 10.44 -1.57
CA ILE A 432 24.51 11.51 -2.37
C ILE A 432 23.77 12.48 -1.47
N VAL A 433 24.14 13.76 -1.55
CA VAL A 433 23.39 14.81 -0.87
C VAL A 433 22.90 15.82 -1.90
N GLU A 434 21.60 15.78 -2.21
CA GLU A 434 20.98 16.69 -3.18
C GLU A 434 19.66 17.30 -2.65
N TYR A 435 19.25 18.43 -3.23
CA TYR A 435 17.99 19.10 -2.85
C TYR A 435 16.82 18.30 -3.37
N THR A 436 15.71 18.31 -2.64
CA THR A 436 14.44 17.73 -3.13
C THR A 436 13.23 18.54 -2.66
N SER A 437 12.18 18.55 -3.47
CA SER A 437 11.01 19.38 -3.20
C SER A 437 9.70 18.64 -3.51
N LYS A 438 8.59 19.36 -3.45
CA LYS A 438 7.31 18.82 -3.90
C LYS A 438 7.41 18.39 -5.36
N ASP A 439 8.15 19.14 -6.17
CA ASP A 439 8.22 18.86 -7.61
C ASP A 439 9.65 18.66 -8.17
N GLU A 440 10.57 18.30 -7.28
CA GLU A 440 11.87 17.78 -7.70
C GLU A 440 12.19 16.47 -6.96
N VAL A 441 12.47 15.42 -7.71
CA VAL A 441 12.98 14.21 -7.07
C VAL A 441 14.39 14.03 -7.57
N ALA A 442 15.36 14.09 -6.69
CA ALA A 442 16.74 14.07 -7.07
C ALA A 442 17.16 12.73 -7.60
N VAL A 443 18.00 12.74 -8.61
CA VAL A 443 18.51 11.51 -9.16
C VAL A 443 19.99 11.47 -9.04
N CYS A 444 20.58 10.34 -9.40
CA CYS A 444 22.02 10.27 -9.52
C CYS A 444 22.54 9.39 -10.65
N ASN A 445 23.62 9.87 -11.25
CA ASN A 445 24.31 9.16 -12.28
C ASN A 445 25.71 8.98 -11.84
N LEU A 446 26.15 7.74 -11.73
CA LEU A 446 27.39 7.46 -11.09
C LEU A 446 28.37 6.65 -11.91
N ALA A 447 29.61 6.70 -11.52
CA ALA A 447 30.66 5.93 -12.15
C ALA A 447 31.82 5.95 -11.22
N SER A 448 32.85 5.17 -11.49
CA SER A 448 33.91 4.97 -10.51
C SER A 448 35.27 4.73 -11.14
N LEU A 449 36.30 5.39 -10.61
CA LEU A 449 37.65 5.33 -11.14
C LEU A 449 38.42 4.27 -10.40
N ALA A 450 39.07 3.35 -11.11
CA ALA A 450 39.82 2.26 -10.44
C ALA A 450 41.24 2.62 -9.98
N LEU A 451 41.34 3.09 -8.74
CA LEU A 451 42.56 3.75 -8.27
C LEU A 451 43.82 2.92 -8.43
N ASN A 452 43.67 1.59 -8.39
CA ASN A 452 44.79 0.68 -8.50
C ASN A 452 45.47 0.68 -9.88
N MET A 453 44.79 1.25 -10.86
CA MET A 453 45.27 1.21 -12.23
C MET A 453 46.33 2.29 -12.52
N TYR A 454 46.39 3.30 -11.66
CA TYR A 454 47.19 4.49 -11.89
C TYR A 454 48.52 4.45 -11.16
N VAL A 455 48.73 3.43 -10.35
CA VAL A 455 50.02 3.26 -9.71
C VAL A 455 50.89 2.60 -10.74
N THR A 456 51.94 3.30 -11.11
CA THR A 456 52.84 2.82 -12.15
C THR A 456 53.73 1.72 -11.56
N SER A 457 54.35 0.96 -12.45
CA SER A 457 55.25 -0.13 -12.09
C SER A 457 56.57 0.34 -11.45
N GLU A 458 56.54 1.53 -10.85
CA GLU A 458 57.70 2.11 -10.15
C GLU A 458 57.33 2.48 -8.71
N HIS A 459 56.11 2.14 -8.30
CA HIS A 459 55.50 2.60 -7.02
C HIS A 459 55.44 4.13 -6.89
N THR A 460 55.40 4.77 -8.04
CA THR A 460 54.97 6.16 -8.17
C THR A 460 53.54 6.08 -8.69
N TYR A 461 52.71 7.01 -8.22
CA TYR A 461 51.32 7.08 -8.61
C TYR A 461 51.18 8.12 -9.71
N ASP A 462 50.57 7.71 -10.81
CA ASP A 462 50.39 8.61 -11.95
C ASP A 462 49.15 9.47 -11.85
N PHE A 463 49.31 10.70 -11.38
CA PHE A 463 48.16 11.59 -11.22
C PHE A 463 47.78 12.30 -12.52
N LYS A 464 48.76 12.57 -13.38
CA LYS A 464 48.47 13.25 -14.66
C LYS A 464 47.43 12.43 -15.42
N LYS A 465 47.55 11.11 -15.35
CA LYS A 465 46.64 10.21 -16.04
C LYS A 465 45.32 10.03 -15.29
N LEU A 466 45.32 10.14 -13.97
CA LEU A 466 44.07 10.04 -13.22
C LEU A 466 43.15 11.20 -13.55
N ALA A 467 43.68 12.43 -13.47
CA ALA A 467 42.89 13.63 -13.78
C ALA A 467 42.27 13.52 -15.17
N GLU A 468 43.06 13.01 -16.11
CA GLU A 468 42.70 12.87 -17.51
C GLU A 468 41.49 12.01 -17.71
N VAL A 469 41.47 10.85 -17.07
CA VAL A 469 40.33 9.94 -17.15
C VAL A 469 39.04 10.47 -16.50
N THR A 470 39.15 11.13 -15.34
CA THR A 470 38.00 11.85 -14.71
C THR A 470 37.28 12.76 -15.69
N LYS A 471 38.06 13.58 -16.39
CA LYS A 471 37.50 14.55 -17.32
C LYS A 471 36.59 13.86 -18.33
N VAL A 472 36.96 12.63 -18.71
CA VAL A 472 36.19 11.81 -19.66
C VAL A 472 34.93 11.27 -18.99
N VAL A 473 35.06 10.90 -17.71
CA VAL A 473 33.96 10.33 -16.99
C VAL A 473 32.92 11.40 -16.81
N VAL A 474 33.36 12.64 -16.63
CA VAL A 474 32.42 13.76 -16.49
C VAL A 474 31.61 13.93 -17.78
N ARG A 475 32.30 14.01 -18.90
CA ARG A 475 31.63 14.07 -20.20
C ARG A 475 30.67 12.91 -20.41
N ASN A 476 31.08 11.71 -20.07
CA ASN A 476 30.15 10.61 -20.09
C ASN A 476 28.91 10.85 -19.24
N LEU A 477 29.08 10.94 -17.92
CA LEU A 477 27.98 11.18 -16.99
C LEU A 477 27.08 12.34 -17.41
N ASN A 478 27.69 13.36 -17.98
CA ASN A 478 26.99 14.54 -18.43
C ASN A 478 26.11 14.26 -19.64
N LYS A 479 26.59 13.40 -20.54
CA LYS A 479 25.82 12.96 -21.67
C LYS A 479 24.64 12.13 -21.21
N ILE A 480 24.90 11.30 -20.20
CA ILE A 480 23.93 10.40 -19.60
C ILE A 480 22.67 11.12 -19.10
N ILE A 481 22.85 12.29 -18.46
CA ILE A 481 21.72 13.12 -18.00
C ILE A 481 20.63 13.32 -19.08
N ASP A 482 21.05 13.73 -20.27
CA ASP A 482 20.13 14.06 -21.37
C ASP A 482 19.48 12.86 -22.06
N ILE A 483 20.24 11.78 -22.27
CA ILE A 483 19.69 10.60 -22.93
C ILE A 483 18.84 9.75 -22.00
N ASN A 484 19.17 9.80 -20.71
CA ASN A 484 18.54 8.95 -19.69
C ASN A 484 17.00 8.88 -19.73
N TYR A 485 16.48 7.71 -19.37
CA TYR A 485 15.06 7.47 -19.16
C TYR A 485 14.69 7.77 -17.71
N TYR A 486 13.78 8.71 -17.51
CA TYR A 486 13.37 9.09 -16.15
C TYR A 486 11.97 8.57 -15.82
N PRO A 487 11.87 7.82 -14.72
CA PRO A 487 10.69 7.03 -14.35
C PRO A 487 9.49 7.88 -13.98
N VAL A 488 9.76 9.08 -13.49
CA VAL A 488 8.76 10.05 -13.13
C VAL A 488 9.23 11.43 -13.57
N PRO A 489 8.29 12.33 -13.89
CA PRO A 489 8.67 13.57 -14.55
C PRO A 489 9.57 14.50 -13.73
N GLU A 490 9.40 14.57 -12.41
CA GLU A 490 10.19 15.50 -11.57
C GLU A 490 11.53 14.94 -11.15
N ALA A 491 11.81 13.70 -11.55
CA ALA A 491 13.18 13.20 -11.51
C ALA A 491 13.91 13.91 -12.62
N CYS A 492 13.18 14.10 -13.70
CA CYS A 492 13.72 14.63 -14.93
C CYS A 492 13.89 16.14 -14.85
N LEU A 493 12.89 16.81 -14.30
CA LEU A 493 12.94 18.24 -14.04
C LEU A 493 14.11 18.62 -13.09
N SER A 494 14.22 17.91 -11.97
CA SER A 494 15.36 18.03 -11.05
C SER A 494 16.69 17.98 -11.77
N ASN A 495 16.93 16.87 -12.47
CA ASN A 495 18.24 16.60 -13.00
C ASN A 495 18.64 17.61 -14.06
N LYS A 496 17.66 18.06 -14.85
CA LYS A 496 17.90 19.08 -15.89
C LYS A 496 18.29 20.45 -15.31
N ARG A 497 17.69 20.85 -14.20
CA ARG A 497 18.04 22.13 -13.59
C ARG A 497 19.47 22.21 -13.03
N HIS A 498 19.83 21.25 -12.19
CA HIS A 498 21.07 21.34 -11.43
C HIS A 498 22.17 20.41 -11.96
N ARG A 499 21.81 19.59 -12.94
CA ARG A 499 22.73 18.63 -13.55
C ARG A 499 23.74 18.09 -12.56
N PRO A 500 23.27 17.43 -11.49
CA PRO A 500 24.28 16.93 -10.57
C PRO A 500 24.75 15.57 -11.02
N ILE A 501 26.07 15.36 -11.01
CA ILE A 501 26.60 14.01 -11.18
C ILE A 501 27.27 13.49 -9.90
N GLY A 502 27.64 12.20 -9.91
CA GLY A 502 28.32 11.58 -8.79
C GLY A 502 29.43 10.68 -9.30
N ILE A 503 30.65 10.92 -8.86
CA ILE A 503 31.77 10.09 -9.29
C ILE A 503 32.46 9.43 -8.09
N GLY A 504 32.68 8.14 -8.21
CA GLY A 504 33.29 7.39 -7.14
C GLY A 504 34.59 6.74 -7.55
N VAL A 505 35.07 5.85 -6.70
CA VAL A 505 36.35 5.18 -6.84
C VAL A 505 36.20 3.79 -6.28
N GLN A 506 37.01 2.87 -6.80
CA GLN A 506 37.23 1.59 -6.16
C GLN A 506 38.72 1.22 -6.11
N GLY A 507 39.07 0.25 -5.26
CA GLY A 507 40.45 -0.30 -5.23
C GLY A 507 41.47 0.56 -4.50
N LEU A 508 40.99 1.54 -3.75
CA LEU A 508 41.83 2.40 -2.92
C LEU A 508 42.81 1.56 -2.13
N ALA A 509 42.30 0.47 -1.54
CA ALA A 509 43.13 -0.43 -0.72
C ALA A 509 44.26 -1.08 -1.53
N ASP A 510 43.92 -1.57 -2.72
CA ASP A 510 44.89 -2.19 -3.63
C ASP A 510 45.92 -1.18 -4.10
N ALA A 511 45.49 0.06 -4.25
CA ALA A 511 46.42 1.14 -4.60
C ALA A 511 47.51 1.19 -3.54
N PHE A 512 47.12 1.21 -2.27
CA PHE A 512 48.04 1.34 -1.14
C PHE A 512 48.98 0.14 -1.04
N ILE A 513 48.44 -1.04 -1.32
CA ILE A 513 49.21 -2.27 -1.30
C ILE A 513 50.20 -2.31 -2.46
N LEU A 514 49.72 -2.06 -3.68
CA LEU A 514 50.59 -1.95 -4.85
C LEU A 514 51.69 -0.89 -4.68
N MET A 515 51.44 0.12 -3.87
CA MET A 515 52.45 1.16 -3.60
C MET A 515 53.44 0.70 -2.54
N ARG A 516 53.00 -0.23 -1.69
CA ARG A 516 53.78 -0.75 -0.56
C ARG A 516 53.42 -0.05 0.74
N TYR A 517 52.24 0.56 0.77
CA TYR A 517 51.83 1.43 1.88
C TYR A 517 50.86 0.78 2.86
N PRO A 518 51.28 0.61 4.12
CA PRO A 518 50.30 0.24 5.11
C PRO A 518 49.17 1.26 5.06
N PHE A 519 47.94 0.79 5.05
CA PHE A 519 46.76 1.64 4.89
C PHE A 519 46.81 2.90 5.78
N GLU A 520 47.41 2.78 6.97
CA GLU A 520 47.39 3.85 7.95
C GLU A 520 48.67 4.68 7.97
N SER A 521 49.69 4.17 7.29
CA SER A 521 50.99 4.85 7.15
C SER A 521 50.81 6.30 6.72
N ALA A 522 51.66 7.19 7.24
CA ALA A 522 51.67 8.56 6.78
C ALA A 522 51.74 8.60 5.25
N GLU A 523 52.50 7.67 4.66
CA GLU A 523 52.65 7.56 3.19
C GLU A 523 51.31 7.40 2.48
N ALA A 524 50.48 6.50 2.99
CA ALA A 524 49.11 6.35 2.52
C ALA A 524 48.33 7.64 2.68
N GLN A 525 48.42 8.23 3.88
CA GLN A 525 47.62 9.40 4.27
C GLN A 525 47.73 10.62 3.36
N LEU A 526 48.93 10.84 2.86
CA LEU A 526 49.15 11.85 1.84
C LEU A 526 48.49 11.41 0.53
N LEU A 527 48.84 10.21 0.05
CA LEU A 527 48.32 9.75 -1.21
C LEU A 527 46.83 9.95 -1.24
N ASN A 528 46.16 9.53 -0.17
CA ASN A 528 44.70 9.72 -0.01
C ASN A 528 44.19 11.14 -0.33
N LYS A 529 44.88 12.17 0.19
CA LYS A 529 44.52 13.54 -0.12
C LYS A 529 44.74 13.74 -1.59
N GLN A 530 45.97 13.51 -2.03
CA GLN A 530 46.41 13.76 -3.40
C GLN A 530 45.50 13.21 -4.48
N ILE A 531 45.18 11.91 -4.38
CA ILE A 531 44.25 11.25 -5.29
C ILE A 531 42.97 12.08 -5.40
N PHE A 532 42.42 12.46 -4.26
CA PHE A 532 41.16 13.19 -4.26
C PHE A 532 41.26 14.66 -4.59
N GLU A 533 42.45 15.25 -4.42
CA GLU A 533 42.74 16.60 -4.89
C GLU A 533 42.64 16.51 -6.39
N THR A 534 43.11 15.39 -6.94
CA THR A 534 43.18 15.17 -8.38
C THR A 534 41.85 14.89 -9.04
N ILE A 535 41.13 13.92 -8.51
CA ILE A 535 39.82 13.56 -9.07
C ILE A 535 38.97 14.82 -9.20
N TYR A 536 39.02 15.61 -8.14
CA TYR A 536 38.23 16.81 -8.02
C TYR A 536 38.73 17.89 -8.96
N TYR A 537 40.05 18.05 -9.06
CA TYR A 537 40.64 19.04 -9.96
C TYR A 537 40.17 18.79 -11.38
N GLY A 538 40.31 17.55 -11.82
CA GLY A 538 39.90 17.14 -13.14
C GLY A 538 38.42 17.31 -13.37
N ALA A 539 37.62 16.84 -12.42
CA ALA A 539 36.17 16.93 -12.56
C ALA A 539 35.78 18.36 -12.84
N LEU A 540 36.21 19.28 -11.96
CA LEU A 540 35.86 20.69 -12.08
C LEU A 540 36.33 21.30 -13.38
N GLU A 541 37.61 21.06 -13.69
CA GLU A 541 38.23 21.52 -14.94
C GLU A 541 37.39 21.06 -16.15
N ALA A 542 36.93 19.81 -16.13
CA ALA A 542 36.08 19.27 -17.18
C ALA A 542 34.69 19.85 -17.12
N SER A 543 34.22 20.14 -15.92
CA SER A 543 32.90 20.68 -15.80
C SER A 543 32.90 22.10 -16.38
N CYS A 544 34.02 22.78 -16.24
CA CYS A 544 34.22 24.14 -16.76
C CYS A 544 34.25 24.21 -18.32
N ASP A 545 35.08 23.39 -18.95
CA ASP A 545 35.13 23.25 -20.40
C ASP A 545 33.73 23.01 -21.00
N LEU A 546 32.93 22.21 -20.33
CA LEU A 546 31.54 21.99 -20.73
C LEU A 546 30.66 23.22 -20.56
N ALA A 547 30.98 24.03 -19.56
CA ALA A 547 30.24 25.25 -19.28
C ALA A 547 30.64 26.27 -20.32
N LYS A 548 31.92 26.27 -20.68
CA LYS A 548 32.42 27.06 -21.79
C LYS A 548 31.64 26.70 -23.06
N GLU A 549 31.49 25.40 -23.31
CA GLU A 549 30.83 24.88 -24.51
C GLU A 549 29.31 25.07 -24.61
N GLN A 550 28.58 24.96 -23.49
CA GLN A 550 27.11 24.99 -23.52
C GLN A 550 26.47 25.76 -22.37
N GLY A 551 27.28 26.44 -21.57
CA GLY A 551 26.74 27.30 -20.53
C GLY A 551 26.52 26.56 -19.23
N PRO A 552 26.42 27.29 -18.11
CA PRO A 552 26.23 26.60 -16.84
C PRO A 552 24.79 26.09 -16.68
N TYR A 553 24.58 25.22 -15.69
CA TYR A 553 23.24 24.72 -15.37
C TYR A 553 22.49 25.91 -14.76
N GLU A 554 21.19 26.01 -14.99
CA GLU A 554 20.48 27.24 -14.69
C GLU A 554 20.30 27.67 -13.26
N THR A 555 20.54 26.80 -12.33
CA THR A 555 20.51 27.22 -10.92
C THR A 555 21.92 27.30 -10.35
N TYR A 556 22.83 27.73 -11.23
CA TYR A 556 24.26 27.93 -10.95
C TYR A 556 24.51 29.21 -10.20
N GLU A 557 24.13 30.34 -10.81
CA GLU A 557 24.40 31.64 -10.21
C GLU A 557 23.49 31.76 -8.98
N GLY A 558 24.10 32.07 -7.83
CA GLY A 558 23.44 31.98 -6.52
C GLY A 558 24.14 30.98 -5.61
N SER A 559 24.89 30.05 -6.22
CA SER A 559 25.55 28.96 -5.49
C SER A 559 26.99 29.29 -5.14
N PRO A 560 27.53 28.65 -4.08
CA PRO A 560 28.90 28.87 -3.55
C PRO A 560 30.03 28.94 -4.59
N VAL A 561 29.81 28.37 -5.78
CA VAL A 561 30.86 28.41 -6.80
C VAL A 561 30.82 29.67 -7.65
N SER A 562 29.64 30.29 -7.78
CA SER A 562 29.58 31.63 -8.37
C SER A 562 30.24 32.65 -7.43
N LYS A 563 30.46 32.20 -6.19
CA LYS A 563 31.00 33.04 -5.14
C LYS A 563 32.44 32.69 -4.85
N GLY A 564 32.99 31.80 -5.67
CA GLY A 564 34.41 31.49 -5.63
C GLY A 564 34.79 30.47 -4.57
N ILE A 565 33.77 29.91 -3.89
CA ILE A 565 33.98 29.00 -2.76
C ILE A 565 33.77 27.56 -3.16
N LEU A 566 34.86 26.89 -3.55
CA LEU A 566 34.86 25.47 -3.86
C LEU A 566 34.85 24.63 -2.58
N GLN A 567 34.68 23.32 -2.77
CA GLN A 567 34.39 22.40 -1.68
C GLN A 567 35.39 22.43 -0.52
N TYR A 568 36.69 22.44 -0.82
CA TYR A 568 37.73 22.43 0.23
C TYR A 568 37.75 23.70 1.13
N ASP A 569 37.33 24.82 0.56
CA ASP A 569 37.20 26.05 1.33
C ASP A 569 36.17 25.86 2.46
N MET A 570 35.05 25.21 2.15
CA MET A 570 34.01 25.03 3.15
C MET A 570 34.52 24.25 4.38
N TRP A 571 35.57 23.46 4.17
CA TRP A 571 36.26 22.70 5.23
C TRP A 571 37.43 23.43 5.88
N ASN A 572 37.80 24.58 5.33
CA ASN A 572 38.99 25.37 5.73
C ASN A 572 40.33 24.75 5.37
N VAL A 573 40.29 23.72 4.54
CA VAL A 573 41.48 23.08 4.06
C VAL A 573 42.10 23.96 2.98
N THR A 574 43.42 24.09 3.02
CA THR A 574 44.18 24.65 1.90
C THR A 574 44.88 23.45 1.28
N PRO A 575 44.58 23.13 0.00
CA PRO A 575 45.17 21.98 -0.68
C PRO A 575 46.69 22.05 -0.81
N THR A 576 47.30 20.90 -1.07
CA THR A 576 48.73 20.85 -1.37
C THR A 576 49.06 21.41 -2.77
N ASP A 577 50.30 21.87 -2.94
CA ASP A 577 50.73 22.63 -4.13
C ASP A 577 50.78 21.78 -5.40
N LEU A 578 50.29 20.55 -5.31
CA LEU A 578 50.28 19.60 -6.43
C LEU A 578 49.59 20.15 -7.67
N TRP A 579 48.50 20.87 -7.45
CA TRP A 579 47.75 21.47 -8.55
C TRP A 579 47.55 22.96 -8.28
N ASP A 580 47.64 23.81 -9.31
CA ASP A 580 47.35 25.24 -9.13
C ASP A 580 45.84 25.49 -9.24
N TRP A 581 45.20 25.50 -8.08
CA TRP A 581 43.79 25.84 -7.94
C TRP A 581 43.56 27.31 -8.21
N LYS A 582 44.64 28.10 -8.10
CA LYS A 582 44.60 29.50 -8.44
C LYS A 582 44.07 29.60 -9.87
N VAL A 583 44.77 28.92 -10.77
CA VAL A 583 44.46 28.93 -12.20
C VAL A 583 43.04 28.43 -12.48
N LEU A 584 42.63 27.40 -11.76
CA LEU A 584 41.34 26.77 -12.00
C LEU A 584 40.17 27.65 -11.56
N LYS A 585 40.35 28.35 -10.44
CA LYS A 585 39.31 29.23 -9.93
C LYS A 585 39.04 30.38 -10.90
N GLU A 586 40.10 30.89 -11.53
CA GLU A 586 40.00 31.96 -12.56
C GLU A 586 39.23 31.50 -13.80
N LYS A 587 39.40 30.23 -14.20
CA LYS A 587 38.57 29.60 -15.25
C LYS A 587 37.09 29.50 -14.85
N ILE A 588 36.85 29.00 -13.63
CA ILE A 588 35.51 28.77 -13.13
C ILE A 588 34.81 30.10 -12.90
N ALA A 589 35.61 31.10 -12.57
CA ALA A 589 35.09 32.45 -12.43
C ALA A 589 34.68 33.01 -13.80
N LYS A 590 35.34 32.56 -14.87
CA LYS A 590 35.01 33.03 -16.23
C LYS A 590 33.72 32.41 -16.80
N TYR A 591 33.68 31.08 -16.93
CA TYR A 591 32.54 30.42 -17.60
C TYR A 591 31.64 29.53 -16.71
N GLY A 592 31.97 29.43 -15.42
CA GLY A 592 31.25 28.54 -14.48
C GLY A 592 31.45 27.04 -14.67
N ILE A 593 30.52 26.26 -14.12
CA ILE A 593 30.52 24.82 -14.31
C ILE A 593 29.19 24.27 -14.87
N ARG A 594 29.20 23.01 -15.28
CA ARG A 594 28.05 22.42 -15.95
C ARG A 594 27.16 21.69 -14.94
N ASN A 595 27.76 21.30 -13.83
CA ASN A 595 27.15 20.41 -12.87
C ASN A 595 27.17 20.92 -11.45
N SER A 596 26.00 20.95 -10.82
CA SER A 596 25.93 21.47 -9.46
C SER A 596 26.90 20.73 -8.57
N LEU A 597 26.95 19.39 -8.73
CA LEU A 597 27.79 18.50 -7.92
C LEU A 597 28.46 17.46 -8.78
N LEU A 598 29.60 16.95 -8.31
CA LEU A 598 30.45 16.10 -9.13
C LEU A 598 30.92 14.80 -8.48
N ILE A 599 31.32 14.82 -7.22
CA ILE A 599 32.04 13.69 -6.63
C ILE A 599 31.23 13.08 -5.50
N ALA A 600 31.22 11.74 -5.42
CA ALA A 600 30.61 11.02 -4.30
C ALA A 600 31.00 9.54 -4.31
N PRO A 601 32.03 9.18 -3.53
CA PRO A 601 32.51 7.77 -3.45
C PRO A 601 31.50 6.85 -2.79
N MET A 602 31.05 5.88 -3.58
CA MET A 602 29.94 5.00 -3.25
C MET A 602 30.40 3.55 -3.07
N PRO A 603 29.54 2.71 -2.46
CA PRO A 603 29.77 1.27 -2.25
C PRO A 603 30.24 0.48 -3.47
N THR A 604 29.76 0.81 -4.67
CA THR A 604 30.26 0.12 -5.86
C THR A 604 30.37 -1.38 -5.60
N ALA A 605 29.33 -1.99 -5.05
CA ALA A 605 29.40 -3.39 -4.68
C ALA A 605 29.53 -4.27 -5.93
N SER A 606 28.53 -4.21 -6.80
CA SER A 606 28.45 -5.15 -7.91
C SER A 606 29.57 -5.03 -8.96
N THR A 607 30.07 -3.82 -9.22
CA THR A 607 31.09 -3.63 -10.26
C THR A 607 32.46 -4.06 -9.76
N ALA A 608 32.83 -3.66 -8.55
CA ALA A 608 34.14 -3.99 -8.03
C ALA A 608 34.41 -5.50 -8.04
N GLN A 609 33.34 -6.30 -8.11
CA GLN A 609 33.44 -7.77 -8.22
C GLN A 609 34.00 -8.19 -9.57
N ILE A 610 33.59 -7.46 -10.61
CA ILE A 610 33.99 -7.73 -11.99
C ILE A 610 35.46 -7.39 -12.14
N LEU A 611 35.84 -6.22 -11.63
CA LEU A 611 37.19 -5.69 -11.79
C LEU A 611 38.23 -6.27 -10.84
N GLY A 612 37.81 -7.17 -9.95
CA GLY A 612 38.72 -7.76 -8.97
C GLY A 612 39.30 -6.74 -8.00
N ASN A 613 38.46 -5.84 -7.49
CA ASN A 613 38.90 -4.81 -6.58
C ASN A 613 38.20 -4.83 -5.24
N ASN A 614 38.85 -4.26 -4.25
CA ASN A 614 38.14 -4.03 -3.06
C ASN A 614 37.20 -2.88 -3.31
N GLU A 615 36.00 -3.05 -2.77
CA GLU A 615 34.96 -2.06 -2.74
C GLU A 615 35.46 -0.74 -2.19
N SER A 616 35.17 0.28 -2.97
CA SER A 616 35.37 1.67 -2.60
C SER A 616 36.68 2.00 -1.89
N ILE A 617 36.53 2.66 -0.75
CA ILE A 617 37.60 3.31 -0.02
C ILE A 617 37.96 2.54 1.24
N GLU A 618 37.54 1.30 1.32
CA GLU A 618 37.70 0.57 2.55
C GLU A 618 38.83 -0.45 2.46
N PRO A 619 39.52 -0.65 3.60
CA PRO A 619 40.54 -1.68 3.79
C PRO A 619 40.04 -3.09 3.45
N TYR A 620 40.93 -4.08 3.47
CA TYR A 620 40.48 -5.45 3.36
C TYR A 620 39.79 -5.87 4.65
N THR A 621 38.49 -6.14 4.56
CA THR A 621 37.70 -6.59 5.72
C THR A 621 38.29 -7.88 6.26
N SER A 622 38.70 -8.75 5.34
CA SER A 622 39.51 -9.93 5.67
C SER A 622 40.55 -10.30 4.60
N ASN A 623 41.56 -11.06 5.00
CA ASN A 623 42.54 -11.56 4.04
C ASN A 623 42.09 -12.89 3.44
N ILE A 624 40.93 -13.38 3.90
CA ILE A 624 40.31 -14.56 3.34
C ILE A 624 38.79 -14.35 3.28
N TYR A 625 38.13 -14.88 2.25
CA TYR A 625 36.67 -14.77 2.07
C TYR A 625 36.22 -15.73 0.97
N THR A 626 34.92 -15.92 0.82
CA THR A 626 34.39 -16.82 -0.21
C THR A 626 33.59 -16.06 -1.29
N ARG A 627 32.94 -16.83 -2.15
CA ARG A 627 32.11 -16.31 -3.25
C ARG A 627 31.39 -17.48 -3.93
N ARG A 628 30.06 -17.42 -3.93
CA ARG A 628 29.25 -18.47 -4.53
C ARG A 628 29.18 -18.18 -6.02
N VAL A 629 29.09 -19.26 -6.80
CA VAL A 629 29.03 -19.19 -8.25
C VAL A 629 28.18 -20.37 -8.69
N LEU A 630 26.91 -20.08 -8.96
CA LEU A 630 25.94 -21.13 -9.17
C LEU A 630 26.17 -22.04 -7.98
N SER A 631 26.53 -23.30 -8.24
CA SER A 631 26.72 -24.31 -7.16
C SER A 631 27.89 -24.00 -6.23
N GLY A 632 27.59 -24.01 -4.92
CA GLY A 632 28.57 -23.74 -3.83
C GLY A 632 29.38 -22.44 -3.88
N GLU A 633 30.62 -22.52 -3.40
CA GLU A 633 31.52 -21.34 -3.34
C GLU A 633 32.96 -21.64 -3.78
N PHE A 634 33.82 -20.62 -3.59
CA PHE A 634 35.27 -20.73 -3.72
C PHE A 634 35.93 -19.89 -2.64
N GLN A 635 36.97 -20.46 -2.04
CA GLN A 635 37.71 -19.86 -0.93
C GLN A 635 38.82 -19.00 -1.49
N ILE A 636 38.83 -17.72 -1.12
CA ILE A 636 39.75 -16.77 -1.75
C ILE A 636 40.57 -16.00 -0.75
N VAL A 637 41.89 -16.10 -0.87
CA VAL A 637 42.81 -15.22 -0.12
C VAL A 637 43.15 -13.96 -0.92
N ASN A 638 43.31 -12.85 -0.20
CA ASN A 638 43.79 -11.57 -0.74
C ASN A 638 44.90 -11.81 -1.79
N PRO A 639 44.62 -11.40 -3.04
CA PRO A 639 45.47 -11.68 -4.18
C PRO A 639 46.87 -11.14 -3.92
N HIS A 640 46.95 -9.87 -3.54
CA HIS A 640 48.23 -9.26 -3.20
C HIS A 640 48.97 -10.08 -2.15
N LEU A 641 48.24 -10.51 -1.12
CA LEU A 641 48.83 -11.18 0.01
C LEU A 641 49.47 -12.47 -0.42
N LEU A 642 48.65 -13.35 -0.99
CA LEU A 642 49.08 -14.70 -1.41
C LEU A 642 50.38 -14.69 -2.19
N LYS A 643 50.53 -13.68 -3.04
CA LYS A 643 51.73 -13.44 -3.85
C LYS A 643 53.00 -13.15 -3.05
N ASP A 644 52.91 -12.57 -1.86
CA ASP A 644 54.10 -12.35 -1.03
C ASP A 644 54.47 -13.60 -0.24
N LEU A 645 53.44 -14.27 0.29
CA LEU A 645 53.60 -15.51 1.08
C LEU A 645 54.11 -16.71 0.30
N THR A 646 53.72 -16.83 -0.97
CA THR A 646 54.18 -17.94 -1.79
C THR A 646 55.61 -17.73 -2.30
N GLU A 647 55.91 -16.51 -2.77
CA GLU A 647 57.24 -16.18 -3.28
C GLU A 647 58.31 -16.34 -2.19
N ARG A 648 57.99 -15.90 -0.97
CA ARG A 648 58.82 -16.17 0.21
C ARG A 648 58.67 -17.61 0.72
N GLY A 649 57.93 -18.44 -0.01
CA GLY A 649 57.80 -19.87 0.35
C GLY A 649 57.21 -20.16 1.71
N LEU A 650 56.25 -19.31 2.12
CA LEU A 650 55.59 -19.41 3.42
C LEU A 650 54.18 -19.98 3.34
N TRP A 651 53.77 -20.37 2.14
CA TRP A 651 52.43 -20.85 1.93
C TRP A 651 52.29 -22.36 2.00
N HIS A 652 51.59 -22.85 3.01
CA HIS A 652 51.24 -24.28 3.08
C HIS A 652 49.83 -24.56 3.60
N GLU A 653 49.51 -25.84 3.80
CA GLU A 653 48.20 -26.27 4.24
C GLU A 653 47.76 -25.54 5.51
N GLU A 654 48.32 -25.98 6.65
CA GLU A 654 47.93 -25.45 7.95
C GLU A 654 48.16 -23.93 8.06
N MET A 655 49.07 -23.40 7.23
CA MET A 655 49.30 -21.97 7.13
C MET A 655 48.01 -21.27 6.76
N LYS A 656 47.34 -21.81 5.74
CA LYS A 656 46.04 -21.32 5.29
C LYS A 656 44.95 -21.65 6.31
N ASN A 657 45.02 -22.87 6.86
CA ASN A 657 44.03 -23.33 7.82
C ASN A 657 44.04 -22.52 9.11
N GLN A 658 45.16 -21.85 9.36
CA GLN A 658 45.32 -21.05 10.58
C GLN A 658 44.68 -19.68 10.43
N ILE A 659 44.87 -19.07 9.27
CA ILE A 659 44.33 -17.72 9.07
C ILE A 659 42.81 -17.73 9.15
N ILE A 660 42.18 -18.82 8.74
CA ILE A 660 40.73 -18.95 8.91
C ILE A 660 40.44 -18.94 10.42
N ALA A 661 41.24 -19.68 11.19
CA ALA A 661 41.10 -19.62 12.65
C ALA A 661 41.17 -18.18 13.20
N CYS A 662 41.94 -17.30 12.55
CA CYS A 662 42.09 -15.90 13.00
C CYS A 662 41.22 -14.92 12.22
N ASN A 663 40.02 -15.40 11.84
CA ASN A 663 39.03 -14.60 11.13
C ASN A 663 39.60 -13.78 9.99
N GLY A 664 40.79 -14.13 9.53
CA GLY A 664 41.40 -13.44 8.39
C GLY A 664 42.59 -12.54 8.68
N SER A 665 42.98 -12.41 9.95
CA SER A 665 44.22 -11.72 10.29
C SER A 665 45.44 -12.63 10.18
N ILE A 666 46.60 -12.02 9.93
CA ILE A 666 47.89 -12.74 9.94
C ILE A 666 48.83 -12.25 11.05
N GLN A 667 48.31 -11.42 11.95
CA GLN A 667 49.14 -10.77 12.96
C GLN A 667 49.85 -11.75 13.89
N SER A 668 49.17 -12.84 14.23
CA SER A 668 49.72 -13.82 15.19
C SER A 668 50.51 -14.97 14.56
N ILE A 669 50.48 -15.08 13.22
CA ILE A 669 51.27 -16.10 12.51
C ILE A 669 52.74 -15.70 12.54
N PRO A 670 53.56 -16.48 13.31
CA PRO A 670 54.93 -16.12 13.72
C PRO A 670 56.01 -15.95 12.63
N GLU A 671 55.98 -16.74 11.55
CA GLU A 671 57.07 -16.74 10.55
C GLU A 671 56.90 -15.74 9.38
N ILE A 672 56.08 -14.72 9.60
CA ILE A 672 55.81 -13.68 8.61
C ILE A 672 56.56 -12.40 8.99
N PRO A 673 57.24 -11.75 8.02
CA PRO A 673 58.05 -10.55 8.28
C PRO A 673 57.28 -9.41 8.94
N ASP A 674 58.03 -8.48 9.53
CA ASP A 674 57.51 -7.17 9.95
C ASP A 674 56.79 -6.45 8.82
N ASP A 675 57.47 -6.34 7.68
CA ASP A 675 56.97 -5.65 6.47
C ASP A 675 55.48 -5.88 6.16
N LEU A 676 55.09 -7.14 6.10
CA LEU A 676 53.76 -7.53 5.63
C LEU A 676 52.71 -7.48 6.72
N LYS A 677 53.08 -7.80 7.95
CA LYS A 677 52.11 -7.74 9.03
C LYS A 677 51.50 -6.36 9.05
N GLN A 678 52.34 -5.36 8.79
CA GLN A 678 51.95 -3.96 8.66
C GLN A 678 51.08 -3.70 7.42
N LEU A 679 51.52 -4.25 6.29
CA LEU A 679 50.90 -4.02 4.97
C LEU A 679 49.48 -4.57 4.82
N TYR A 680 49.21 -5.74 5.41
CA TYR A 680 47.92 -6.44 5.22
C TYR A 680 47.05 -6.55 6.46
N LYS A 681 47.19 -5.61 7.40
CA LYS A 681 46.25 -5.47 8.52
C LYS A 681 44.82 -5.41 8.00
N THR A 682 43.93 -6.15 8.64
CA THR A 682 42.53 -6.11 8.25
C THR A 682 41.82 -4.92 8.87
N VAL A 683 40.71 -4.50 8.27
CA VAL A 683 39.88 -3.38 8.74
C VAL A 683 39.60 -3.38 10.26
N TRP A 684 39.46 -4.58 10.85
CA TRP A 684 39.24 -4.65 12.30
C TRP A 684 40.50 -4.17 13.00
N GLU A 685 41.66 -4.68 12.56
CA GLU A 685 42.95 -4.30 13.16
C GLU A 685 43.39 -2.86 12.85
N ILE A 686 42.57 -2.14 12.09
CA ILE A 686 42.85 -0.75 11.78
C ILE A 686 42.14 0.19 12.77
N SER A 687 42.75 1.35 13.02
CA SER A 687 42.18 2.33 13.91
C SER A 687 41.07 3.09 13.23
N GLN A 688 39.83 2.86 13.67
CA GLN A 688 38.65 3.56 13.11
C GLN A 688 38.77 5.07 13.25
N LYS A 689 39.36 5.54 14.35
CA LYS A 689 39.75 6.94 14.46
C LYS A 689 40.50 7.36 13.17
N THR A 690 41.58 6.66 12.86
CA THR A 690 42.35 6.91 11.63
C THR A 690 41.47 6.85 10.38
N VAL A 691 40.59 5.85 10.30
CA VAL A 691 39.69 5.70 9.15
C VAL A 691 38.86 6.98 8.98
N LEU A 692 38.07 7.31 9.99
CA LEU A 692 37.37 8.60 10.10
C LEU A 692 38.22 9.84 9.75
N LYS A 693 39.44 9.90 10.27
CA LYS A 693 40.32 11.02 9.98
C LYS A 693 40.65 11.05 8.50
N MET A 694 40.89 9.88 7.92
CA MET A 694 41.25 9.83 6.50
C MET A 694 40.11 10.25 5.61
N ALA A 695 38.89 9.84 5.96
CA ALA A 695 37.72 10.28 5.21
C ALA A 695 37.62 11.77 5.39
N ALA A 696 37.79 12.23 6.63
CA ALA A 696 37.72 13.64 6.91
C ALA A 696 38.62 14.38 5.93
N GLU A 697 39.87 13.95 5.79
CA GLU A 697 40.79 14.53 4.82
C GLU A 697 40.19 14.60 3.40
N ARG A 698 40.03 13.44 2.76
CA ARG A 698 39.56 13.37 1.38
C ARG A 698 38.21 14.04 1.20
N GLY A 699 37.45 14.10 2.29
CA GLY A 699 36.07 14.57 2.26
C GLY A 699 36.00 16.06 2.05
N ALA A 700 37.16 16.71 2.09
CA ALA A 700 37.25 18.15 1.86
C ALA A 700 37.25 18.42 0.37
N PHE A 701 37.55 17.39 -0.42
CA PHE A 701 37.54 17.45 -1.88
C PHE A 701 36.47 16.56 -2.48
N ILE A 702 35.61 16.03 -1.62
CA ILE A 702 34.36 15.38 -2.04
C ILE A 702 33.17 16.31 -1.80
N ASP A 703 32.62 16.84 -2.89
CA ASP A 703 31.53 17.82 -2.82
C ASP A 703 30.18 17.24 -2.42
N GLN A 704 30.08 15.91 -2.35
CA GLN A 704 28.89 15.28 -1.82
C GLN A 704 29.16 14.57 -0.48
N SER A 705 29.27 13.25 -0.47
CA SER A 705 29.55 12.49 0.75
C SER A 705 30.14 11.15 0.41
N GLN A 706 30.35 10.32 1.43
CA GLN A 706 31.00 9.00 1.25
C GLN A 706 30.43 7.92 2.15
N SER A 707 30.37 6.70 1.62
CA SER A 707 29.73 5.56 2.29
C SER A 707 30.62 4.90 3.33
N LEU A 708 30.60 5.43 4.56
CA LEU A 708 31.54 5.00 5.58
C LEU A 708 31.02 3.91 6.47
N ASN A 709 31.52 2.70 6.25
CA ASN A 709 31.28 1.63 7.19
C ASN A 709 32.24 1.73 8.37
N ILE A 710 31.77 1.31 9.55
CA ILE A 710 32.61 1.28 10.74
C ILE A 710 32.71 -0.14 11.24
N HIS A 711 33.93 -0.55 11.55
CA HIS A 711 34.17 -1.91 11.99
C HIS A 711 34.69 -1.86 13.39
N ILE A 712 33.89 -2.33 14.33
CA ILE A 712 34.34 -2.48 15.70
C ILE A 712 34.23 -3.94 16.11
N ALA A 713 35.36 -4.54 16.43
CA ALA A 713 35.41 -5.95 16.83
C ALA A 713 34.54 -6.17 18.04
N GLU A 714 35.07 -5.85 19.21
CA GLU A 714 34.26 -5.91 20.42
C GLU A 714 33.73 -4.52 20.72
N PRO A 715 32.43 -4.31 20.50
CA PRO A 715 31.90 -2.99 20.77
C PRO A 715 31.47 -2.81 22.23
N ASN A 716 31.65 -1.59 22.73
CA ASN A 716 30.96 -1.14 23.94
C ASN A 716 30.47 0.27 23.70
N TYR A 717 29.44 0.68 24.43
CA TYR A 717 28.76 1.93 24.12
C TYR A 717 29.72 3.12 24.15
N GLY A 718 30.83 2.96 24.85
CA GLY A 718 31.88 3.97 24.95
C GLY A 718 32.59 4.16 23.64
N LYS A 719 33.16 3.08 23.11
CA LYS A 719 33.86 3.12 21.82
C LYS A 719 32.99 3.81 20.77
N LEU A 720 31.78 3.30 20.59
CA LEU A 720 30.83 3.89 19.65
C LEU A 720 30.67 5.38 19.82
N THR A 721 30.28 5.80 21.02
CA THR A 721 29.94 7.19 21.27
C THR A 721 31.03 8.18 20.88
N SER A 722 32.29 7.85 21.14
CA SER A 722 33.36 8.73 20.68
C SER A 722 33.48 8.63 19.17
N MET A 723 33.27 7.45 18.59
CA MET A 723 33.28 7.31 17.12
C MET A 723 32.41 8.35 16.46
N HIS A 724 31.10 8.29 16.71
CA HIS A 724 30.18 9.27 16.16
C HIS A 724 30.69 10.63 16.46
N PHE A 725 31.08 10.87 17.71
CA PHE A 725 31.52 12.20 18.13
C PHE A 725 32.80 12.66 17.47
N TYR A 726 33.71 11.72 17.26
CA TYR A 726 34.97 12.01 16.59
C TYR A 726 34.73 12.41 15.15
N GLY A 727 34.11 11.52 14.40
CA GLY A 727 33.69 11.81 13.04
C GLY A 727 32.85 13.06 12.92
N TRP A 728 31.92 13.25 13.86
CA TRP A 728 31.10 14.48 13.90
C TRP A 728 31.99 15.71 14.04
N LYS A 729 32.93 15.65 14.98
CA LYS A 729 33.80 16.77 15.20
C LYS A 729 34.62 17.05 13.96
N GLN A 730 35.07 15.98 13.28
CA GLN A 730 35.77 16.11 11.99
C GLN A 730 34.95 16.84 10.92
N GLY A 731 33.64 16.86 11.14
CA GLY A 731 32.72 17.56 10.26
C GLY A 731 32.41 16.73 9.04
N LEU A 732 32.12 15.44 9.24
CA LEU A 732 31.76 14.50 8.16
C LEU A 732 30.28 14.57 7.73
N LYS A 733 30.02 14.66 6.44
CA LYS A 733 28.63 14.71 5.95
C LYS A 733 27.85 13.44 6.30
N THR A 734 28.44 12.29 5.98
CA THR A 734 27.99 11.02 6.55
C THR A 734 28.91 10.63 7.69
N GLY A 735 28.36 10.52 8.88
CA GLY A 735 29.12 9.99 10.01
C GLY A 735 29.39 8.52 9.88
N MET A 736 28.36 7.75 9.54
CA MET A 736 28.48 6.29 9.46
C MET A 736 27.39 5.68 8.62
N TYR A 737 27.81 4.84 7.67
CA TYR A 737 26.92 4.00 6.90
C TYR A 737 26.56 2.82 7.80
N TYR A 738 27.23 1.69 7.61
CA TYR A 738 26.97 0.54 8.46
C TYR A 738 28.00 0.40 9.58
N LEU A 739 27.52 0.00 10.75
CA LEU A 739 28.35 -0.49 11.82
C LEU A 739 28.42 -2.00 11.61
N ARG A 740 29.63 -2.54 11.61
CA ARG A 740 29.82 -3.99 11.62
C ARG A 740 30.47 -4.40 12.93
N THR A 741 30.01 -5.51 13.49
CA THR A 741 30.44 -5.95 14.82
C THR A 741 31.21 -7.28 14.89
N ARG A 742 30.78 -8.28 14.12
CA ARG A 742 31.51 -9.56 14.06
C ARG A 742 31.14 -10.36 12.82
N MET B 1 -30.69 6.64 55.32
CA MET B 1 -30.55 6.45 53.84
C MET B 1 -31.18 7.59 53.05
N HIS B 2 -30.50 8.02 51.99
CA HIS B 2 -31.01 9.08 51.12
C HIS B 2 -30.48 9.00 49.68
N VAL B 3 -31.16 9.73 48.80
CA VAL B 3 -30.79 9.87 47.38
C VAL B 3 -30.53 11.34 47.07
N ILE B 4 -29.38 11.63 46.44
CA ILE B 4 -29.03 13.00 46.02
C ILE B 4 -29.85 13.37 44.80
N LYS B 5 -30.63 14.45 44.90
CA LYS B 5 -31.52 14.83 43.82
C LYS B 5 -30.77 15.56 42.69
N ARG B 6 -31.49 15.91 41.63
CA ARG B 6 -30.93 16.56 40.44
C ARG B 6 -30.40 17.99 40.66
N ASP B 7 -29.89 18.27 41.87
CA ASP B 7 -29.50 19.61 42.28
C ASP B 7 -28.69 19.57 43.58
N GLY B 8 -28.28 18.38 43.97
CA GLY B 8 -27.43 18.19 45.14
C GLY B 8 -28.21 18.15 46.43
N ARG B 9 -29.54 18.17 46.31
CA ARG B 9 -30.42 18.28 47.47
C ARG B 9 -30.77 16.91 48.05
N GLN B 10 -30.14 16.57 49.16
CA GLN B 10 -30.41 15.32 49.87
C GLN B 10 -31.89 15.05 50.13
N GLU B 11 -32.37 13.97 49.54
CA GLU B 11 -33.73 13.46 49.77
C GLU B 11 -33.68 12.01 50.26
N ARG B 12 -34.36 11.75 51.37
CA ARG B 12 -34.50 10.38 51.90
C ARG B 12 -35.06 9.41 50.85
N VAL B 13 -34.78 8.12 51.00
CA VAL B 13 -35.32 7.14 50.06
C VAL B 13 -36.83 7.02 50.29
N MET B 14 -37.58 6.94 49.18
CA MET B 14 -39.03 6.89 49.18
C MET B 14 -39.44 6.09 47.97
N PHE B 15 -39.25 4.78 48.09
CA PHE B 15 -39.32 3.84 46.97
C PHE B 15 -40.59 3.90 46.11
N ASP B 16 -41.66 4.51 46.64
CA ASP B 16 -42.91 4.67 45.88
C ASP B 16 -42.74 5.70 44.79
N LYS B 17 -41.91 6.71 45.04
CA LYS B 17 -41.61 7.73 44.03
C LYS B 17 -40.93 7.15 42.77
N ILE B 18 -40.19 6.05 42.95
CA ILE B 18 -39.65 5.31 41.81
C ILE B 18 -40.81 4.70 41.02
N THR B 19 -41.52 3.74 41.61
CA THR B 19 -42.72 3.13 41.00
C THR B 19 -43.69 4.18 40.41
N SER B 20 -43.88 5.29 41.11
CA SER B 20 -44.75 6.37 40.65
C SER B 20 -44.23 6.98 39.35
N ARG B 21 -42.92 7.26 39.30
CA ARG B 21 -42.27 7.84 38.14
C ARG B 21 -42.35 6.89 36.95
N ILE B 22 -42.11 5.60 37.18
CA ILE B 22 -42.23 4.54 36.16
C ILE B 22 -43.63 4.44 35.55
N GLN B 23 -44.66 4.33 36.40
CA GLN B 23 -46.07 4.35 36.01
C GLN B 23 -46.41 5.49 35.02
N LYS B 24 -45.95 6.71 35.33
CA LYS B 24 -46.11 7.89 34.48
C LYS B 24 -45.71 7.70 33.01
N LEU B 25 -44.95 6.64 32.74
CA LEU B 25 -44.41 6.35 31.41
C LEU B 25 -44.95 5.04 30.81
N CYS B 26 -46.10 4.59 31.31
CA CYS B 26 -46.75 3.36 30.85
C CYS B 26 -48.03 3.59 30.06
N TYR B 27 -48.11 4.77 29.43
CA TYR B 27 -49.19 5.08 28.51
C TYR B 27 -49.06 4.19 27.29
N GLY B 28 -50.13 3.46 27.01
CA GLY B 28 -50.22 2.65 25.81
C GLY B 28 -49.70 1.25 25.97
N LEU B 29 -49.10 0.94 27.11
CA LEU B 29 -48.53 -0.39 27.35
C LEU B 29 -49.53 -1.35 28.03
N ASN B 30 -49.55 -2.60 27.57
CA ASN B 30 -50.49 -3.61 28.09
C ASN B 30 -50.15 -4.07 29.53
N MET B 31 -50.80 -3.44 30.49
CA MET B 31 -50.35 -3.49 31.87
C MET B 31 -50.47 -4.84 32.55
N ASP B 32 -51.03 -5.82 31.85
CA ASP B 32 -51.32 -7.12 32.46
C ASP B 32 -50.07 -7.97 32.69
N PHE B 33 -48.98 -7.64 32.00
CA PHE B 33 -47.72 -8.36 32.19
C PHE B 33 -46.61 -7.40 32.63
N VAL B 34 -46.85 -6.10 32.46
CA VAL B 34 -45.91 -5.07 32.92
C VAL B 34 -46.29 -4.57 34.32
N ASP B 35 -45.78 -5.26 35.33
CA ASP B 35 -45.86 -4.80 36.71
C ASP B 35 -44.62 -3.95 36.99
N PRO B 36 -44.80 -2.63 37.24
CA PRO B 36 -43.66 -1.73 37.36
C PRO B 36 -43.13 -1.69 38.79
N ALA B 37 -43.83 -2.37 39.70
CA ALA B 37 -43.36 -2.59 41.05
C ALA B 37 -42.30 -3.70 41.09
N GLN B 38 -42.21 -4.47 40.01
CA GLN B 38 -41.16 -5.50 39.87
C GLN B 38 -39.78 -4.88 39.75
N ILE B 39 -39.71 -3.79 39.00
CA ILE B 39 -38.47 -3.07 38.84
C ILE B 39 -38.10 -2.44 40.17
N THR B 40 -39.03 -1.67 40.74
CA THR B 40 -38.78 -1.03 42.02
C THR B 40 -38.05 -2.01 42.95
N MET B 41 -38.67 -3.15 43.25
CA MET B 41 -38.07 -4.16 44.13
C MET B 41 -36.64 -4.52 43.74
N LYS B 42 -36.40 -4.66 42.45
CA LYS B 42 -35.09 -5.03 41.94
C LYS B 42 -34.11 -3.86 41.91
N VAL B 43 -34.61 -2.62 41.98
CA VAL B 43 -33.73 -1.46 41.98
C VAL B 43 -33.20 -1.24 43.38
N ILE B 44 -34.12 -1.19 44.35
CA ILE B 44 -33.81 -0.76 45.72
C ILE B 44 -33.00 -1.75 46.56
N GLN B 45 -32.39 -2.73 45.90
CA GLN B 45 -31.40 -3.56 46.56
C GLN B 45 -30.01 -3.20 46.03
N GLY B 46 -29.88 -3.12 44.69
CA GLY B 46 -28.69 -2.56 44.02
C GLY B 46 -28.64 -1.04 44.19
N LEU B 47 -28.46 -0.60 45.45
CA LEU B 47 -28.76 0.77 45.90
C LEU B 47 -28.15 1.07 47.29
N TYR B 48 -27.10 1.87 47.29
CA TYR B 48 -26.51 2.41 48.51
C TYR B 48 -27.03 3.83 48.83
N SER B 49 -26.81 4.33 50.05
CA SER B 49 -27.29 5.67 50.41
C SER B 49 -26.42 6.78 49.83
N GLY B 50 -27.07 7.84 49.34
CA GLY B 50 -26.36 8.98 48.73
C GLY B 50 -26.21 8.93 47.21
N VAL B 51 -26.67 7.85 46.60
CA VAL B 51 -26.49 7.64 45.16
C VAL B 51 -27.35 8.66 44.38
N THR B 52 -26.84 9.09 43.23
CA THR B 52 -27.51 10.12 42.41
C THR B 52 -28.82 9.64 41.83
N THR B 53 -29.81 10.51 41.97
CA THR B 53 -31.13 10.41 41.36
C THR B 53 -31.09 10.07 39.85
N VAL B 54 -29.96 10.45 39.23
CA VAL B 54 -29.68 10.16 37.83
C VAL B 54 -29.27 8.70 37.67
N GLU B 55 -28.65 8.16 38.72
CA GLU B 55 -28.21 6.78 38.70
C GLU B 55 -29.35 5.82 38.99
N LEU B 56 -30.32 6.28 39.78
CA LEU B 56 -31.58 5.55 39.96
C LEU B 56 -32.40 5.55 38.68
N ASP B 57 -31.92 6.26 37.65
CA ASP B 57 -32.52 6.20 36.30
C ASP B 57 -31.81 5.18 35.43
N THR B 58 -30.47 5.22 35.40
CA THR B 58 -29.69 4.22 34.68
C THR B 58 -29.91 2.84 35.29
N LEU B 59 -29.58 2.69 36.58
CA LEU B 59 -29.78 1.43 37.30
C LEU B 59 -31.16 0.84 37.03
N ALA B 60 -32.16 1.71 36.94
CA ALA B 60 -33.54 1.32 36.68
C ALA B 60 -33.85 0.95 35.24
N ALA B 61 -33.32 1.71 34.28
CA ALA B 61 -33.54 1.42 32.85
C ALA B 61 -32.80 0.14 32.43
N GLU B 62 -31.67 -0.13 33.09
CA GLU B 62 -30.91 -1.38 32.98
C GLU B 62 -31.72 -2.58 33.46
N THR B 63 -32.24 -2.46 34.68
CA THR B 63 -33.12 -3.48 35.26
C THR B 63 -34.34 -3.71 34.40
N ALA B 64 -34.90 -2.64 33.85
CA ALA B 64 -36.15 -2.70 33.11
C ALA B 64 -36.03 -3.51 31.82
N ALA B 65 -34.83 -3.47 31.23
CA ALA B 65 -34.54 -4.15 29.98
C ALA B 65 -34.28 -5.66 30.16
N THR B 66 -33.72 -6.05 31.31
CA THR B 66 -33.51 -7.47 31.65
C THR B 66 -34.84 -8.18 31.91
N LEU B 67 -35.94 -7.45 31.74
CA LEU B 67 -37.28 -7.97 31.88
C LEU B 67 -38.03 -7.92 30.53
N THR B 68 -37.29 -7.76 29.44
CA THR B 68 -37.82 -8.02 28.11
C THR B 68 -38.26 -9.48 28.07
N THR B 69 -37.51 -10.31 28.79
CA THR B 69 -37.71 -11.75 28.84
C THR B 69 -39.03 -12.12 29.52
N LYS B 70 -39.83 -11.11 29.82
CA LYS B 70 -41.14 -11.30 30.45
C LYS B 70 -42.27 -10.73 29.58
N HIS B 71 -42.06 -9.53 29.05
CA HIS B 71 -42.99 -8.92 28.07
C HIS B 71 -42.29 -7.79 27.32
N PRO B 72 -42.18 -7.88 25.98
CA PRO B 72 -41.41 -6.89 25.21
C PRO B 72 -41.75 -5.43 25.55
N ASP B 73 -42.98 -5.16 26.02
CA ASP B 73 -43.37 -3.82 26.51
C ASP B 73 -42.29 -3.26 27.43
N TYR B 74 -41.82 -4.10 28.36
CA TYR B 74 -40.71 -3.78 29.24
C TYR B 74 -39.51 -3.15 28.55
N ALA B 75 -39.13 -3.67 27.38
CA ALA B 75 -38.01 -3.12 26.61
C ALA B 75 -38.31 -1.71 26.11
N ILE B 76 -39.57 -1.42 25.83
CA ILE B 76 -39.95 -0.10 25.36
C ILE B 76 -39.89 0.78 26.59
N LEU B 77 -40.40 0.27 27.71
CA LEU B 77 -40.35 0.97 29.00
C LEU B 77 -38.93 1.36 29.47
N ALA B 78 -37.99 0.43 29.38
CA ALA B 78 -36.59 0.67 29.71
C ALA B 78 -36.05 1.89 28.98
N ALA B 79 -36.43 2.04 27.71
CA ALA B 79 -36.02 3.20 26.89
C ALA B 79 -36.64 4.47 27.43
N ARG B 80 -37.97 4.49 27.48
CA ARG B 80 -38.75 5.57 28.10
C ARG B 80 -38.04 6.19 29.33
N ILE B 81 -37.52 5.35 30.23
CA ILE B 81 -36.77 5.78 31.43
C ILE B 81 -35.44 6.47 31.09
N ALA B 82 -34.71 5.90 30.13
CA ALA B 82 -33.45 6.49 29.68
C ALA B 82 -33.69 7.82 28.95
N VAL B 83 -34.85 7.93 28.29
CA VAL B 83 -35.18 9.10 27.49
C VAL B 83 -35.71 10.19 28.38
N SER B 84 -36.56 9.79 29.33
CA SER B 84 -37.07 10.70 30.36
C SER B 84 -35.91 11.23 31.20
N ASN B 85 -34.82 10.45 31.23
CA ASN B 85 -33.55 10.95 31.68
C ASN B 85 -32.97 11.96 30.69
N LEU B 86 -32.64 11.50 29.48
CA LEU B 86 -31.99 12.37 28.49
C LEU B 86 -32.65 13.73 28.37
N HIS B 87 -33.97 13.76 28.27
CA HIS B 87 -34.69 15.01 28.11
C HIS B 87 -34.34 15.97 29.23
N LYS B 88 -34.32 15.47 30.46
CA LYS B 88 -33.95 16.27 31.61
C LYS B 88 -32.52 16.79 31.48
N GLU B 89 -31.67 16.02 30.81
CA GLU B 89 -30.24 16.37 30.63
C GLU B 89 -29.97 17.19 29.37
N THR B 90 -31.03 17.62 28.70
CA THR B 90 -30.86 18.18 27.38
C THR B 90 -31.63 19.47 27.29
N LYS B 91 -31.18 20.38 26.42
CA LYS B 91 -31.97 21.56 26.10
C LYS B 91 -33.16 21.13 25.25
N LYS B 92 -34.34 21.67 25.57
CA LYS B 92 -35.55 21.34 24.80
C LYS B 92 -35.43 21.94 23.41
N VAL B 93 -35.59 23.26 23.30
CA VAL B 93 -35.72 23.90 22.00
C VAL B 93 -34.59 23.51 21.03
N PHE B 94 -34.99 23.12 19.82
CA PHE B 94 -34.09 22.56 18.80
C PHE B 94 -33.02 23.53 18.37
N SER B 95 -33.48 24.67 17.86
CA SER B 95 -32.60 25.73 17.36
C SER B 95 -31.53 26.21 18.37
N ASP B 96 -31.73 25.88 19.64
CA ASP B 96 -30.78 26.23 20.70
C ASP B 96 -29.61 25.26 20.66
N VAL B 97 -29.93 23.98 20.58
CA VAL B 97 -28.94 22.90 20.49
C VAL B 97 -28.08 23.07 19.25
N MET B 98 -28.69 23.50 18.15
CA MET B 98 -27.98 23.80 16.93
C MET B 98 -26.98 24.90 17.14
N GLU B 99 -27.34 25.89 17.95
CA GLU B 99 -26.44 26.98 18.26
C GLU B 99 -25.19 26.45 18.98
N ASP B 100 -25.41 25.68 20.06
CA ASP B 100 -24.32 25.08 20.86
C ASP B 100 -23.33 24.31 20.01
N LEU B 101 -23.86 23.41 19.18
CA LEU B 101 -23.10 22.51 18.35
C LEU B 101 -22.19 23.26 17.42
N TYR B 102 -22.70 24.35 16.85
CA TYR B 102 -21.88 25.20 16.00
C TYR B 102 -20.85 25.93 16.84
N ASN B 103 -21.35 26.73 17.77
CA ASN B 103 -20.49 27.62 18.55
C ASN B 103 -19.49 26.87 19.43
N TYR B 104 -19.58 25.55 19.48
CA TYR B 104 -18.69 24.72 20.31
C TYR B 104 -17.21 24.97 20.03
N ILE B 105 -16.54 25.52 21.04
CA ILE B 105 -15.08 25.69 21.01
C ILE B 105 -14.46 24.45 21.64
N ASN B 106 -13.48 23.87 20.94
CA ASN B 106 -12.73 22.70 21.40
C ASN B 106 -11.93 22.95 22.69
N PRO B 107 -12.45 22.48 23.85
CA PRO B 107 -11.87 22.83 25.16
C PRO B 107 -10.43 22.36 25.41
N HIS B 108 -9.98 21.35 24.65
CA HIS B 108 -8.56 20.99 24.68
C HIS B 108 -7.81 21.96 23.76
N ASN B 109 -7.89 21.72 22.45
CA ASN B 109 -7.36 22.60 21.40
C ASN B 109 -8.11 23.95 21.37
N GLY B 110 -7.61 24.93 22.13
CA GLY B 110 -8.21 26.28 22.32
C GLY B 110 -8.98 26.90 21.17
N LYS B 111 -8.73 26.41 19.95
CA LYS B 111 -9.43 26.82 18.72
C LYS B 111 -10.89 26.33 18.65
N HIS B 112 -11.58 26.67 17.56
CA HIS B 112 -13.02 26.45 17.36
C HIS B 112 -13.27 25.29 16.41
N SER B 113 -14.29 24.49 16.70
CA SER B 113 -14.69 23.36 15.85
C SER B 113 -16.22 23.24 15.79
N PRO B 114 -16.85 23.86 14.77
CA PRO B 114 -18.28 23.63 14.56
C PRO B 114 -18.57 22.15 14.51
N MET B 115 -19.81 21.76 14.83
CA MET B 115 -20.28 20.38 14.68
C MET B 115 -21.48 20.34 13.73
N VAL B 116 -21.95 21.51 13.33
CA VAL B 116 -22.84 21.67 12.18
C VAL B 116 -22.25 22.69 11.21
N ALA B 117 -22.64 22.60 9.94
CA ALA B 117 -22.25 23.57 8.93
C ALA B 117 -22.93 24.92 9.17
N LYS B 118 -22.24 26.01 8.80
CA LYS B 118 -22.76 27.37 8.92
C LYS B 118 -24.11 27.54 8.21
N SER B 119 -24.25 26.96 7.01
CA SER B 119 -25.50 27.01 6.25
C SER B 119 -26.65 26.35 7.02
N THR B 120 -26.46 25.08 7.38
CA THR B 120 -27.45 24.35 8.21
C THR B 120 -27.91 25.17 9.40
N LEU B 121 -26.99 25.90 10.04
CA LEU B 121 -27.35 26.71 11.20
C LEU B 121 -28.20 27.88 10.70
N ASP B 122 -27.62 28.66 9.78
CA ASP B 122 -28.24 29.87 9.26
C ASP B 122 -29.64 29.63 8.70
N ILE B 123 -29.86 28.42 8.17
CA ILE B 123 -31.22 27.96 7.84
C ILE B 123 -32.00 27.70 9.13
N VAL B 124 -31.58 26.72 9.93
CA VAL B 124 -32.28 26.42 11.17
C VAL B 124 -32.62 27.69 11.90
N LEU B 125 -31.64 28.59 12.01
CA LEU B 125 -31.79 29.84 12.75
C LEU B 125 -32.85 30.76 12.14
N ALA B 126 -32.68 31.14 10.89
CA ALA B 126 -33.65 32.00 10.22
C ALA B 126 -35.00 31.30 10.06
N ASN B 127 -35.07 30.04 10.46
CA ASN B 127 -36.30 29.23 10.38
C ASN B 127 -36.71 28.61 11.73
N LYS B 128 -36.10 29.15 12.81
CA LYS B 128 -36.41 28.91 14.23
C LYS B 128 -37.88 28.58 14.48
N ASP B 129 -38.70 29.55 14.09
CA ASP B 129 -40.15 29.62 14.25
C ASP B 129 -40.90 28.31 14.02
N ARG B 130 -40.79 27.83 12.78
CA ARG B 130 -41.58 26.70 12.33
C ARG B 130 -40.95 25.41 12.79
N LEU B 131 -39.64 25.31 12.61
CA LEU B 131 -38.88 24.11 12.96
C LEU B 131 -38.93 23.74 14.44
N ASN B 132 -38.91 24.73 15.32
CA ASN B 132 -38.89 24.41 16.74
C ASN B 132 -40.19 23.73 17.14
N SER B 133 -41.30 24.37 16.82
CA SER B 133 -42.61 23.86 17.18
C SER B 133 -42.97 22.62 16.36
N ALA B 134 -42.18 22.28 15.35
CA ALA B 134 -42.48 21.11 14.53
C ALA B 134 -42.21 19.84 15.31
N ILE B 135 -41.09 19.84 16.03
CA ILE B 135 -40.62 18.65 16.75
C ILE B 135 -41.57 18.13 17.85
N ILE B 136 -41.83 16.83 17.81
CA ILE B 136 -42.69 16.17 18.79
C ILE B 136 -41.83 15.24 19.67
N TYR B 137 -41.39 15.76 20.81
CA TYR B 137 -40.57 14.98 21.76
C TYR B 137 -41.25 13.72 22.30
N ASP B 138 -42.59 13.69 22.29
CA ASP B 138 -43.35 12.50 22.59
C ASP B 138 -43.20 11.42 21.49
N ARG B 139 -42.21 11.58 20.62
CA ARG B 139 -41.81 10.52 19.68
C ARG B 139 -40.53 9.82 20.15
N ASP B 140 -39.78 10.49 21.02
CA ASP B 140 -38.56 9.92 21.59
C ASP B 140 -38.87 8.75 22.50
N PHE B 141 -40.12 8.71 22.95
CA PHE B 141 -40.58 7.62 23.80
C PHE B 141 -41.08 6.43 23.01
N SER B 142 -40.76 6.37 21.70
CA SER B 142 -41.29 5.27 20.88
C SER B 142 -40.27 4.22 20.44
N TYR B 143 -39.02 4.36 20.89
CA TYR B 143 -37.99 3.34 20.69
C TYR B 143 -37.97 2.38 21.87
N ASN B 144 -37.18 1.31 21.75
CA ASN B 144 -36.91 0.40 22.84
C ASN B 144 -35.47 0.60 23.28
N TYR B 145 -35.14 0.05 24.43
CA TYR B 145 -33.85 0.28 25.07
C TYR B 145 -32.65 0.00 24.16
N PHE B 146 -32.80 -0.95 23.26
CA PHE B 146 -31.65 -1.37 22.44
C PHE B 146 -31.39 -0.45 21.27
N GLY B 147 -32.46 -0.07 20.57
CA GLY B 147 -32.38 0.93 19.52
C GLY B 147 -31.77 2.16 20.14
N PHE B 148 -32.28 2.52 21.32
CA PHE B 148 -31.91 3.75 21.98
C PHE B 148 -30.45 3.82 22.30
N LYS B 149 -29.94 2.77 22.91
CA LYS B 149 -28.52 2.74 23.24
C LYS B 149 -27.59 2.74 22.01
N THR B 150 -28.06 2.24 20.86
CA THR B 150 -27.27 2.37 19.63
C THR B 150 -27.24 3.84 19.22
N LEU B 151 -28.41 4.46 19.16
CA LEU B 151 -28.51 5.91 18.97
C LEU B 151 -27.60 6.67 19.89
N GLU B 152 -27.69 6.39 21.18
CA GLU B 152 -26.87 7.06 22.19
C GLU B 152 -25.39 6.82 21.98
N ARG B 153 -25.02 5.65 21.50
CA ARG B 153 -23.61 5.31 21.45
C ARG B 153 -22.86 5.95 20.28
N SER B 154 -23.58 6.40 19.25
CA SER B 154 -22.94 7.00 18.04
C SER B 154 -23.79 7.96 17.14
N TYR B 155 -25.08 8.08 17.43
CA TYR B 155 -25.97 8.79 16.52
C TYR B 155 -26.47 10.15 16.99
N LEU B 156 -26.27 10.47 18.25
CA LEU B 156 -26.55 11.81 18.74
C LEU B 156 -25.18 12.39 18.94
N LEU B 157 -25.05 13.70 18.85
CA LEU B 157 -23.75 14.33 19.04
C LEU B 157 -23.45 14.59 20.51
N LYS B 158 -22.20 14.34 20.91
CA LYS B 158 -21.74 14.64 22.28
C LYS B 158 -20.93 15.90 22.27
N ILE B 159 -21.37 16.91 23.01
CA ILE B 159 -20.48 18.01 23.40
C ILE B 159 -19.70 17.53 24.61
N ASN B 160 -18.41 17.30 24.41
CA ASN B 160 -17.51 16.84 25.48
C ASN B 160 -18.14 15.85 26.43
N GLY B 161 -18.34 14.62 25.95
CA GLY B 161 -18.95 13.56 26.73
C GLY B 161 -20.45 13.72 26.74
N LYS B 162 -20.92 14.89 27.16
CA LYS B 162 -22.34 15.18 27.29
C LYS B 162 -23.05 15.14 25.92
N VAL B 163 -23.96 14.19 25.78
CA VAL B 163 -24.79 14.07 24.60
C VAL B 163 -25.66 15.32 24.51
N ALA B 164 -25.28 16.20 23.60
CA ALA B 164 -26.06 17.41 23.37
C ALA B 164 -27.44 17.14 22.76
N GLU B 165 -27.50 16.30 21.72
CA GLU B 165 -28.71 16.16 20.92
C GLU B 165 -29.71 15.19 21.52
N ARG B 166 -30.98 15.60 21.50
CA ARG B 166 -32.10 14.67 21.63
C ARG B 166 -32.37 14.01 20.27
N PRO B 167 -32.89 12.78 20.27
CA PRO B 167 -33.12 12.01 19.06
C PRO B 167 -33.89 12.74 17.97
N GLN B 168 -34.80 13.63 18.38
CA GLN B 168 -35.55 14.49 17.46
C GLN B 168 -34.71 15.62 16.91
N HIS B 169 -33.84 16.22 17.73
CA HIS B 169 -32.88 17.21 17.22
C HIS B 169 -32.02 16.61 16.13
N MET B 170 -31.59 15.37 16.36
CA MET B 170 -30.87 14.61 15.35
C MET B 170 -31.71 14.40 14.06
N LEU B 171 -32.87 13.76 14.20
CA LEU B 171 -33.80 13.55 13.08
C LEU B 171 -34.01 14.84 12.34
N MET B 172 -34.29 15.90 13.08
CA MET B 172 -34.46 17.23 12.51
C MET B 172 -33.23 17.74 11.76
N ARG B 173 -32.04 17.70 12.38
CA ARG B 173 -30.83 18.17 11.69
C ARG B 173 -30.71 17.48 10.36
N VAL B 174 -30.89 16.17 10.37
CA VAL B 174 -30.82 15.41 9.15
C VAL B 174 -31.80 15.91 8.08
N SER B 175 -33.02 16.31 8.48
CA SER B 175 -34.04 16.76 7.51
C SER B 175 -33.63 18.06 6.84
N VAL B 176 -33.31 19.06 7.66
CA VAL B 176 -32.80 20.34 7.18
C VAL B 176 -31.51 20.10 6.40
N GLY B 177 -30.70 19.18 6.88
CA GLY B 177 -29.47 18.77 6.21
C GLY B 177 -29.69 18.27 4.79
N ILE B 178 -30.80 17.60 4.56
CA ILE B 178 -31.19 17.20 3.21
C ILE B 178 -31.88 18.35 2.47
N HIS B 179 -32.79 19.05 3.14
CA HIS B 179 -33.72 19.93 2.46
C HIS B 179 -33.38 21.43 2.40
N LYS B 180 -32.38 21.87 3.16
CA LYS B 180 -31.98 23.30 3.19
C LYS B 180 -33.21 24.23 3.23
N GLU B 181 -33.25 25.26 2.38
CA GLU B 181 -34.31 26.30 2.44
C GLU B 181 -35.74 25.79 2.11
N ASP B 182 -35.81 24.56 1.61
CA ASP B 182 -37.07 23.87 1.32
C ASP B 182 -37.77 23.36 2.58
N ILE B 183 -38.27 24.32 3.36
CA ILE B 183 -38.75 24.09 4.72
C ILE B 183 -40.03 23.27 4.82
N ASP B 184 -40.85 23.30 3.76
CA ASP B 184 -42.04 22.46 3.69
C ASP B 184 -41.64 20.98 3.73
N ALA B 185 -40.65 20.62 2.90
CA ALA B 185 -40.25 19.24 2.75
C ALA B 185 -39.38 18.73 3.90
N ALA B 186 -38.59 19.60 4.51
CA ALA B 186 -37.78 19.23 5.68
C ALA B 186 -38.65 18.66 6.79
N ILE B 187 -39.77 19.36 6.99
CA ILE B 187 -40.73 19.06 8.03
C ILE B 187 -41.47 17.78 7.72
N GLU B 188 -41.78 17.57 6.45
CA GLU B 188 -42.48 16.39 6.00
C GLU B 188 -41.62 15.18 6.18
N THR B 189 -40.34 15.31 5.82
CA THR B 189 -39.35 14.26 6.07
C THR B 189 -39.19 14.01 7.58
N TYR B 190 -38.94 15.08 8.35
CA TYR B 190 -38.80 14.93 9.79
C TYR B 190 -39.96 14.10 10.36
N ASN B 191 -41.18 14.37 9.89
CA ASN B 191 -42.35 13.65 10.37
C ASN B 191 -42.34 12.20 10.02
N LEU B 192 -41.89 11.89 8.81
CA LEU B 192 -41.86 10.50 8.34
C LEU B 192 -40.68 9.71 8.91
N LEU B 193 -39.62 10.39 9.35
CA LEU B 193 -38.52 9.72 10.04
C LEU B 193 -38.92 9.45 11.49
N SER B 194 -39.43 10.49 12.15
CA SER B 194 -39.82 10.44 13.56
C SER B 194 -41.07 9.59 13.80
N GLU B 195 -41.85 9.33 12.77
CA GLU B 195 -42.96 8.39 12.90
C GLU B 195 -42.55 6.97 12.48
N ARG B 196 -41.29 6.83 12.11
CA ARG B 196 -40.61 5.54 11.89
C ARG B 196 -41.01 4.75 10.63
N TRP B 197 -41.28 5.48 9.54
CA TRP B 197 -41.68 4.89 8.27
C TRP B 197 -40.50 4.46 7.39
N PHE B 198 -39.38 5.15 7.58
CA PHE B 198 -38.11 4.83 6.94
C PHE B 198 -36.93 5.45 7.70
N THR B 199 -35.73 5.04 7.29
CA THR B 199 -34.49 5.49 7.92
C THR B 199 -33.42 5.66 6.85
N HIS B 200 -32.69 6.77 6.92
CA HIS B 200 -31.61 7.03 6.00
C HIS B 200 -30.40 6.18 6.39
N ALA B 201 -29.50 5.88 5.46
CA ALA B 201 -28.32 5.10 5.81
C ALA B 201 -27.51 5.85 6.86
N SER B 202 -26.77 5.12 7.67
CA SER B 202 -25.98 5.69 8.76
C SER B 202 -25.11 6.89 8.38
N PRO B 203 -24.34 6.80 7.25
CA PRO B 203 -23.48 7.92 6.90
C PRO B 203 -24.27 9.23 6.74
N THR B 204 -25.50 9.12 6.25
CA THR B 204 -26.41 10.26 6.22
C THR B 204 -26.84 10.62 7.61
N LEU B 205 -27.23 9.62 8.39
CA LEU B 205 -27.63 9.90 9.76
C LEU B 205 -26.54 10.66 10.50
N PHE B 206 -25.31 10.14 10.47
CA PHE B 206 -24.15 10.82 11.06
C PHE B 206 -23.94 12.26 10.58
N ASN B 207 -23.67 12.41 9.28
CA ASN B 207 -23.11 13.64 8.69
C ASN B 207 -24.09 14.67 8.13
N ALA B 208 -25.35 14.27 7.91
CA ALA B 208 -26.37 15.18 7.34
C ALA B 208 -26.38 16.51 8.07
N GLY B 209 -26.25 17.57 7.30
CA GLY B 209 -26.22 18.92 7.86
C GLY B 209 -25.03 19.25 8.75
N THR B 210 -23.93 18.51 8.59
CA THR B 210 -22.63 18.89 9.16
C THR B 210 -21.78 19.44 8.01
N ASN B 211 -20.56 19.89 8.30
CA ASN B 211 -19.73 20.42 7.22
C ASN B 211 -18.95 19.36 6.41
N ARG B 212 -18.79 19.61 5.09
CA ARG B 212 -18.34 18.59 4.12
C ARG B 212 -18.98 17.21 4.29
N PRO B 213 -20.31 17.14 4.08
CA PRO B 213 -21.13 15.95 4.32
C PRO B 213 -20.71 14.72 3.55
N GLN B 214 -20.24 13.69 4.26
CA GLN B 214 -20.08 12.36 3.66
C GLN B 214 -21.39 11.61 3.86
N LEU B 215 -22.24 11.71 2.85
CA LEU B 215 -23.57 11.15 2.92
C LEU B 215 -23.71 9.75 2.35
N SER B 216 -22.69 9.31 1.62
CA SER B 216 -22.80 8.03 0.96
C SER B 216 -21.89 6.92 1.44
N SER B 217 -22.47 5.74 1.51
CA SER B 217 -21.83 4.59 2.15
C SER B 217 -20.96 3.76 1.21
N CYS B 218 -21.44 3.54 -0.01
CA CYS B 218 -20.79 2.58 -0.88
C CYS B 218 -20.25 3.14 -2.16
N PHE B 219 -19.12 2.56 -2.56
CA PHE B 219 -18.32 2.98 -3.67
C PHE B 219 -17.85 1.73 -4.40
N LEU B 220 -17.89 1.79 -5.74
CA LEU B 220 -17.41 0.70 -6.61
C LEU B 220 -16.26 1.15 -7.53
N LEU B 221 -15.21 0.33 -7.62
CA LEU B 221 -14.02 0.66 -8.43
C LEU B 221 -13.63 -0.42 -9.41
N SER B 222 -13.27 -0.03 -10.62
CA SER B 222 -12.56 -0.92 -11.52
C SER B 222 -11.09 -0.55 -11.48
N MET B 223 -10.19 -1.54 -11.42
CA MET B 223 -8.75 -1.28 -11.46
C MET B 223 -8.42 -0.37 -12.65
N LYS B 224 -7.37 0.46 -12.53
CA LYS B 224 -7.08 1.42 -13.59
C LYS B 224 -6.30 0.82 -14.76
N ASP B 225 -5.55 -0.24 -14.48
CA ASP B 225 -5.23 -1.27 -15.48
C ASP B 225 -3.94 -1.97 -15.17
N ASP B 226 -3.56 -2.85 -16.08
CA ASP B 226 -2.33 -3.57 -15.95
C ASP B 226 -1.16 -2.59 -15.99
N SER B 227 -0.93 -1.93 -14.87
CA SER B 227 0.24 -1.11 -14.70
C SER B 227 0.54 -0.81 -13.24
N ILE B 228 1.82 -0.79 -12.89
CA ILE B 228 2.25 -0.24 -11.63
C ILE B 228 1.56 1.11 -11.42
N GLU B 229 1.52 1.95 -12.45
CA GLU B 229 0.78 3.21 -12.31
C GLU B 229 -0.74 3.07 -12.11
N GLY B 230 -1.37 2.11 -12.78
CA GLY B 230 -2.82 1.93 -12.62
C GLY B 230 -3.12 1.47 -11.23
N ILE B 231 -2.36 0.48 -10.79
CA ILE B 231 -2.48 -0.12 -9.48
C ILE B 231 -2.46 0.93 -8.37
N TYR B 232 -1.47 1.81 -8.44
CA TYR B 232 -1.25 2.74 -7.36
C TYR B 232 -2.20 3.91 -7.40
N ASP B 233 -2.75 4.19 -8.57
CA ASP B 233 -3.81 5.18 -8.72
C ASP B 233 -5.12 4.68 -8.12
N THR B 234 -5.41 3.41 -8.36
CA THR B 234 -6.60 2.81 -7.78
C THR B 234 -6.41 2.63 -6.27
N LEU B 235 -5.16 2.61 -5.82
CA LEU B 235 -4.91 2.45 -4.40
C LEU B 235 -5.05 3.78 -3.70
N LYS B 236 -4.62 4.86 -4.33
CA LYS B 236 -4.83 6.19 -3.78
C LYS B 236 -6.32 6.48 -3.64
N GLN B 237 -7.10 6.10 -4.65
CA GLN B 237 -8.55 6.22 -4.62
C GLN B 237 -9.13 5.49 -3.43
N CYS B 238 -8.77 4.21 -3.28
CA CYS B 238 -9.28 3.38 -2.20
C CYS B 238 -8.93 3.96 -0.86
N ALA B 239 -7.70 4.45 -0.73
CA ALA B 239 -7.25 5.14 0.47
C ALA B 239 -8.15 6.34 0.71
N LEU B 240 -8.23 7.21 -0.29
CA LEU B 240 -9.07 8.40 -0.20
C LEU B 240 -10.53 8.14 0.16
N ILE B 241 -11.10 7.03 -0.29
CA ILE B 241 -12.49 6.75 -0.01
C ILE B 241 -12.65 6.19 1.38
N SER B 242 -11.68 5.37 1.77
CA SER B 242 -11.61 4.78 3.10
C SER B 242 -11.44 5.84 4.21
N LYS B 243 -10.67 6.90 3.93
CA LYS B 243 -10.53 8.01 4.87
C LYS B 243 -11.89 8.70 5.11
N SER B 244 -12.77 8.61 4.13
CA SER B 244 -14.10 9.22 4.18
C SER B 244 -15.13 8.22 4.65
N ALA B 245 -14.64 7.18 5.34
CA ALA B 245 -15.48 6.15 5.93
C ALA B 245 -16.39 5.47 4.92
N GLY B 246 -15.90 5.22 3.71
CA GLY B 246 -16.76 4.62 2.69
C GLY B 246 -16.43 3.15 2.48
N GLY B 247 -17.44 2.30 2.41
CA GLY B 247 -17.21 0.91 2.03
C GLY B 247 -16.90 0.77 0.54
N ILE B 248 -16.09 -0.22 0.16
CA ILE B 248 -15.59 -0.35 -1.22
C ILE B 248 -15.68 -1.78 -1.76
N GLY B 249 -15.91 -1.90 -3.07
CA GLY B 249 -15.82 -3.19 -3.78
C GLY B 249 -15.05 -2.92 -5.05
N VAL B 250 -14.14 -3.82 -5.43
CA VAL B 250 -13.21 -3.55 -6.52
C VAL B 250 -13.11 -4.63 -7.60
N ALA B 251 -13.09 -4.19 -8.85
CA ALA B 251 -12.87 -5.04 -10.02
C ALA B 251 -11.36 -5.27 -10.32
N VAL B 252 -10.84 -6.44 -9.96
CA VAL B 252 -9.38 -6.69 -10.03
C VAL B 252 -8.93 -7.64 -11.17
N SER B 253 -9.86 -8.00 -12.04
CA SER B 253 -9.62 -9.09 -12.97
C SER B 253 -8.64 -8.80 -14.08
N CYS B 254 -8.34 -7.51 -14.29
CA CYS B 254 -7.52 -7.14 -15.45
C CYS B 254 -6.07 -7.37 -15.17
N ILE B 255 -5.73 -7.61 -13.92
CA ILE B 255 -4.33 -7.69 -13.49
C ILE B 255 -3.66 -8.96 -14.01
N ARG B 256 -2.43 -8.83 -14.51
CA ARG B 256 -1.64 -9.98 -15.01
C ARG B 256 -1.55 -11.12 -14.02
N ALA B 257 -1.46 -12.34 -14.56
CA ALA B 257 -1.36 -13.54 -13.75
C ALA B 257 0.04 -13.79 -13.26
N THR B 258 0.14 -14.56 -12.16
CA THR B 258 1.43 -15.03 -11.65
C THR B 258 2.23 -15.71 -12.76
N GLY B 259 3.27 -15.02 -13.24
CA GLY B 259 4.13 -15.53 -14.30
C GLY B 259 4.19 -14.62 -15.51
N SER B 260 3.03 -14.16 -15.98
CA SER B 260 2.90 -13.31 -17.17
C SER B 260 4.06 -12.37 -17.46
N TYR B 261 4.47 -12.32 -18.74
CA TYR B 261 5.62 -11.53 -19.15
C TYR B 261 5.42 -10.03 -18.86
N ILE B 262 6.49 -9.35 -18.46
CA ILE B 262 6.43 -7.90 -18.28
C ILE B 262 7.45 -7.32 -19.22
N ALA B 263 6.98 -6.67 -20.29
CA ALA B 263 7.85 -6.13 -21.35
C ALA B 263 9.01 -5.23 -20.90
N GLY B 264 8.68 -4.04 -20.38
CA GLY B 264 9.66 -3.02 -20.03
C GLY B 264 10.82 -3.42 -19.14
N THR B 265 10.68 -4.54 -18.44
CA THR B 265 11.67 -4.99 -17.45
C THR B 265 12.24 -6.41 -17.69
N ASN B 266 11.68 -7.11 -18.67
CA ASN B 266 12.02 -8.51 -18.96
C ASN B 266 11.66 -9.50 -17.84
N GLY B 267 11.56 -8.99 -16.61
CA GLY B 267 11.08 -9.77 -15.47
C GLY B 267 9.70 -10.36 -15.69
N ASN B 268 9.06 -10.79 -14.60
CA ASN B 268 7.77 -11.49 -14.70
C ASN B 268 6.78 -11.14 -13.61
N SER B 269 5.49 -11.17 -13.93
CA SER B 269 4.45 -10.70 -13.00
C SER B 269 4.20 -11.62 -11.83
N ASN B 270 4.26 -11.04 -10.63
CA ASN B 270 4.00 -11.80 -9.41
C ASN B 270 2.51 -12.12 -9.08
N GLY B 271 1.60 -11.66 -9.93
CA GLY B 271 0.19 -12.06 -9.84
C GLY B 271 -0.66 -11.19 -8.93
N LEU B 272 -1.89 -11.65 -8.68
CA LEU B 272 -2.85 -10.90 -7.86
C LEU B 272 -2.55 -10.92 -6.38
N VAL B 273 -1.99 -12.02 -5.94
CA VAL B 273 -1.83 -12.27 -4.53
C VAL B 273 -0.98 -11.20 -3.90
N PRO B 274 0.31 -11.14 -4.25
CA PRO B 274 1.12 -9.99 -3.87
C PRO B 274 0.42 -8.62 -3.92
N MET B 275 -0.28 -8.30 -5.00
CA MET B 275 -0.95 -7.00 -5.06
C MET B 275 -2.02 -6.84 -3.98
N LEU B 276 -2.79 -7.90 -3.75
CA LEU B 276 -3.80 -7.92 -2.70
C LEU B 276 -3.21 -7.74 -1.29
N ARG B 277 -1.98 -8.19 -1.06
CA ARG B 277 -1.29 -7.87 0.19
C ARG B 277 -1.20 -6.36 0.35
N VAL B 278 -0.69 -5.68 -0.66
CA VAL B 278 -0.62 -4.22 -0.71
C VAL B 278 -1.99 -3.56 -0.41
N TYR B 279 -3.06 -4.12 -0.95
CA TYR B 279 -4.42 -3.63 -0.65
C TYR B 279 -4.92 -3.91 0.78
N ASN B 280 -4.38 -4.95 1.39
CA ASN B 280 -4.73 -5.31 2.74
C ASN B 280 -4.00 -4.31 3.63
N ASN B 281 -2.69 -4.28 3.48
CA ASN B 281 -1.84 -3.33 4.17
C ASN B 281 -2.40 -1.90 4.16
N THR B 282 -3.02 -1.49 3.05
CA THR B 282 -3.62 -0.16 2.95
C THR B 282 -4.95 -0.09 3.64
N ALA B 283 -5.76 -1.13 3.53
CA ALA B 283 -7.03 -1.20 4.26
C ALA B 283 -6.80 -1.12 5.78
N ARG B 284 -5.71 -1.73 6.25
CA ARG B 284 -5.40 -1.77 7.67
C ARG B 284 -5.06 -0.39 8.12
N TYR B 285 -4.28 0.31 7.32
CA TYR B 285 -3.70 1.58 7.70
C TYR B 285 -4.61 2.82 7.55
N VAL B 286 -5.53 2.84 6.59
CA VAL B 286 -6.46 3.95 6.55
C VAL B 286 -7.74 3.50 7.22
N ASP B 287 -8.44 4.43 7.87
CA ASP B 287 -9.55 4.09 8.80
C ASP B 287 -11.02 4.46 8.40
N GLN B 288 -11.65 5.37 9.14
CA GLN B 288 -13.04 5.77 8.86
C GLN B 288 -13.53 6.94 9.72
N LYS B 292 -10.66 3.29 15.19
CA LYS B 292 -11.46 2.23 15.82
C LYS B 292 -12.20 1.34 14.77
N ARG B 293 -12.09 1.72 13.50
CA ARG B 293 -12.60 0.92 12.37
C ARG B 293 -11.63 0.97 11.17
N PRO B 294 -11.13 -0.22 10.72
CA PRO B 294 -10.29 -0.36 9.51
C PRO B 294 -11.11 -0.42 8.24
N GLY B 295 -10.62 0.15 7.14
CA GLY B 295 -11.35 0.18 5.87
C GLY B 295 -11.78 -1.20 5.41
N ALA B 296 -12.84 -1.30 4.61
CA ALA B 296 -13.29 -2.61 4.13
C ALA B 296 -13.43 -2.69 2.60
N PHE B 297 -12.51 -3.42 1.96
CA PHE B 297 -12.53 -3.67 0.50
C PHE B 297 -13.10 -5.05 0.13
N ALA B 298 -14.00 -5.11 -0.85
CA ALA B 298 -14.42 -6.40 -1.40
C ALA B 298 -13.76 -6.54 -2.74
N ILE B 299 -13.10 -7.68 -2.97
CA ILE B 299 -12.33 -7.88 -4.20
C ILE B 299 -13.09 -8.81 -5.13
N TYR B 300 -13.36 -8.36 -6.34
CA TYR B 300 -14.09 -9.16 -7.29
C TYR B 300 -13.19 -9.78 -8.35
N LEU B 301 -13.11 -11.12 -8.34
CA LEU B 301 -12.40 -11.85 -9.37
C LEU B 301 -13.34 -12.64 -10.24
N GLU B 302 -12.97 -12.79 -11.51
CA GLU B 302 -13.71 -13.60 -12.46
C GLU B 302 -13.01 -14.94 -12.56
N PRO B 303 -13.78 -16.03 -12.69
CA PRO B 303 -13.24 -17.37 -12.50
C PRO B 303 -12.51 -17.91 -13.72
N TRP B 304 -12.24 -17.06 -14.71
CA TRP B 304 -11.34 -17.46 -15.76
C TRP B 304 -9.92 -16.98 -15.54
N HIS B 305 -9.67 -16.26 -14.43
CA HIS B 305 -8.35 -15.72 -14.15
C HIS B 305 -7.45 -16.80 -13.59
N LEU B 306 -6.25 -16.90 -14.15
CA LEU B 306 -5.25 -17.90 -13.74
C LEU B 306 -4.97 -17.96 -12.25
N ASP B 307 -5.14 -16.85 -11.54
CA ASP B 307 -4.81 -16.84 -10.12
C ASP B 307 -5.96 -17.20 -9.15
N ILE B 308 -7.08 -17.65 -9.70
CA ILE B 308 -8.24 -18.00 -8.87
C ILE B 308 -7.95 -18.95 -7.68
N PHE B 309 -7.16 -19.99 -7.87
CA PHE B 309 -6.94 -20.90 -6.76
C PHE B 309 -6.24 -20.24 -5.57
N GLU B 310 -5.38 -19.26 -5.82
CA GLU B 310 -4.66 -18.54 -4.77
C GLU B 310 -5.64 -17.59 -4.11
N PHE B 311 -6.34 -16.86 -4.97
CA PHE B 311 -7.43 -16.00 -4.59
C PHE B 311 -8.32 -16.70 -3.59
N LEU B 312 -8.41 -18.01 -3.70
CA LEU B 312 -9.33 -18.81 -2.91
C LEU B 312 -8.88 -19.14 -1.47
N ASP B 313 -7.59 -19.45 -1.25
CA ASP B 313 -7.11 -19.73 0.13
C ASP B 313 -6.65 -18.50 0.93
N LEU B 314 -6.79 -17.33 0.32
CA LEU B 314 -6.35 -16.07 0.92
C LEU B 314 -7.16 -15.64 2.14
N LYS B 315 -8.39 -16.15 2.25
CA LYS B 315 -9.22 -15.74 3.37
C LYS B 315 -9.02 -16.67 4.58
N LYS B 316 -8.34 -17.81 4.36
CA LYS B 316 -8.07 -18.76 5.43
C LYS B 316 -7.21 -18.17 6.58
N ASN B 317 -7.58 -18.54 7.81
CA ASN B 317 -6.74 -18.27 9.00
C ASN B 317 -5.75 -19.41 9.27
N THR B 318 -5.76 -20.41 8.36
CA THR B 318 -4.83 -21.54 8.39
C THR B 318 -4.05 -21.63 7.07
N GLY B 319 -2.72 -21.66 7.15
CA GLY B 319 -1.85 -21.72 5.96
C GLY B 319 -0.41 -21.23 6.14
N LYS B 320 -0.11 -20.05 5.58
CA LYS B 320 1.20 -19.39 5.67
C LYS B 320 1.02 -17.87 5.70
N GLU B 321 1.78 -17.17 6.54
CA GLU B 321 1.62 -15.71 6.71
C GLU B 321 1.69 -14.89 5.41
N GLU B 322 2.62 -15.25 4.54
CA GLU B 322 2.86 -14.49 3.30
C GLU B 322 1.63 -14.35 2.37
N GLN B 323 0.91 -15.45 2.15
CA GLN B 323 -0.27 -15.50 1.24
C GLN B 323 -1.64 -15.38 1.94
N ARG B 324 -1.74 -14.47 2.92
CA ARG B 324 -3.03 -14.22 3.59
C ARG B 324 -3.44 -12.72 3.53
N ALA B 325 -4.73 -12.46 3.77
CA ALA B 325 -5.33 -11.12 3.62
C ALA B 325 -6.67 -10.99 4.36
N ARG B 326 -6.66 -11.31 5.64
CA ARG B 326 -7.87 -11.32 6.43
C ARG B 326 -8.26 -9.87 6.80
N ASP B 327 -8.71 -9.11 5.80
CA ASP B 327 -9.12 -7.72 5.94
C ASP B 327 -9.76 -7.24 4.64
N LEU B 328 -9.58 -8.07 3.63
CA LEU B 328 -10.27 -7.89 2.39
C LEU B 328 -11.39 -8.91 2.41
N PHE B 329 -12.46 -8.65 1.65
CA PHE B 329 -13.55 -9.58 1.50
C PHE B 329 -13.65 -10.00 0.05
N PHE B 330 -13.71 -11.31 -0.17
CA PHE B 330 -13.55 -11.88 -1.52
C PHE B 330 -14.87 -12.21 -2.18
N ALA B 331 -14.96 -11.90 -3.47
CA ALA B 331 -16.17 -12.12 -4.23
C ALA B 331 -15.85 -12.62 -5.64
N LEU B 332 -16.79 -13.35 -6.23
CA LEU B 332 -16.64 -13.87 -7.58
C LEU B 332 -17.69 -13.29 -8.48
N TRP B 333 -17.22 -12.71 -9.58
CA TRP B 333 -18.03 -12.25 -10.69
C TRP B 333 -18.09 -13.42 -11.68
N ILE B 334 -19.21 -14.13 -11.72
CA ILE B 334 -19.29 -15.46 -12.36
C ILE B 334 -20.04 -15.45 -13.68
N PRO B 335 -19.33 -15.80 -14.78
CA PRO B 335 -20.01 -15.90 -16.11
C PRO B 335 -20.98 -17.09 -16.19
N ASP B 336 -22.00 -17.03 -17.04
CA ASP B 336 -22.92 -18.17 -17.14
C ASP B 336 -22.12 -19.39 -17.57
N LEU B 337 -21.06 -19.14 -18.35
CA LEU B 337 -20.32 -20.24 -18.99
C LEU B 337 -19.74 -21.16 -17.96
N PHE B 338 -19.21 -20.58 -16.88
CA PHE B 338 -18.51 -21.39 -15.90
C PHE B 338 -19.46 -22.40 -15.32
N MET B 339 -20.70 -21.97 -15.10
CA MET B 339 -21.71 -22.79 -14.49
C MET B 339 -22.16 -23.94 -15.40
N LYS B 340 -22.46 -23.63 -16.66
CA LYS B 340 -22.63 -24.66 -17.70
C LYS B 340 -21.46 -25.64 -17.76
N ARG B 341 -20.25 -25.12 -17.77
CA ARG B 341 -19.11 -26.00 -17.81
C ARG B 341 -19.06 -26.95 -16.61
N VAL B 342 -19.50 -26.49 -15.43
CA VAL B 342 -19.46 -27.31 -14.21
C VAL B 342 -20.43 -28.49 -14.32
N GLU B 343 -21.72 -28.21 -14.51
CA GLU B 343 -22.75 -29.25 -14.57
C GLU B 343 -22.66 -30.19 -15.77
N THR B 344 -21.74 -29.95 -16.69
CA THR B 344 -21.51 -30.90 -17.76
C THR B 344 -20.05 -31.29 -17.82
N ASN B 345 -19.45 -31.38 -16.65
CA ASN B 345 -18.14 -31.97 -16.47
C ASN B 345 -17.08 -31.65 -17.53
N GLN B 346 -17.22 -30.54 -18.24
CA GLN B 346 -16.24 -30.23 -19.26
C GLN B 346 -15.04 -29.53 -18.62
N ASP B 347 -13.94 -29.43 -19.38
CA ASP B 347 -12.73 -28.73 -18.97
C ASP B 347 -13.05 -27.26 -18.87
N TRP B 348 -12.13 -26.49 -18.29
CA TRP B 348 -12.27 -25.04 -18.10
C TRP B 348 -10.91 -24.39 -18.11
N SER B 349 -10.73 -23.38 -18.95
CA SER B 349 -9.40 -22.84 -19.21
C SER B 349 -9.18 -21.60 -18.41
N LEU B 350 -7.98 -21.48 -17.84
CA LEU B 350 -7.60 -20.33 -17.09
C LEU B 350 -6.63 -19.53 -17.93
N MET B 351 -6.86 -18.23 -17.97
CA MET B 351 -6.12 -17.32 -18.84
C MET B 351 -5.46 -16.17 -18.11
N CYS B 352 -4.54 -15.52 -18.81
CA CYS B 352 -4.02 -14.25 -18.36
C CYS B 352 -4.75 -13.15 -19.11
N PRO B 353 -5.24 -12.14 -18.38
CA PRO B 353 -5.88 -11.03 -19.09
C PRO B 353 -4.90 -10.28 -20.00
N ASN B 354 -3.60 -10.55 -19.85
CA ASN B 354 -2.59 -9.96 -20.74
C ASN B 354 -2.46 -10.66 -22.08
N GLU B 355 -2.32 -11.98 -22.06
CA GLU B 355 -2.33 -12.74 -23.29
C GLU B 355 -3.75 -12.84 -23.86
N CYS B 356 -4.76 -12.53 -23.04
CA CYS B 356 -6.15 -12.70 -23.45
C CYS B 356 -7.04 -11.50 -23.08
N PRO B 357 -6.79 -10.34 -23.72
CA PRO B 357 -7.44 -9.12 -23.30
C PRO B 357 -8.92 -9.13 -23.57
N GLY B 358 -9.66 -8.30 -22.82
CA GLY B 358 -11.03 -7.99 -23.16
C GLY B 358 -12.08 -8.84 -22.49
N LEU B 359 -11.64 -9.88 -21.80
CA LEU B 359 -12.56 -10.83 -21.18
C LEU B 359 -13.58 -10.18 -20.27
N ASP B 360 -13.10 -9.34 -19.36
CA ASP B 360 -13.93 -8.69 -18.37
C ASP B 360 -14.75 -7.51 -18.89
N GLU B 361 -14.37 -6.96 -20.05
CA GLU B 361 -15.09 -5.81 -20.60
C GLU B 361 -16.26 -6.19 -21.53
N VAL B 362 -16.80 -7.38 -21.32
CA VAL B 362 -17.74 -7.99 -22.26
C VAL B 362 -18.43 -9.17 -21.57
N TRP B 363 -19.75 -9.24 -21.69
CA TRP B 363 -20.53 -10.27 -21.00
C TRP B 363 -21.38 -11.16 -21.90
N GLY B 364 -22.00 -12.17 -21.30
CA GLY B 364 -22.97 -13.01 -22.00
C GLY B 364 -22.38 -13.73 -23.20
N GLU B 365 -23.12 -13.76 -24.31
CA GLU B 365 -22.65 -14.46 -25.50
C GLU B 365 -21.44 -13.78 -26.18
N GLU B 366 -21.39 -12.45 -26.12
CA GLU B 366 -20.23 -11.71 -26.62
C GLU B 366 -18.95 -12.30 -25.98
N PHE B 367 -19.00 -12.49 -24.65
CA PHE B 367 -17.98 -13.25 -23.89
C PHE B 367 -17.77 -14.68 -24.41
N GLU B 368 -18.85 -15.46 -24.39
CA GLU B 368 -18.83 -16.87 -24.77
C GLU B 368 -18.11 -17.05 -26.10
N LYS B 369 -18.40 -16.17 -27.04
CA LYS B 369 -17.67 -16.15 -28.31
C LYS B 369 -16.16 -15.86 -28.13
N LEU B 370 -15.82 -14.79 -27.40
CA LEU B 370 -14.44 -14.32 -27.28
C LEU B 370 -13.56 -15.29 -26.54
N TYR B 371 -14.12 -15.87 -25.48
CA TYR B 371 -13.45 -16.84 -24.63
C TYR B 371 -13.10 -18.09 -25.42
N ALA B 372 -14.08 -18.60 -26.16
CA ALA B 372 -13.89 -19.79 -26.96
C ALA B 372 -12.82 -19.56 -28.01
N SER B 373 -12.88 -18.44 -28.71
CA SER B 373 -11.89 -18.19 -29.76
C SER B 373 -10.47 -17.96 -29.22
N TYR B 374 -10.32 -17.84 -27.91
CA TYR B 374 -9.00 -17.85 -27.31
C TYR B 374 -8.59 -19.28 -27.10
N GLU B 375 -9.52 -20.08 -26.58
CA GLU B 375 -9.24 -21.48 -26.32
C GLU B 375 -8.81 -22.13 -27.59
N LYS B 376 -9.61 -21.93 -28.64
CA LYS B 376 -9.35 -22.42 -30.00
C LYS B 376 -7.96 -21.99 -30.49
N GLN B 377 -7.61 -20.74 -30.22
CA GLN B 377 -6.32 -20.19 -30.55
C GLN B 377 -5.17 -20.72 -29.72
N GLY B 378 -5.46 -21.58 -28.74
CA GLY B 378 -4.46 -22.05 -27.78
C GLY B 378 -3.98 -21.01 -26.75
N ARG B 379 -4.68 -19.85 -26.66
CA ARG B 379 -4.35 -18.78 -25.71
C ARG B 379 -4.72 -19.14 -24.27
N VAL B 380 -4.19 -20.25 -23.75
CA VAL B 380 -4.44 -20.62 -22.35
C VAL B 380 -3.15 -20.94 -21.60
N ARG B 381 -3.12 -20.64 -20.30
CA ARG B 381 -1.94 -20.90 -19.48
C ARG B 381 -2.09 -22.17 -18.63
N LYS B 382 -3.33 -22.59 -18.41
CA LYS B 382 -3.62 -23.78 -17.60
C LYS B 382 -5.07 -24.19 -17.84
N VAL B 383 -5.28 -25.50 -18.01
CA VAL B 383 -6.62 -26.00 -18.30
C VAL B 383 -6.96 -27.09 -17.30
N VAL B 384 -8.10 -26.91 -16.63
CA VAL B 384 -8.51 -27.72 -15.46
C VAL B 384 -9.95 -28.23 -15.62
N LYS B 385 -10.29 -29.31 -14.94
CA LYS B 385 -11.68 -29.75 -14.95
C LYS B 385 -12.55 -28.74 -14.17
N ALA B 386 -13.64 -28.27 -14.79
CA ALA B 386 -14.47 -27.20 -14.20
C ALA B 386 -14.92 -27.55 -12.80
N GLN B 387 -15.19 -28.82 -12.58
CA GLN B 387 -15.68 -29.26 -11.28
C GLN B 387 -14.63 -29.03 -10.21
N GLN B 388 -13.37 -29.22 -10.57
CA GLN B 388 -12.27 -28.99 -9.65
C GLN B 388 -12.31 -27.57 -9.05
N LEU B 389 -12.46 -26.56 -9.92
CA LEU B 389 -12.55 -25.17 -9.47
C LEU B 389 -13.76 -24.97 -8.57
N TRP B 390 -14.88 -25.57 -8.95
CA TRP B 390 -16.09 -25.51 -8.15
C TRP B 390 -15.94 -26.20 -6.80
N TYR B 391 -15.18 -27.29 -6.74
CA TYR B 391 -14.89 -27.91 -5.45
C TYR B 391 -14.06 -26.96 -4.61
N ALA B 392 -13.04 -26.36 -5.23
CA ALA B 392 -12.20 -25.38 -4.55
C ALA B 392 -13.06 -24.24 -3.94
N ILE B 393 -13.92 -23.65 -4.76
CA ILE B 393 -14.84 -22.60 -4.33
C ILE B 393 -15.67 -22.97 -3.12
N ILE B 394 -16.16 -24.19 -3.09
CA ILE B 394 -17.13 -24.55 -2.03
C ILE B 394 -16.50 -24.97 -0.69
N GLU B 395 -15.19 -25.23 -0.68
CA GLU B 395 -14.50 -25.43 0.59
C GLU B 395 -14.04 -24.09 1.16
N SER B 396 -13.81 -23.15 0.25
CA SER B 396 -13.52 -21.78 0.64
C SER B 396 -14.70 -21.30 1.45
N GLN B 397 -15.90 -21.54 0.90
CA GLN B 397 -17.14 -21.17 1.56
C GLN B 397 -17.37 -21.98 2.82
N THR B 398 -16.98 -23.25 2.83
CA THR B 398 -17.18 -24.10 4.01
C THR B 398 -16.34 -23.63 5.17
N GLU B 399 -15.13 -23.17 4.86
CA GLU B 399 -14.17 -22.81 5.89
C GLU B 399 -14.37 -21.36 6.33
N THR B 400 -14.66 -20.48 5.38
CA THR B 400 -14.71 -19.06 5.69
C THR B 400 -16.08 -18.41 5.52
N GLY B 401 -16.90 -18.90 4.58
CA GLY B 401 -18.23 -18.35 4.36
C GLY B 401 -18.26 -17.46 3.15
N THR B 402 -17.09 -17.36 2.53
CA THR B 402 -16.80 -16.51 1.36
C THR B 402 -16.13 -17.41 0.31
N PRO B 403 -16.15 -17.03 -0.98
CA PRO B 403 -16.54 -15.80 -1.62
C PRO B 403 -18.01 -15.66 -1.87
N TYR B 404 -18.48 -14.41 -1.90
CA TYR B 404 -19.81 -14.07 -2.32
C TYR B 404 -19.94 -14.56 -3.74
N MET B 405 -21.18 -14.70 -4.19
CA MET B 405 -21.43 -15.33 -5.47
C MET B 405 -22.29 -14.45 -6.33
N LEU B 406 -21.65 -13.77 -7.28
CA LEU B 406 -22.38 -12.91 -8.20
C LEU B 406 -22.33 -13.46 -9.62
N TYR B 407 -23.41 -13.25 -10.36
CA TYR B 407 -23.52 -13.73 -11.74
C TYR B 407 -23.53 -12.58 -12.72
N LYS B 408 -22.33 -12.29 -13.21
CA LYS B 408 -22.05 -11.28 -14.21
C LYS B 408 -23.14 -11.25 -15.29
N ASP B 409 -23.47 -12.42 -15.83
CA ASP B 409 -24.42 -12.43 -16.91
C ASP B 409 -25.84 -12.04 -16.49
N SER B 410 -26.27 -12.43 -15.31
CA SER B 410 -27.52 -11.90 -14.81
C SER B 410 -27.44 -10.39 -14.64
N CYS B 411 -26.38 -9.90 -13.98
CA CYS B 411 -26.25 -8.48 -13.63
C CYS B 411 -26.26 -7.54 -14.82
N ASN B 412 -25.57 -7.96 -15.89
CA ASN B 412 -25.46 -7.17 -17.10
C ASN B 412 -26.72 -7.31 -17.95
N ARG B 413 -27.21 -8.54 -18.08
CA ARG B 413 -28.43 -8.79 -18.83
C ARG B 413 -29.55 -7.92 -18.26
N LYS B 414 -29.72 -7.96 -16.95
CA LYS B 414 -30.89 -7.36 -16.33
C LYS B 414 -30.64 -6.00 -15.70
N SER B 415 -29.66 -5.25 -16.21
CA SER B 415 -29.35 -3.91 -15.70
C SER B 415 -29.70 -2.74 -16.62
N ASN B 416 -30.25 -1.67 -16.04
CA ASN B 416 -30.65 -0.50 -16.83
C ASN B 416 -29.44 0.41 -17.16
N GLN B 417 -28.27 0.09 -16.59
CA GLN B 417 -27.01 0.79 -16.93
C GLN B 417 -26.32 0.14 -18.15
N GLN B 418 -27.03 -0.85 -18.71
CA GLN B 418 -26.59 -1.70 -19.81
C GLN B 418 -26.01 -0.88 -20.94
N ASN B 419 -26.68 0.22 -21.26
CA ASN B 419 -26.27 1.11 -22.34
C ASN B 419 -24.92 1.79 -22.09
N LEU B 420 -24.32 1.58 -20.92
CA LEU B 420 -23.03 2.20 -20.62
C LEU B 420 -21.87 1.29 -21.00
N GLY B 421 -22.03 0.00 -20.73
CA GLY B 421 -20.95 -0.97 -20.89
C GLY B 421 -21.08 -2.08 -19.86
N THR B 422 -20.05 -2.92 -19.76
CA THR B 422 -20.08 -4.04 -18.81
C THR B 422 -19.88 -3.54 -17.38
N ILE B 423 -20.76 -4.05 -16.52
CA ILE B 423 -20.65 -3.89 -15.12
C ILE B 423 -19.69 -4.95 -14.61
N LYS B 424 -18.53 -4.48 -14.15
CA LYS B 424 -17.37 -5.28 -13.81
C LYS B 424 -17.40 -5.80 -12.41
N CYS B 425 -18.16 -5.13 -11.53
CA CYS B 425 -18.35 -5.66 -10.16
C CYS B 425 -19.58 -5.14 -9.38
N SER B 426 -19.73 -5.66 -8.17
CA SER B 426 -20.69 -5.16 -7.21
C SER B 426 -19.97 -4.41 -6.09
N ASN B 427 -20.65 -4.12 -4.98
CA ASN B 427 -20.00 -3.46 -3.84
C ASN B 427 -19.62 -4.43 -2.71
N LEU B 428 -19.28 -3.89 -1.55
CA LEU B 428 -18.93 -4.65 -0.34
C LEU B 428 -20.06 -5.58 0.09
N CYS B 429 -21.29 -5.20 -0.22
CA CYS B 429 -22.43 -5.92 0.29
C CYS B 429 -23.19 -6.66 -0.76
N THR B 430 -22.80 -6.47 -2.03
CA THR B 430 -23.32 -7.23 -3.17
C THR B 430 -24.73 -6.89 -3.62
N GLU B 431 -25.29 -5.82 -3.11
CA GLU B 431 -26.62 -5.47 -3.54
C GLU B 431 -26.56 -4.38 -4.64
N ILE B 432 -25.48 -3.61 -4.67
CA ILE B 432 -25.33 -2.51 -5.63
C ILE B 432 -24.74 -3.01 -6.94
N VAL B 433 -25.41 -2.74 -8.06
CA VAL B 433 -24.95 -3.24 -9.36
C VAL B 433 -24.82 -2.07 -10.36
N GLU B 434 -23.64 -1.44 -10.38
CA GLU B 434 -23.41 -0.20 -11.12
C GLU B 434 -22.15 -0.22 -11.98
N TYR B 435 -22.12 0.65 -12.98
CA TYR B 435 -21.03 0.71 -13.94
C TYR B 435 -19.85 1.51 -13.41
N THR B 436 -18.64 1.08 -13.76
CA THR B 436 -17.41 1.74 -13.35
C THR B 436 -16.41 1.74 -14.49
N SER B 437 -15.54 2.76 -14.54
CA SER B 437 -14.54 2.85 -15.60
C SER B 437 -13.34 3.65 -15.12
N LYS B 438 -12.34 3.80 -15.98
CA LYS B 438 -11.15 4.61 -15.67
C LYS B 438 -11.54 5.96 -15.11
N ASP B 439 -12.65 6.48 -15.63
CA ASP B 439 -13.12 7.84 -15.32
C ASP B 439 -14.28 7.91 -14.31
N GLU B 440 -14.81 6.76 -13.89
CA GLU B 440 -16.06 6.70 -13.10
C GLU B 440 -16.09 5.69 -11.95
N VAL B 441 -16.14 6.19 -10.71
CA VAL B 441 -16.34 5.32 -9.53
C VAL B 441 -17.78 5.48 -9.02
N ALA B 442 -18.51 4.39 -9.03
CA ALA B 442 -19.91 4.44 -8.70
C ALA B 442 -20.10 4.56 -7.22
N VAL B 443 -20.76 5.63 -6.81
CA VAL B 443 -21.20 5.79 -5.46
C VAL B 443 -22.61 5.19 -5.38
N CYS B 444 -23.02 4.86 -4.15
CA CYS B 444 -24.44 4.75 -3.89
C CYS B 444 -24.94 5.32 -2.58
N ASN B 445 -26.14 5.86 -2.68
CA ASN B 445 -26.81 6.53 -1.60
C ASN B 445 -28.05 5.70 -1.26
N LEU B 446 -28.21 5.36 0.02
CA LEU B 446 -29.21 4.37 0.41
C LEU B 446 -30.15 4.79 1.53
N ALA B 447 -31.24 4.07 1.63
CA ALA B 447 -32.17 4.21 2.74
C ALA B 447 -33.01 2.95 2.74
N SER B 448 -33.79 2.76 3.79
CA SER B 448 -34.62 1.56 3.89
C SER B 448 -35.99 1.90 4.42
N LEU B 449 -37.02 1.16 3.98
CA LEU B 449 -38.36 1.31 4.53
C LEU B 449 -38.64 0.27 5.61
N ALA B 450 -39.28 0.70 6.69
CA ALA B 450 -39.65 -0.20 7.78
C ALA B 450 -40.96 -0.91 7.42
N LEU B 451 -40.83 -2.10 6.81
CA LEU B 451 -41.96 -2.79 6.18
C LEU B 451 -43.11 -3.23 7.12
N ASN B 452 -42.93 -3.06 8.43
CA ASN B 452 -44.00 -3.44 9.35
C ASN B 452 -44.93 -2.29 9.76
N MET B 453 -44.54 -1.07 9.39
CA MET B 453 -45.34 0.13 9.59
C MET B 453 -46.60 0.20 8.72
N TYR B 454 -46.68 -0.61 7.66
CA TYR B 454 -47.74 -0.45 6.67
C TYR B 454 -48.82 -1.53 6.76
N VAL B 455 -48.73 -2.38 7.79
CA VAL B 455 -49.80 -3.33 8.10
C VAL B 455 -50.68 -2.82 9.26
N THR B 456 -52.00 -2.94 9.08
CA THR B 456 -53.00 -2.34 9.96
C THR B 456 -53.45 -3.28 11.06
N SER B 457 -54.31 -2.75 11.94
CA SER B 457 -54.97 -3.52 13.00
C SER B 457 -55.86 -4.64 12.47
N GLU B 458 -56.33 -4.48 11.23
CA GLU B 458 -57.20 -5.45 10.57
C GLU B 458 -56.43 -6.36 9.59
N HIS B 459 -55.11 -6.49 9.79
CA HIS B 459 -54.30 -7.46 9.08
C HIS B 459 -54.51 -7.45 7.56
N THR B 460 -54.45 -6.23 7.04
CA THR B 460 -54.49 -5.92 5.62
C THR B 460 -53.33 -4.93 5.40
N TYR B 461 -52.71 -4.92 4.23
CA TYR B 461 -51.51 -4.11 4.03
C TYR B 461 -51.81 -2.80 3.28
N ASP B 462 -51.12 -1.72 3.63
CA ASP B 462 -51.39 -0.40 3.02
C ASP B 462 -50.38 0.01 1.95
N PHE B 463 -50.44 -0.69 0.81
CA PHE B 463 -49.57 -0.42 -0.33
C PHE B 463 -49.61 1.03 -0.78
N LYS B 464 -50.83 1.59 -0.86
CA LYS B 464 -51.10 2.99 -1.20
C LYS B 464 -50.22 3.96 -0.37
N LYS B 465 -50.15 3.71 0.94
CA LYS B 465 -49.22 4.44 1.81
C LYS B 465 -47.75 4.06 1.53
N LEU B 466 -47.46 2.77 1.31
CA LEU B 466 -46.08 2.37 1.09
C LEU B 466 -45.50 3.13 -0.12
N ALA B 467 -46.33 3.31 -1.15
CA ALA B 467 -45.90 3.99 -2.38
C ALA B 467 -45.64 5.48 -2.18
N GLU B 468 -46.34 6.10 -1.23
CA GLU B 468 -46.16 7.55 -0.95
C GLU B 468 -44.91 7.84 -0.16
N VAL B 469 -44.60 6.95 0.77
CA VAL B 469 -43.40 7.07 1.57
C VAL B 469 -42.19 6.91 0.65
N THR B 470 -42.27 5.93 -0.26
CA THR B 470 -41.24 5.67 -1.25
C THR B 470 -40.98 6.91 -2.07
N LYS B 471 -42.03 7.50 -2.63
CA LYS B 471 -41.89 8.77 -3.37
C LYS B 471 -41.00 9.79 -2.62
N VAL B 472 -41.32 10.03 -1.36
CA VAL B 472 -40.55 10.92 -0.50
C VAL B 472 -39.06 10.56 -0.51
N VAL B 473 -38.74 9.34 -0.05
CA VAL B 473 -37.35 8.81 -0.05
C VAL B 473 -36.55 9.10 -1.32
N VAL B 474 -37.14 8.78 -2.47
CA VAL B 474 -36.55 9.07 -3.79
C VAL B 474 -36.19 10.58 -3.94
N ARG B 475 -37.07 11.45 -3.46
CA ARG B 475 -36.82 12.87 -3.52
C ARG B 475 -35.65 13.25 -2.63
N ASN B 476 -35.42 12.49 -1.57
CA ASN B 476 -34.36 12.76 -0.59
C ASN B 476 -33.01 12.23 -1.04
N LEU B 477 -33.06 11.02 -1.57
CA LEU B 477 -31.87 10.36 -2.02
C LEU B 477 -31.32 11.12 -3.20
N ASN B 478 -32.20 11.85 -3.89
CA ASN B 478 -31.82 12.60 -5.07
C ASN B 478 -31.01 13.84 -4.69
N LYS B 479 -31.52 14.54 -3.68
CA LYS B 479 -30.91 15.73 -3.18
C LYS B 479 -29.55 15.40 -2.58
N ILE B 480 -29.48 14.29 -1.86
CA ILE B 480 -28.20 13.83 -1.33
C ILE B 480 -27.09 13.86 -2.41
N ILE B 481 -27.40 13.32 -3.59
CA ILE B 481 -26.48 13.28 -4.73
C ILE B 481 -25.88 14.67 -4.98
N ASP B 482 -26.67 15.70 -4.78
CA ASP B 482 -26.24 17.05 -5.10
C ASP B 482 -25.60 17.74 -3.91
N ILE B 483 -25.74 17.16 -2.72
CA ILE B 483 -25.16 17.74 -1.51
C ILE B 483 -23.99 16.95 -0.90
N ASN B 484 -23.92 15.66 -1.23
CA ASN B 484 -22.82 14.79 -0.83
C ASN B 484 -21.48 15.40 -1.16
N TYR B 485 -20.47 15.19 -0.33
CA TYR B 485 -19.12 15.61 -0.64
C TYR B 485 -18.30 14.42 -1.13
N TYR B 486 -17.85 14.47 -2.37
CA TYR B 486 -17.29 13.27 -2.93
C TYR B 486 -15.84 13.14 -2.59
N PRO B 487 -15.43 11.98 -2.04
CA PRO B 487 -14.06 11.68 -1.69
C PRO B 487 -13.09 11.84 -2.86
N VAL B 488 -13.56 11.53 -4.07
CA VAL B 488 -12.76 11.68 -5.28
C VAL B 488 -13.62 12.22 -6.43
N PRO B 489 -12.99 12.92 -7.39
CA PRO B 489 -13.77 13.50 -8.48
C PRO B 489 -14.54 12.50 -9.38
N GLU B 490 -13.97 11.31 -9.66
CA GLU B 490 -14.65 10.32 -10.51
C GLU B 490 -15.93 9.80 -9.87
N ALA B 491 -15.97 9.86 -8.54
CA ALA B 491 -17.13 9.47 -7.77
C ALA B 491 -18.27 10.42 -8.11
N CYS B 492 -17.97 11.71 -7.94
CA CYS B 492 -18.87 12.82 -8.24
C CYS B 492 -19.35 12.78 -9.69
N LEU B 493 -18.42 12.48 -10.61
CA LEU B 493 -18.67 12.41 -12.05
C LEU B 493 -19.83 11.47 -12.32
N SER B 494 -19.52 10.18 -12.20
CA SER B 494 -20.48 9.07 -12.11
C SER B 494 -21.88 9.39 -11.55
N ASN B 495 -21.95 9.90 -10.33
CA ASN B 495 -23.22 10.09 -9.63
C ASN B 495 -24.11 11.17 -10.24
N LYS B 496 -23.48 12.22 -10.76
CA LYS B 496 -24.22 13.29 -11.42
C LYS B 496 -24.63 12.86 -12.82
N ARG B 497 -23.80 12.02 -13.45
CA ARG B 497 -24.07 11.43 -14.76
C ARG B 497 -25.30 10.49 -14.81
N HIS B 498 -25.36 9.53 -13.88
CA HIS B 498 -26.35 8.43 -13.89
C HIS B 498 -27.26 8.45 -12.71
N ARG B 499 -27.00 9.37 -11.78
CA ARG B 499 -27.88 9.61 -10.64
C ARG B 499 -28.56 8.33 -10.08
N PRO B 500 -27.76 7.26 -9.81
CA PRO B 500 -28.40 6.07 -9.26
C PRO B 500 -28.76 6.22 -7.78
N ILE B 501 -29.81 5.52 -7.35
CA ILE B 501 -30.16 5.46 -5.94
C ILE B 501 -30.55 4.02 -5.58
N GLY B 502 -30.29 3.66 -4.31
CA GLY B 502 -30.57 2.33 -3.83
C GLY B 502 -31.51 2.35 -2.65
N ILE B 503 -32.75 1.97 -2.88
CA ILE B 503 -33.75 1.95 -1.83
C ILE B 503 -33.98 0.54 -1.25
N GLY B 504 -33.86 0.44 0.07
CA GLY B 504 -33.82 -0.85 0.73
C GLY B 504 -35.02 -1.13 1.61
N VAL B 505 -34.91 -2.12 2.47
CA VAL B 505 -36.03 -2.51 3.33
C VAL B 505 -35.50 -3.21 4.57
N GLN B 506 -36.25 -3.05 5.66
CA GLN B 506 -36.05 -3.81 6.87
C GLN B 506 -37.40 -4.19 7.45
N GLY B 507 -37.42 -5.24 8.27
CA GLY B 507 -38.64 -5.66 8.93
C GLY B 507 -39.55 -6.43 7.99
N LEU B 508 -38.97 -7.11 7.01
CA LEU B 508 -39.73 -8.01 6.12
C LEU B 508 -40.36 -9.18 6.88
N ALA B 509 -39.58 -9.86 7.71
CA ALA B 509 -40.14 -10.97 8.49
C ALA B 509 -41.13 -10.49 9.54
N ASP B 510 -40.91 -9.27 10.02
CA ASP B 510 -41.85 -8.62 10.92
C ASP B 510 -43.18 -8.35 10.23
N ALA B 511 -43.09 -7.94 8.96
CA ALA B 511 -44.27 -7.76 8.14
C ALA B 511 -45.09 -9.06 8.00
N PHE B 512 -44.46 -10.20 7.75
CA PHE B 512 -45.24 -11.41 7.67
C PHE B 512 -45.91 -11.72 9.00
N ILE B 513 -45.20 -11.50 10.11
CA ILE B 513 -45.69 -11.96 11.41
C ILE B 513 -46.94 -11.19 11.89
N LEU B 514 -46.96 -9.89 11.60
CA LEU B 514 -48.11 -9.05 11.90
C LEU B 514 -49.37 -9.52 11.17
N MET B 515 -49.21 -9.90 9.91
CA MET B 515 -50.30 -10.45 9.08
C MET B 515 -50.68 -11.85 9.52
N ARG B 516 -49.70 -12.51 10.16
CA ARG B 516 -49.80 -13.86 10.70
C ARG B 516 -49.55 -14.89 9.58
N TYR B 517 -48.49 -14.66 8.85
CA TYR B 517 -48.09 -15.54 7.77
C TYR B 517 -46.78 -16.26 8.09
N PRO B 518 -46.71 -17.57 7.83
CA PRO B 518 -45.36 -18.12 7.78
C PRO B 518 -44.59 -17.54 6.59
N PHE B 519 -43.27 -17.45 6.74
CA PHE B 519 -42.41 -16.92 5.69
C PHE B 519 -42.65 -17.73 4.42
N GLU B 520 -42.97 -19.02 4.58
CA GLU B 520 -43.02 -19.95 3.44
C GLU B 520 -44.39 -20.28 2.86
N SER B 521 -45.39 -19.45 3.13
CA SER B 521 -46.76 -19.70 2.67
C SER B 521 -47.07 -18.97 1.36
N ALA B 522 -48.15 -19.41 0.69
CA ALA B 522 -48.68 -18.77 -0.53
C ALA B 522 -49.10 -17.35 -0.23
N GLU B 523 -49.78 -17.16 0.90
CA GLU B 523 -50.08 -15.83 1.42
C GLU B 523 -48.82 -14.92 1.46
N ALA B 524 -47.82 -15.29 2.28
CA ALA B 524 -46.59 -14.52 2.45
C ALA B 524 -45.95 -14.23 1.12
N GLN B 525 -45.99 -15.23 0.23
CA GLN B 525 -45.33 -15.22 -1.08
C GLN B 525 -46.07 -14.43 -2.16
N LEU B 526 -47.36 -14.19 -1.92
CA LEU B 526 -48.05 -13.22 -2.73
C LEU B 526 -47.71 -11.81 -2.25
N LEU B 527 -47.76 -11.59 -0.94
CA LEU B 527 -47.53 -10.28 -0.35
C LEU B 527 -46.11 -9.75 -0.64
N ASN B 528 -45.12 -10.62 -0.49
CA ASN B 528 -43.72 -10.37 -0.93
C ASN B 528 -43.60 -9.78 -2.35
N LYS B 529 -44.29 -10.41 -3.31
CA LYS B 529 -44.38 -9.87 -4.66
C LYS B 529 -45.06 -8.52 -4.60
N GLN B 530 -46.32 -8.50 -4.17
CA GLN B 530 -47.10 -7.27 -4.11
C GLN B 530 -46.34 -6.09 -3.48
N ILE B 531 -45.70 -6.31 -2.32
CA ILE B 531 -44.96 -5.24 -1.60
C ILE B 531 -43.93 -4.61 -2.54
N PHE B 532 -43.10 -5.46 -3.15
CA PHE B 532 -41.99 -4.97 -3.90
C PHE B 532 -42.39 -4.39 -5.25
N GLU B 533 -43.51 -4.86 -5.81
CA GLU B 533 -44.10 -4.23 -6.98
C GLU B 533 -44.33 -2.80 -6.55
N THR B 534 -45.09 -2.64 -5.47
CA THR B 534 -45.46 -1.36 -4.89
C THR B 534 -44.30 -0.37 -4.72
N ILE B 535 -43.16 -0.86 -4.26
CA ILE B 535 -42.00 0.00 -4.04
C ILE B 535 -41.45 0.48 -5.38
N TYR B 536 -41.27 -0.45 -6.33
CA TYR B 536 -40.80 -0.13 -7.69
C TYR B 536 -41.76 0.87 -8.36
N TYR B 537 -43.06 0.58 -8.26
CA TYR B 537 -44.06 1.45 -8.86
C TYR B 537 -43.93 2.86 -8.31
N GLY B 538 -43.99 2.98 -6.99
CA GLY B 538 -43.98 4.29 -6.34
C GLY B 538 -42.74 5.06 -6.69
N ALA B 539 -41.59 4.37 -6.67
CA ALA B 539 -40.27 4.95 -6.97
C ALA B 539 -40.14 5.46 -8.39
N LEU B 540 -40.54 4.64 -9.36
CA LEU B 540 -40.53 5.09 -10.75
C LEU B 540 -41.39 6.35 -10.91
N GLU B 541 -42.61 6.30 -10.38
CA GLU B 541 -43.51 7.43 -10.41
C GLU B 541 -42.84 8.71 -9.85
N ALA B 542 -42.01 8.53 -8.82
CA ALA B 542 -41.26 9.63 -8.20
C ALA B 542 -40.18 10.16 -9.14
N SER B 543 -39.44 9.23 -9.74
CA SER B 543 -38.29 9.58 -10.60
C SER B 543 -38.79 10.23 -11.87
N CYS B 544 -39.99 9.82 -12.26
CA CYS B 544 -40.72 10.39 -13.39
C CYS B 544 -41.04 11.88 -13.19
N ASP B 545 -41.68 12.19 -12.06
CA ASP B 545 -41.99 13.55 -11.58
C ASP B 545 -40.80 14.48 -11.54
N LEU B 546 -39.68 13.91 -11.10
CA LEU B 546 -38.43 14.63 -11.05
C LEU B 546 -37.96 14.88 -12.46
N ALA B 547 -37.89 13.83 -13.29
CA ALA B 547 -37.54 14.05 -14.70
C ALA B 547 -38.30 15.26 -15.24
N LYS B 548 -39.61 15.27 -15.05
CA LYS B 548 -40.41 16.42 -15.48
C LYS B 548 -39.85 17.69 -14.88
N GLU B 549 -39.73 17.73 -13.56
CA GLU B 549 -39.19 18.90 -12.87
C GLU B 549 -37.82 19.32 -13.38
N GLN B 550 -36.98 18.37 -13.77
CA GLN B 550 -35.57 18.67 -13.99
C GLN B 550 -34.93 18.17 -15.28
N GLY B 551 -35.51 17.14 -15.89
CA GLY B 551 -34.90 16.45 -17.02
C GLY B 551 -34.42 15.06 -16.64
N PRO B 552 -34.38 14.14 -17.62
CA PRO B 552 -33.78 12.81 -17.40
C PRO B 552 -32.36 12.88 -16.82
N TYR B 553 -31.86 11.75 -16.33
CA TYR B 553 -30.45 11.69 -16.01
C TYR B 553 -29.65 11.68 -17.33
N GLU B 554 -28.63 12.51 -17.43
CA GLU B 554 -27.85 12.64 -18.66
C GLU B 554 -27.84 11.39 -19.56
N THR B 555 -27.51 10.22 -19.01
CA THR B 555 -27.35 9.03 -19.85
C THR B 555 -28.61 8.16 -20.04
N TYR B 556 -29.78 8.76 -19.86
CA TYR B 556 -31.05 8.08 -20.08
C TYR B 556 -31.25 7.45 -21.47
N GLU B 557 -30.98 8.20 -22.54
CA GLU B 557 -31.33 7.74 -23.89
C GLU B 557 -30.52 6.54 -24.38
N GLY B 558 -31.24 5.46 -24.71
CA GLY B 558 -30.63 4.25 -25.23
C GLY B 558 -30.61 3.18 -24.15
N SER B 559 -31.07 3.55 -22.97
CA SER B 559 -31.13 2.63 -21.86
C SER B 559 -32.35 1.76 -22.08
N PRO B 560 -32.42 0.60 -21.40
CA PRO B 560 -33.68 -0.16 -21.34
C PRO B 560 -34.93 0.66 -20.97
N VAL B 561 -34.86 1.57 -20.05
CA VAL B 561 -36.04 2.30 -19.72
C VAL B 561 -36.45 3.21 -20.87
N SER B 562 -35.51 3.96 -21.41
CA SER B 562 -35.80 4.90 -22.49
C SER B 562 -36.43 4.16 -23.63
N LYS B 563 -36.64 2.86 -23.45
CA LYS B 563 -37.29 2.00 -24.45
C LYS B 563 -38.55 1.36 -23.87
N GLY B 564 -38.90 1.74 -22.65
CA GLY B 564 -40.06 1.19 -21.96
C GLY B 564 -39.88 -0.28 -21.64
N ILE B 565 -38.70 -0.62 -21.11
CA ILE B 565 -38.40 -1.93 -20.57
C ILE B 565 -38.11 -1.72 -19.09
N LEU B 566 -39.07 -2.10 -18.25
CA LEU B 566 -38.92 -2.03 -16.80
C LEU B 566 -38.34 -3.34 -16.23
N GLN B 567 -37.67 -3.28 -15.09
CA GLN B 567 -36.97 -4.45 -14.56
C GLN B 567 -37.66 -5.80 -14.80
N TYR B 568 -38.93 -5.88 -14.40
CA TYR B 568 -39.75 -7.10 -14.50
C TYR B 568 -39.90 -7.61 -15.90
N ASP B 569 -39.75 -6.72 -16.89
CA ASP B 569 -39.68 -7.10 -18.29
C ASP B 569 -38.45 -7.93 -18.54
N MET B 570 -37.33 -7.51 -17.98
CA MET B 570 -36.07 -8.25 -18.14
C MET B 570 -36.07 -9.67 -17.51
N TRP B 571 -37.13 -9.99 -16.76
CA TRP B 571 -37.32 -11.32 -16.20
C TRP B 571 -38.43 -12.13 -16.87
N ASN B 572 -39.21 -11.52 -17.75
CA ASN B 572 -40.43 -12.16 -18.28
C ASN B 572 -41.42 -12.52 -17.18
N VAL B 573 -41.73 -11.53 -16.36
CA VAL B 573 -42.63 -11.67 -15.24
C VAL B 573 -43.77 -10.67 -15.41
N THR B 574 -45.00 -11.17 -15.57
CA THR B 574 -46.17 -10.28 -15.50
C THR B 574 -46.52 -9.97 -14.05
N PRO B 575 -46.55 -8.67 -13.70
CA PRO B 575 -46.97 -8.26 -12.37
C PRO B 575 -48.44 -8.60 -12.10
N THR B 576 -48.72 -8.92 -10.85
CA THR B 576 -50.10 -8.96 -10.37
C THR B 576 -50.82 -7.66 -10.77
N ASP B 577 -52.15 -7.67 -10.71
CA ASP B 577 -52.94 -6.48 -11.08
C ASP B 577 -53.08 -5.42 -9.98
N LEU B 578 -52.18 -5.43 -8.99
CA LEU B 578 -52.22 -4.47 -7.90
C LEU B 578 -52.12 -3.01 -8.38
N TRP B 579 -51.28 -2.78 -9.39
CA TRP B 579 -50.98 -1.45 -9.92
C TRP B 579 -50.99 -1.44 -11.43
N ASP B 580 -51.45 -0.34 -12.00
CA ASP B 580 -51.51 -0.18 -13.45
C ASP B 580 -50.15 0.18 -14.02
N TRP B 581 -49.42 -0.81 -14.52
CA TRP B 581 -48.08 -0.55 -15.01
C TRP B 581 -48.03 0.09 -16.40
N LYS B 582 -49.14 0.03 -17.13
CA LYS B 582 -49.21 0.69 -18.45
C LYS B 582 -49.46 2.18 -18.32
N VAL B 583 -50.19 2.61 -17.29
CA VAL B 583 -50.31 4.04 -16.99
C VAL B 583 -48.93 4.66 -16.68
N LEU B 584 -48.16 4.00 -15.81
CA LEU B 584 -46.81 4.47 -15.51
C LEU B 584 -45.95 4.50 -16.77
N LYS B 585 -45.92 3.39 -17.50
CA LYS B 585 -45.08 3.28 -18.70
C LYS B 585 -45.34 4.41 -19.69
N GLU B 586 -46.62 4.78 -19.82
CA GLU B 586 -47.03 5.94 -20.59
C GLU B 586 -46.48 7.22 -19.96
N LYS B 587 -46.53 7.32 -18.64
CA LYS B 587 -46.01 8.49 -17.91
C LYS B 587 -44.51 8.72 -18.13
N ILE B 588 -43.77 7.62 -18.21
CA ILE B 588 -42.32 7.69 -18.38
C ILE B 588 -41.95 8.10 -19.79
N ALA B 589 -42.42 7.33 -20.78
CA ALA B 589 -42.22 7.65 -22.19
C ALA B 589 -42.59 9.09 -22.52
N LYS B 590 -43.29 9.74 -21.60
CA LYS B 590 -43.50 11.17 -21.64
C LYS B 590 -42.25 11.89 -21.15
N TYR B 591 -42.05 11.86 -19.83
CA TYR B 591 -41.06 12.71 -19.17
C TYR B 591 -39.71 12.03 -18.92
N GLY B 592 -39.60 10.73 -19.17
CA GLY B 592 -38.38 9.99 -18.84
C GLY B 592 -38.27 9.82 -17.33
N ILE B 593 -37.16 9.30 -16.82
CA ILE B 593 -36.97 9.32 -15.35
C ILE B 593 -35.74 10.12 -14.96
N ARG B 594 -35.49 10.25 -13.64
CA ARG B 594 -34.37 11.04 -13.15
C ARG B 594 -33.22 10.18 -12.63
N ASN B 595 -33.49 8.90 -12.38
CA ASN B 595 -32.49 8.04 -11.76
C ASN B 595 -32.43 6.70 -12.43
N SER B 596 -31.35 6.41 -13.15
CA SER B 596 -31.18 5.11 -13.81
C SER B 596 -31.63 3.92 -12.96
N LEU B 597 -31.14 3.85 -11.72
CA LEU B 597 -31.48 2.76 -10.81
C LEU B 597 -32.16 3.24 -9.55
N LEU B 598 -32.94 2.35 -8.95
CA LEU B 598 -33.81 2.75 -7.87
C LEU B 598 -33.72 1.86 -6.63
N ILE B 599 -33.96 0.56 -6.80
CA ILE B 599 -34.17 -0.31 -5.64
C ILE B 599 -32.94 -1.18 -5.42
N ALA B 600 -32.54 -1.35 -4.14
CA ALA B 600 -31.35 -2.13 -3.80
C ALA B 600 -31.32 -2.66 -2.37
N PRO B 601 -32.12 -3.70 -2.05
CA PRO B 601 -32.23 -4.28 -0.71
C PRO B 601 -30.91 -4.62 -0.06
N MET B 602 -30.38 -3.67 0.72
CA MET B 602 -29.10 -3.85 1.41
C MET B 602 -29.29 -4.42 2.81
N PRO B 603 -28.19 -4.77 3.50
CA PRO B 603 -28.39 -5.39 4.79
C PRO B 603 -28.38 -4.31 5.87
N THR B 604 -29.57 -3.94 6.36
CA THR B 604 -29.65 -2.80 7.28
C THR B 604 -29.12 -3.22 8.63
N ALA B 605 -27.83 -3.04 8.84
CA ALA B 605 -27.12 -3.64 9.97
C ALA B 605 -27.51 -2.98 11.30
N SER B 606 -27.30 -1.67 11.39
CA SER B 606 -27.53 -0.93 12.63
C SER B 606 -28.80 -0.09 12.65
N THR B 607 -29.21 0.47 11.52
CA THR B 607 -30.51 1.16 11.47
C THR B 607 -31.69 0.21 11.78
N ALA B 608 -31.51 -1.10 11.53
CA ALA B 608 -32.45 -2.13 12.00
C ALA B 608 -32.45 -2.26 13.53
N GLN B 609 -31.27 -2.20 14.16
CA GLN B 609 -31.19 -2.23 15.64
C GLN B 609 -31.95 -1.07 16.30
N ILE B 610 -31.89 0.10 15.66
CA ILE B 610 -32.62 1.32 16.09
C ILE B 610 -34.15 1.19 15.96
N LEU B 611 -34.64 0.97 14.73
CA LEU B 611 -36.08 0.89 14.51
C LEU B 611 -36.72 -0.32 15.16
N GLY B 612 -35.89 -1.27 15.58
CA GLY B 612 -36.37 -2.46 16.31
C GLY B 612 -36.79 -3.56 15.36
N ASN B 613 -36.41 -3.41 14.10
CA ASN B 613 -36.81 -4.35 13.06
C ASN B 613 -35.79 -5.45 12.84
N ASN B 614 -36.22 -6.54 12.22
CA ASN B 614 -35.33 -7.62 11.82
C ASN B 614 -34.64 -7.27 10.52
N GLU B 615 -33.40 -7.72 10.35
CA GLU B 615 -32.60 -7.33 9.19
C GLU B 615 -33.20 -7.64 7.81
N SER B 616 -33.26 -6.59 7.00
CA SER B 616 -33.37 -6.74 5.56
C SER B 616 -34.52 -7.65 5.11
N ILE B 617 -34.22 -8.65 4.28
CA ILE B 617 -35.23 -9.44 3.59
C ILE B 617 -35.31 -10.81 4.22
N GLU B 618 -34.98 -10.85 5.49
CA GLU B 618 -34.61 -12.10 6.12
C GLU B 618 -35.58 -12.54 7.19
N PRO B 619 -35.77 -13.86 7.34
CA PRO B 619 -36.53 -14.34 8.48
C PRO B 619 -35.64 -14.42 9.70
N TYR B 620 -36.27 -14.43 10.88
CA TYR B 620 -35.58 -14.50 12.15
C TYR B 620 -34.57 -15.64 12.21
N THR B 621 -33.42 -15.36 12.81
CA THR B 621 -32.37 -16.37 12.99
C THR B 621 -32.72 -17.17 14.22
N SER B 622 -33.40 -16.51 15.15
CA SER B 622 -33.81 -17.16 16.35
C SER B 622 -35.00 -16.44 16.98
N ASN B 623 -35.69 -17.18 17.83
CA ASN B 623 -36.80 -16.65 18.57
C ASN B 623 -36.24 -16.22 19.92
N ILE B 624 -34.96 -16.52 20.12
CA ILE B 624 -34.23 -16.06 21.30
C ILE B 624 -32.80 -15.62 20.92
N TYR B 625 -32.39 -14.42 21.35
CA TYR B 625 -31.10 -13.88 20.92
C TYR B 625 -30.41 -12.94 21.89
N THR B 626 -29.25 -12.46 21.47
CA THR B 626 -28.43 -11.52 22.22
C THR B 626 -28.12 -10.24 21.42
N ARG B 627 -28.24 -9.09 22.11
CA ARG B 627 -27.68 -7.82 21.68
C ARG B 627 -26.81 -7.30 22.82
N ARG B 628 -25.55 -6.98 22.52
CA ARG B 628 -24.54 -6.64 23.53
C ARG B 628 -24.34 -5.13 23.70
N VAL B 629 -24.55 -4.66 24.93
CA VAL B 629 -24.50 -3.24 25.29
C VAL B 629 -23.92 -3.04 26.68
N GLY B 632 -23.16 -5.29 30.07
CA GLY B 632 -24.06 -6.45 30.01
C GLY B 632 -24.62 -6.65 28.61
N GLU B 633 -24.75 -7.91 28.21
CA GLU B 633 -25.38 -8.27 26.93
C GLU B 633 -26.73 -8.87 27.27
N PHE B 634 -27.78 -8.47 26.55
CA PHE B 634 -29.14 -8.78 26.99
C PHE B 634 -29.85 -9.92 26.21
N GLN B 635 -30.82 -10.54 26.88
CA GLN B 635 -31.42 -11.82 26.48
C GLN B 635 -32.79 -11.70 25.80
N ILE B 636 -32.83 -11.04 24.64
CA ILE B 636 -34.09 -10.77 23.92
C ILE B 636 -34.80 -12.04 23.42
N VAL B 637 -36.11 -12.14 23.70
CA VAL B 637 -36.99 -13.09 23.02
C VAL B 637 -37.80 -12.36 21.92
N ASN B 638 -37.80 -12.89 20.70
CA ASN B 638 -38.69 -12.41 19.64
C ASN B 638 -39.98 -11.78 20.20
N PRO B 639 -40.09 -10.43 20.12
CA PRO B 639 -41.17 -9.65 20.75
C PRO B 639 -42.55 -10.16 20.35
N HIS B 640 -42.71 -10.44 19.06
CA HIS B 640 -43.95 -10.97 18.52
C HIS B 640 -44.32 -12.26 19.21
N LEU B 641 -43.44 -13.25 19.15
CA LEU B 641 -43.73 -14.55 19.75
C LEU B 641 -44.26 -14.42 21.20
N LEU B 642 -43.43 -13.79 22.05
CA LEU B 642 -43.73 -13.59 23.46
C LEU B 642 -45.15 -13.09 23.72
N LYS B 643 -45.61 -12.17 22.87
CA LYS B 643 -46.99 -11.66 22.95
C LYS B 643 -48.05 -12.76 22.83
N ASP B 644 -47.86 -13.67 21.88
CA ASP B 644 -48.86 -14.73 21.64
C ASP B 644 -48.85 -15.73 22.77
N LEU B 645 -47.67 -15.94 23.35
CA LEU B 645 -47.50 -16.83 24.49
C LEU B 645 -48.09 -16.25 25.78
N THR B 646 -47.73 -15.01 26.06
CA THR B 646 -48.24 -14.32 27.25
C THR B 646 -49.75 -14.14 27.20
N GLU B 647 -50.26 -13.78 26.02
CA GLU B 647 -51.70 -13.71 25.77
C GLU B 647 -52.35 -15.06 26.08
N ARG B 648 -51.91 -16.11 25.39
CA ARG B 648 -52.44 -17.48 25.56
C ARG B 648 -52.02 -18.12 26.88
N GLY B 649 -51.58 -17.28 27.81
CA GLY B 649 -51.20 -17.71 29.15
C GLY B 649 -50.24 -18.88 29.16
N LEU B 650 -49.23 -18.82 28.29
CA LEU B 650 -48.32 -19.94 28.07
C LEU B 650 -46.87 -19.56 28.26
N TRP B 651 -46.56 -18.78 29.29
CA TRP B 651 -45.18 -18.36 29.48
C TRP B 651 -44.63 -18.56 30.89
N HIS B 652 -43.48 -19.22 30.99
CA HIS B 652 -42.80 -19.46 32.28
C HIS B 652 -41.27 -19.72 32.14
N GLU B 653 -40.60 -19.87 33.30
CA GLU B 653 -39.14 -20.02 33.41
C GLU B 653 -38.53 -21.13 32.52
N GLU B 654 -39.03 -22.35 32.67
CA GLU B 654 -38.52 -23.52 31.95
C GLU B 654 -38.74 -23.49 30.43
N MET B 655 -39.87 -22.95 30.01
CA MET B 655 -40.19 -22.81 28.59
C MET B 655 -39.19 -21.88 27.91
N LYS B 656 -38.94 -20.73 28.52
CA LYS B 656 -37.89 -19.81 28.09
C LYS B 656 -36.56 -20.55 27.96
N ASN B 657 -36.35 -21.52 28.85
CA ASN B 657 -35.12 -22.30 28.87
C ASN B 657 -35.12 -23.45 27.87
N GLN B 658 -36.18 -24.26 27.88
CA GLN B 658 -36.30 -25.37 26.94
C GLN B 658 -36.13 -24.93 25.48
N ILE B 659 -36.29 -23.63 25.22
CA ILE B 659 -36.04 -23.04 23.89
C ILE B 659 -34.55 -22.73 23.70
N ILE B 660 -33.92 -22.12 24.70
CA ILE B 660 -32.46 -21.97 24.68
C ILE B 660 -31.82 -23.34 24.45
N ALA B 661 -32.31 -24.34 25.19
CA ALA B 661 -31.96 -25.74 24.93
C ALA B 661 -32.08 -26.09 23.44
N CYS B 662 -33.12 -25.56 22.80
CA CYS B 662 -33.45 -25.85 21.40
C CYS B 662 -32.88 -24.90 20.37
N ASN B 663 -31.86 -24.14 20.76
CA ASN B 663 -31.23 -23.17 19.85
C ASN B 663 -32.29 -22.23 19.28
N GLY B 664 -33.10 -21.68 20.17
CA GLY B 664 -34.16 -20.74 19.81
C GLY B 664 -35.25 -21.29 18.92
N SER B 665 -35.42 -22.61 18.89
CA SER B 665 -36.48 -23.17 18.06
C SER B 665 -37.68 -23.40 18.97
N ILE B 666 -38.89 -23.15 18.46
CA ILE B 666 -40.10 -23.47 19.23
C ILE B 666 -40.77 -24.77 18.76
N GLN B 667 -40.17 -25.42 17.76
CA GLN B 667 -40.79 -26.57 17.07
C GLN B 667 -41.19 -27.73 17.97
N SER B 668 -40.24 -28.25 18.72
CA SER B 668 -40.52 -29.44 19.54
C SER B 668 -41.49 -29.22 20.73
N ILE B 669 -41.71 -27.97 21.12
CA ILE B 669 -42.48 -27.69 22.33
C ILE B 669 -43.93 -28.14 22.25
N PRO B 670 -44.30 -29.15 23.06
CA PRO B 670 -45.59 -29.79 22.96
C PRO B 670 -46.77 -28.91 23.36
N GLU B 671 -46.53 -27.81 24.06
CA GLU B 671 -47.65 -26.97 24.53
C GLU B 671 -48.07 -25.80 23.60
N ILE B 672 -47.42 -25.69 22.44
CA ILE B 672 -47.69 -24.57 21.53
C ILE B 672 -48.54 -25.00 20.33
N PRO B 673 -49.64 -24.24 20.05
CA PRO B 673 -50.43 -24.47 18.83
C PRO B 673 -49.53 -24.49 17.61
N ASP B 674 -49.84 -25.35 16.64
CA ASP B 674 -48.99 -25.51 15.45
C ASP B 674 -48.92 -24.28 14.55
N ASP B 675 -50.04 -23.58 14.40
CA ASP B 675 -50.09 -22.38 13.56
C ASP B 675 -49.16 -21.28 14.10
N LEU B 676 -48.80 -21.38 15.38
CA LEU B 676 -47.73 -20.58 15.97
C LEU B 676 -46.33 -21.18 15.70
N LYS B 677 -46.17 -22.49 15.94
CA LYS B 677 -44.92 -23.19 15.61
C LYS B 677 -44.64 -22.94 14.15
N GLN B 678 -45.72 -22.74 13.40
CA GLN B 678 -45.69 -22.37 12.00
C GLN B 678 -45.06 -20.99 11.76
N LEU B 679 -45.73 -19.94 12.19
CA LEU B 679 -45.23 -18.57 12.05
C LEU B 679 -43.79 -18.30 12.53
N TYR B 680 -43.36 -18.95 13.60
CA TYR B 680 -42.07 -18.63 14.26
C TYR B 680 -40.99 -19.70 14.05
N LYS B 681 -40.79 -20.06 12.79
CA LYS B 681 -39.71 -20.95 12.42
C LYS B 681 -38.43 -20.13 12.32
N THR B 682 -37.32 -20.63 12.85
CA THR B 682 -36.03 -19.96 12.64
C THR B 682 -35.64 -20.12 11.18
N VAL B 683 -34.55 -19.45 10.79
CA VAL B 683 -34.06 -19.59 9.43
C VAL B 683 -33.50 -21.01 9.18
N TRP B 684 -32.89 -21.59 10.21
CA TRP B 684 -32.40 -22.97 10.16
C TRP B 684 -33.52 -24.03 10.06
N GLU B 685 -34.77 -23.56 10.00
CA GLU B 685 -35.90 -24.45 9.73
C GLU B 685 -36.42 -24.28 8.32
N ILE B 686 -36.12 -23.13 7.72
CA ILE B 686 -36.77 -22.72 6.49
C ILE B 686 -36.03 -23.26 5.27
N SER B 687 -36.76 -23.51 4.19
CA SER B 687 -36.11 -23.90 2.95
C SER B 687 -35.33 -22.76 2.33
N GLN B 688 -34.03 -22.95 2.19
CA GLN B 688 -33.25 -21.96 1.47
C GLN B 688 -33.68 -21.85 -0.01
N LYS B 689 -33.97 -22.98 -0.66
CA LYS B 689 -34.55 -22.90 -1.99
C LYS B 689 -35.72 -21.92 -1.98
N THR B 690 -36.63 -22.07 -1.02
CA THR B 690 -37.75 -21.13 -0.87
C THR B 690 -37.26 -19.67 -0.67
N VAL B 691 -36.29 -19.48 0.23
CA VAL B 691 -35.59 -18.19 0.32
C VAL B 691 -35.12 -17.71 -1.06
N LEU B 692 -34.37 -18.55 -1.79
CA LEU B 692 -33.87 -18.18 -3.12
C LEU B 692 -34.99 -17.87 -4.10
N LYS B 693 -36.11 -18.58 -4.00
CA LYS B 693 -37.26 -18.34 -4.89
C LYS B 693 -37.91 -17.01 -4.58
N MET B 694 -37.93 -16.66 -3.30
CA MET B 694 -38.61 -15.45 -2.92
C MET B 694 -37.81 -14.27 -3.38
N ALA B 695 -36.51 -14.31 -3.21
CA ALA B 695 -35.65 -13.23 -3.67
C ALA B 695 -35.84 -13.03 -5.16
N ALA B 696 -35.68 -14.11 -5.92
CA ALA B 696 -35.89 -14.15 -7.38
C ALA B 696 -37.22 -13.51 -7.76
N GLU B 697 -38.29 -13.99 -7.12
CA GLU B 697 -39.63 -13.45 -7.27
C GLU B 697 -39.69 -11.96 -7.00
N ARG B 698 -39.03 -11.48 -5.95
CA ARG B 698 -39.01 -10.03 -5.71
C ARG B 698 -37.97 -9.40 -6.63
N GLY B 699 -36.97 -10.20 -7.02
CA GLY B 699 -35.87 -9.73 -7.86
C GLY B 699 -36.30 -9.04 -9.14
N ALA B 700 -37.43 -9.48 -9.69
CA ALA B 700 -38.01 -8.89 -10.90
C ALA B 700 -38.41 -7.43 -10.70
N PHE B 701 -38.43 -6.97 -9.45
CA PHE B 701 -38.83 -5.58 -9.16
C PHE B 701 -37.77 -4.70 -8.49
N ILE B 702 -36.56 -5.22 -8.48
CA ILE B 702 -35.45 -4.58 -7.82
C ILE B 702 -34.48 -4.34 -8.95
N ASP B 703 -34.29 -3.08 -9.34
CA ASP B 703 -33.43 -2.86 -10.50
C ASP B 703 -31.94 -3.09 -10.23
N GLN B 704 -31.57 -3.26 -8.96
CA GLN B 704 -30.19 -3.66 -8.62
C GLN B 704 -30.24 -5.08 -8.09
N SER B 705 -29.55 -5.35 -7.00
CA SER B 705 -29.47 -6.69 -6.42
C SER B 705 -29.93 -6.73 -4.95
N GLN B 706 -29.62 -7.80 -4.25
CA GLN B 706 -30.01 -8.01 -2.85
C GLN B 706 -28.91 -8.73 -2.10
N SER B 707 -28.48 -8.16 -0.98
CA SER B 707 -27.58 -8.88 -0.05
C SER B 707 -28.37 -10.00 0.50
N LEU B 708 -27.86 -11.22 0.36
CA LEU B 708 -28.64 -12.39 0.63
C LEU B 708 -27.80 -13.47 1.28
N ASN B 709 -27.91 -13.59 2.59
CA ASN B 709 -27.20 -14.65 3.27
C ASN B 709 -27.91 -15.96 3.07
N ILE B 710 -27.18 -17.04 3.19
CA ILE B 710 -27.77 -18.35 3.18
C ILE B 710 -27.37 -18.98 4.50
N HIS B 711 -28.34 -19.59 5.16
CA HIS B 711 -28.10 -20.36 6.38
C HIS B 711 -28.33 -21.81 6.04
N ILE B 712 -27.28 -22.59 6.22
CA ILE B 712 -27.37 -24.03 6.13
C ILE B 712 -26.75 -24.56 7.39
N ALA B 713 -27.57 -25.23 8.21
CA ALA B 713 -27.11 -25.92 9.42
C ALA B 713 -25.86 -26.84 9.21
N GLU B 714 -26.08 -28.10 8.80
CA GLU B 714 -24.99 -29.07 8.56
C GLU B 714 -24.66 -29.11 7.07
N PRO B 715 -23.55 -28.43 6.68
CA PRO B 715 -23.26 -28.17 5.27
C PRO B 715 -22.33 -29.20 4.64
N ASN B 716 -22.67 -29.68 3.44
CA ASN B 716 -21.76 -30.52 2.67
C ASN B 716 -21.70 -30.06 1.22
N TYR B 717 -20.87 -30.71 0.41
CA TYR B 717 -20.74 -30.36 -0.99
C TYR B 717 -22.07 -30.45 -1.71
N GLY B 718 -22.79 -31.55 -1.50
CA GLY B 718 -24.13 -31.72 -2.03
C GLY B 718 -25.04 -30.50 -1.83
N LYS B 719 -25.20 -30.10 -0.57
CA LYS B 719 -26.13 -29.03 -0.18
C LYS B 719 -25.75 -27.65 -0.71
N LEU B 720 -24.46 -27.34 -0.61
CA LEU B 720 -23.89 -26.08 -1.10
C LEU B 720 -23.99 -25.96 -2.62
N THR B 721 -23.72 -27.05 -3.32
CA THR B 721 -23.78 -27.06 -4.77
C THR B 721 -25.20 -26.87 -5.24
N SER B 722 -26.10 -27.62 -4.64
CA SER B 722 -27.44 -27.65 -5.16
C SER B 722 -28.02 -26.28 -4.92
N MET B 723 -27.65 -25.69 -3.80
CA MET B 723 -28.21 -24.40 -3.41
C MET B 723 -27.80 -23.29 -4.37
N HIS B 724 -26.51 -23.13 -4.66
CA HIS B 724 -26.03 -22.18 -5.68
C HIS B 724 -26.77 -22.32 -7.03
N PHE B 725 -26.68 -23.52 -7.61
CA PHE B 725 -27.24 -23.81 -8.93
C PHE B 725 -28.70 -23.52 -9.03
N TYR B 726 -29.46 -23.87 -7.99
CA TYR B 726 -30.88 -23.47 -7.90
C TYR B 726 -31.07 -21.95 -8.10
N GLY B 727 -30.54 -21.17 -7.17
CA GLY B 727 -30.62 -19.72 -7.25
C GLY B 727 -30.13 -19.20 -8.59
N TRP B 728 -29.03 -19.76 -9.08
CA TRP B 728 -28.50 -19.39 -10.39
C TRP B 728 -29.57 -19.54 -11.47
N LYS B 729 -30.26 -20.66 -11.47
CA LYS B 729 -31.27 -20.91 -12.47
C LYS B 729 -32.54 -20.09 -12.22
N GLN B 730 -32.63 -19.46 -11.06
CA GLN B 730 -33.73 -18.54 -10.75
C GLN B 730 -33.57 -17.17 -11.37
N GLY B 731 -32.35 -16.91 -11.83
CA GLY B 731 -31.97 -15.66 -12.46
C GLY B 731 -31.45 -14.63 -11.47
N LEU B 732 -30.90 -15.09 -10.35
CA LEU B 732 -30.43 -14.16 -9.34
C LEU B 732 -29.10 -13.54 -9.73
N LYS B 733 -28.94 -12.28 -9.36
CA LYS B 733 -27.75 -11.52 -9.71
C LYS B 733 -26.74 -11.81 -8.60
N THR B 734 -27.15 -11.54 -7.36
CA THR B 734 -26.44 -12.00 -6.18
C THR B 734 -27.10 -13.31 -5.80
N GLY B 735 -26.33 -14.39 -5.84
CA GLY B 735 -26.85 -15.71 -5.59
C GLY B 735 -26.52 -16.12 -4.17
N MET B 736 -25.69 -15.36 -3.49
CA MET B 736 -25.31 -15.63 -2.11
C MET B 736 -24.36 -14.57 -1.56
N TYR B 737 -24.72 -13.99 -0.42
CA TYR B 737 -23.86 -13.05 0.23
C TYR B 737 -22.93 -13.82 1.18
N TYR B 738 -23.37 -14.05 2.41
CA TYR B 738 -22.60 -14.90 3.29
C TYR B 738 -23.22 -16.27 3.30
N LEU B 739 -22.39 -17.28 3.53
CA LEU B 739 -22.86 -18.56 3.98
C LEU B 739 -22.67 -18.59 5.48
N ARG B 740 -23.76 -18.77 6.22
CA ARG B 740 -23.70 -18.93 7.67
C ARG B 740 -24.01 -20.39 7.96
N THR B 741 -23.27 -20.99 8.89
CA THR B 741 -23.54 -22.37 9.29
C THR B 741 -23.58 -22.53 10.82
N ARG B 742 -23.44 -23.76 11.30
CA ARG B 742 -23.31 -24.05 12.73
C ARG B 742 -23.17 -25.55 13.00
#